data_7L6Q
#
_entry.id   7L6Q
#
_cell.length_a   1.00
_cell.length_b   1.00
_cell.length_c   1.00
_cell.angle_alpha   90.00
_cell.angle_beta   90.00
_cell.angle_gamma   90.00
#
_symmetry.space_group_name_H-M   'P 1'
#
loop_
_entity.id
_entity.type
_entity.pdbx_description
1 polymer 'Gamma-aminobutyric-acid receptor subunit beta-1'
2 non-polymer '(1R)-2-{[(S)-{[(2S)-2,3-dihydroxypropyl]oxy}(hydroxy)phosphoryl]oxy}-1-[(hexadecanoyloxy)methyl]ethyl (9Z)-octadec-9-enoate'
3 non-polymer CARDIOLIPIN
#
_entity_poly.entity_id   1
_entity_poly.type   'polypeptide(L)'
_entity_poly.pdbx_seq_one_letter_code
;APADNAADARPVDVSVSIFINKIYGVNTLEQTYKVDGYIVAQWTGKPRKTPGDKPLIVENTQIERWINNGLWVPALEFIN
VVGSPDTGNKRLMLFPDGRVIYNARFLGSFSNDMDFRLFPFDRQQFVLELEPFSYNNQQLRFSDIQVYTENIDNEEIDEW
WIRGKASTHISDIRYDHLSSVQPNQNEFSRITVRIDAVRNPSYYLWSFILPLGLIIAASWSVFWLESFSERLQTSFTLML
TVVAYAFYTSNILPRLPYTTVIDQMIIAGYGSIFAAILLIIFAHHRQANGVEDDLLIQRCRLAFPLGFLAIGCVLVIRGI
TL
;
_entity_poly.pdbx_strand_id   A,B,C,D,E
#
loop_
_chem_comp.id
_chem_comp.type
_chem_comp.name
_chem_comp.formula
CDL non-polymer CARDIOLIPIN 'C81 H156 O17 P2 -2'
PGW non-polymer '(1R)-2-{[(S)-{[(2S)-2,3-dihydroxypropyl]oxy}(hydroxy)phosphoryl]oxy}-1-[(hexadecanoyloxy)methyl]ethyl (9Z)-octadec-9-enoate' 'C40 H77 O10 P'
#
# COMPACT_ATOMS: atom_id res chain seq x y z
N PRO A 11 48.20 -4.21 8.97
CA PRO A 11 46.87 -3.73 8.56
C PRO A 11 46.77 -3.61 7.05
N VAL A 12 45.71 -4.15 6.46
CA VAL A 12 45.51 -4.09 5.02
C VAL A 12 44.80 -2.79 4.68
N ASP A 13 45.47 -1.94 3.92
CA ASP A 13 44.90 -0.65 3.54
C ASP A 13 43.85 -0.83 2.46
N VAL A 14 42.68 -0.24 2.67
CA VAL A 14 41.57 -0.34 1.74
C VAL A 14 41.15 1.06 1.34
N SER A 15 41.07 1.31 0.04
CA SER A 15 40.63 2.58 -0.51
C SER A 15 39.24 2.39 -1.10
N VAL A 16 38.33 3.31 -0.79
CA VAL A 16 36.92 3.14 -1.11
C VAL A 16 36.43 4.33 -1.91
N SER A 17 35.64 4.06 -2.95
CA SER A 17 34.96 5.08 -3.72
C SER A 17 33.48 4.73 -3.79
N ILE A 18 32.62 5.67 -3.43
CA ILE A 18 31.18 5.48 -3.46
C ILE A 18 30.59 6.38 -4.53
N PHE A 19 29.82 5.80 -5.44
CA PHE A 19 29.09 6.54 -6.45
C PHE A 19 27.62 6.55 -6.06
N ILE A 20 27.00 7.72 -6.06
CA ILE A 20 25.60 7.87 -5.69
C ILE A 20 24.82 8.17 -6.96
N ASN A 21 23.88 7.29 -7.30
CA ASN A 21 23.07 7.48 -8.49
C ASN A 21 21.72 8.12 -8.21
N LYS A 22 21.11 7.85 -7.07
CA LYS A 22 19.72 8.24 -6.86
C LYS A 22 19.40 8.18 -5.38
N ILE A 23 18.91 9.29 -4.84
CA ILE A 23 18.41 9.36 -3.47
C ILE A 23 16.93 9.70 -3.56
N TYR A 24 16.08 8.84 -3.00
CA TYR A 24 14.65 9.00 -3.17
C TYR A 24 13.93 8.26 -2.05
N GLY A 25 12.61 8.31 -2.09
CA GLY A 25 11.78 7.51 -1.22
C GLY A 25 11.94 7.79 0.26
N VAL A 26 11.95 9.07 0.64
CA VAL A 26 12.09 9.41 2.05
C VAL A 26 10.82 9.03 2.79
N ASN A 27 10.96 8.19 3.80
CA ASN A 27 9.85 7.77 4.66
C ASN A 27 9.98 8.52 5.98
N THR A 28 9.02 9.39 6.27
CA THR A 28 9.16 10.30 7.39
C THR A 28 8.92 9.62 8.73
N LEU A 29 8.03 8.64 8.79
CA LEU A 29 7.77 7.98 10.07
C LEU A 29 8.94 7.10 10.49
N GLU A 30 9.47 6.31 9.56
CA GLU A 30 10.59 5.44 9.86
C GLU A 30 11.93 6.15 9.81
N GLN A 31 11.97 7.38 9.28
CA GLN A 31 13.20 8.14 9.13
C GLN A 31 14.22 7.37 8.29
N THR A 32 13.76 6.82 7.18
CA THR A 32 14.61 6.08 6.26
C THR A 32 14.50 6.68 4.87
N TYR A 33 15.48 6.34 4.04
CA TYR A 33 15.52 6.79 2.65
C TYR A 33 16.30 5.76 1.85
N LYS A 34 16.10 5.78 0.54
CA LYS A 34 16.72 4.82 -0.35
C LYS A 34 17.85 5.47 -1.13
N VAL A 35 18.96 4.75 -1.24
CA VAL A 35 20.12 5.20 -2.01
C VAL A 35 20.53 4.08 -2.94
N ASP A 36 20.81 4.42 -4.19
CA ASP A 36 21.26 3.47 -5.19
C ASP A 36 22.59 3.94 -5.75
N GLY A 37 23.57 3.05 -5.81
CA GLY A 37 24.87 3.45 -6.29
C GLY A 37 25.84 2.29 -6.32
N TYR A 38 27.13 2.63 -6.37
CA TYR A 38 28.20 1.66 -6.48
C TYR A 38 29.15 1.77 -5.30
N ILE A 39 29.85 0.68 -5.03
CA ILE A 39 30.95 0.64 -4.07
C ILE A 39 32.17 0.10 -4.79
N VAL A 40 33.30 0.78 -4.64
CA VAL A 40 34.55 0.34 -5.24
C VAL A 40 35.60 0.29 -4.14
N ALA A 41 35.94 -0.91 -3.72
CA ALA A 41 36.98 -1.12 -2.73
C ALA A 41 38.24 -1.64 -3.40
N GLN A 42 39.39 -1.17 -2.94
CA GLN A 42 40.65 -1.55 -3.56
C GLN A 42 41.72 -1.71 -2.49
N TRP A 43 42.32 -2.89 -2.43
CA TRP A 43 43.45 -3.13 -1.54
C TRP A 43 44.59 -3.78 -2.30
N THR A 44 45.62 -4.25 -1.60
CA THR A 44 46.77 -4.86 -2.25
C THR A 44 47.12 -6.14 -1.51
N GLY A 45 46.94 -7.27 -2.18
CA GLY A 45 47.29 -8.57 -1.64
C GLY A 45 48.67 -9.00 -2.08
N LYS A 46 48.83 -10.27 -2.22
CA LYS A 46 50.15 -10.73 -2.64
C LYS A 46 50.16 -11.02 -4.14
N PRO A 47 51.32 -10.91 -4.79
CA PRO A 47 51.37 -11.11 -6.24
C PRO A 47 50.86 -12.47 -6.64
N ARG A 48 50.18 -12.52 -7.78
CA ARG A 48 49.64 -13.76 -8.31
C ARG A 48 49.91 -13.80 -9.80
N LYS A 49 49.69 -14.97 -10.39
CA LYS A 49 49.90 -15.19 -11.81
C LYS A 49 48.55 -15.32 -12.49
N THR A 50 48.29 -14.45 -13.45
CA THR A 50 47.01 -14.45 -14.13
C THR A 50 47.20 -14.82 -15.60
N PRO A 51 46.17 -15.38 -16.25
CA PRO A 51 46.32 -15.79 -17.65
C PRO A 51 46.60 -14.60 -18.55
N GLY A 52 47.72 -14.67 -19.26
CA GLY A 52 48.13 -13.60 -20.15
C GLY A 52 48.84 -12.45 -19.48
N ASP A 53 49.09 -12.53 -18.17
CA ASP A 53 49.75 -11.46 -17.43
C ASP A 53 49.02 -10.13 -17.59
N LYS A 54 47.70 -10.20 -17.55
CA LYS A 54 46.82 -9.04 -17.68
C LYS A 54 45.73 -9.16 -16.62
N PRO A 55 45.04 -8.07 -16.32
CA PRO A 55 44.01 -8.13 -15.28
C PRO A 55 42.98 -9.21 -15.57
N LEU A 56 42.58 -9.91 -14.51
CA LEU A 56 41.61 -10.99 -14.58
C LEU A 56 40.30 -10.54 -13.94
N ILE A 57 39.19 -10.81 -14.60
CA ILE A 57 37.89 -10.32 -14.17
C ILE A 57 37.03 -11.50 -13.75
N VAL A 58 36.44 -11.40 -12.57
CA VAL A 58 35.64 -12.47 -11.98
C VAL A 58 34.30 -11.87 -11.61
N GLU A 59 33.24 -12.29 -12.29
CA GLU A 59 31.93 -11.71 -12.11
C GLU A 59 31.10 -12.50 -11.11
N ASN A 60 29.79 -12.24 -11.09
CA ASN A 60 28.91 -12.48 -9.95
C ASN A 60 29.06 -13.81 -9.23
N THR A 61 28.76 -14.92 -9.88
CA THR A 61 28.78 -16.19 -9.18
C THR A 61 30.14 -16.85 -9.18
N GLN A 62 31.08 -16.35 -9.98
CA GLN A 62 32.43 -16.87 -9.94
C GLN A 62 33.23 -16.34 -8.76
N ILE A 63 32.74 -15.29 -8.10
CA ILE A 63 33.43 -14.79 -6.92
C ILE A 63 33.41 -15.84 -5.82
N GLU A 64 32.27 -16.49 -5.62
CA GLU A 64 32.15 -17.47 -4.55
C GLU A 64 33.10 -18.64 -4.74
N ARG A 65 33.43 -18.97 -5.98
CA ARG A 65 34.37 -20.05 -6.20
C ARG A 65 35.79 -19.64 -5.85
N TRP A 66 36.11 -18.35 -5.95
CA TRP A 66 37.43 -17.89 -5.56
C TRP A 66 37.58 -17.78 -4.06
N ILE A 67 36.50 -17.41 -3.35
CA ILE A 67 36.57 -17.33 -1.90
C ILE A 67 36.81 -18.71 -1.30
N ASN A 68 36.14 -19.73 -1.85
CA ASN A 68 36.32 -21.09 -1.34
C ASN A 68 37.76 -21.56 -1.50
N ASN A 69 38.47 -21.03 -2.49
CA ASN A 69 39.87 -21.40 -2.69
C ASN A 69 40.83 -20.55 -1.90
N GLY A 70 40.34 -19.65 -1.06
CA GLY A 70 41.18 -18.92 -0.15
C GLY A 70 41.46 -17.47 -0.48
N LEU A 71 40.67 -16.86 -1.36
CA LEU A 71 40.85 -15.45 -1.65
C LEU A 71 40.24 -14.61 -0.54
N TRP A 72 40.96 -13.59 -0.11
CA TRP A 72 40.53 -12.75 1.00
C TRP A 72 39.70 -11.59 0.45
N VAL A 73 38.39 -11.66 0.64
CA VAL A 73 37.49 -10.58 0.21
C VAL A 73 36.71 -10.09 1.42
N PRO A 74 37.15 -9.04 2.09
CA PRO A 74 36.45 -8.60 3.31
C PRO A 74 35.04 -8.14 3.00
N ALA A 75 34.13 -8.40 3.93
CA ALA A 75 32.74 -8.01 3.80
C ALA A 75 32.57 -6.63 4.40
N LEU A 76 32.09 -5.68 3.60
CA LEU A 76 31.85 -4.31 4.05
C LEU A 76 30.36 -4.12 4.29
N GLU A 77 30.02 -3.64 5.48
CA GLU A 77 28.64 -3.51 5.90
C GLU A 77 28.28 -2.04 6.08
N PHE A 78 27.06 -1.69 5.72
CA PHE A 78 26.52 -0.36 5.98
C PHE A 78 25.89 -0.36 7.37
N ILE A 79 26.49 0.35 8.33
CA ILE A 79 25.79 0.44 9.61
C ILE A 79 24.90 1.65 9.62
N ASN A 80 23.89 1.68 8.76
CA ASN A 80 22.64 2.39 9.02
C ASN A 80 21.56 1.75 8.18
N VAL A 81 21.91 0.71 7.44
CA VAL A 81 20.97 0.11 6.51
C VAL A 81 19.92 -0.67 7.26
N VAL A 82 18.69 -0.60 6.81
CA VAL A 82 17.57 -1.26 7.45
C VAL A 82 17.28 -2.51 6.65
N GLY A 83 17.75 -3.64 7.13
CA GLY A 83 17.58 -4.89 6.41
C GLY A 83 18.86 -5.36 5.79
N SER A 84 18.80 -5.73 4.52
CA SER A 84 19.97 -6.12 3.78
C SER A 84 19.88 -5.44 2.42
N PRO A 85 20.93 -4.75 1.99
CA PRO A 85 20.87 -4.06 0.70
C PRO A 85 20.71 -5.07 -0.44
N ASP A 86 20.00 -4.64 -1.47
CA ASP A 86 19.73 -5.48 -2.63
C ASP A 86 20.90 -5.35 -3.60
N THR A 87 21.92 -6.16 -3.40
CA THR A 87 23.11 -6.08 -4.23
C THR A 87 22.84 -6.69 -5.60
N GLY A 88 23.26 -5.98 -6.64
CA GLY A 88 23.05 -6.44 -7.99
C GLY A 88 24.27 -7.15 -8.55
N ASN A 89 24.95 -6.53 -9.50
CA ASN A 89 26.13 -7.13 -10.08
C ASN A 89 27.36 -6.89 -9.22
N LYS A 90 28.19 -7.90 -9.08
CA LYS A 90 29.46 -7.81 -8.39
C LYS A 90 30.58 -8.11 -9.37
N ARG A 91 31.80 -7.78 -8.98
CA ARG A 91 32.93 -7.97 -9.87
C ARG A 91 34.22 -7.84 -9.09
N LEU A 92 35.17 -8.72 -9.37
CA LEU A 92 36.53 -8.62 -8.87
C LEU A 92 37.47 -8.43 -10.05
N MET A 93 38.55 -7.68 -9.83
CA MET A 93 39.57 -7.49 -10.84
C MET A 93 40.93 -7.76 -10.20
N LEU A 94 41.47 -8.95 -10.41
CA LEU A 94 42.71 -9.37 -9.79
C LEU A 94 43.87 -9.05 -10.71
N PHE A 95 44.68 -8.08 -10.34
CA PHE A 95 45.85 -7.72 -11.11
C PHE A 95 47.01 -8.66 -10.81
N PRO A 96 47.97 -8.79 -11.72
CA PRO A 96 49.09 -9.69 -11.45
C PRO A 96 50.05 -9.18 -10.40
N ASP A 97 50.08 -7.87 -10.12
CA ASP A 97 50.99 -7.31 -9.14
C ASP A 97 50.43 -7.33 -7.73
N GLY A 98 49.22 -7.84 -7.53
CA GLY A 98 48.64 -8.01 -6.22
C GLY A 98 47.37 -7.22 -5.99
N ARG A 99 47.16 -6.13 -6.70
CA ARG A 99 45.99 -5.30 -6.46
C ARG A 99 44.71 -6.08 -6.69
N VAL A 100 43.70 -5.76 -5.89
CA VAL A 100 42.37 -6.35 -6.03
C VAL A 100 41.36 -5.22 -5.95
N ILE A 101 40.45 -5.17 -6.92
CA ILE A 101 39.42 -4.15 -6.95
C ILE A 101 38.07 -4.84 -6.86
N TYR A 102 37.28 -4.48 -5.87
CA TYR A 102 35.95 -5.03 -5.65
C TYR A 102 34.94 -3.97 -6.02
N ASN A 103 33.97 -4.34 -6.85
CA ASN A 103 33.05 -3.38 -7.44
C ASN A 103 31.65 -3.98 -7.39
N ALA A 104 30.73 -3.30 -6.72
CA ALA A 104 29.40 -3.85 -6.51
C ALA A 104 28.36 -2.77 -6.68
N ARG A 105 27.13 -3.20 -6.94
CA ARG A 105 25.98 -2.32 -7.14
C ARG A 105 25.00 -2.57 -6.01
N PHE A 106 24.56 -1.51 -5.35
CA PHE A 106 23.71 -1.66 -4.18
C PHE A 106 22.50 -0.74 -4.26
N LEU A 107 21.39 -1.23 -3.71
CA LEU A 107 20.20 -0.43 -3.46
C LEU A 107 19.68 -0.83 -2.09
N GLY A 108 19.73 0.09 -1.12
CA GLY A 108 19.31 -0.24 0.22
C GLY A 108 18.54 0.90 0.84
N SER A 109 17.90 0.60 1.96
CA SER A 109 17.16 1.58 2.73
C SER A 109 17.99 1.96 3.95
N PHE A 110 18.30 3.25 4.07
CA PHE A 110 19.20 3.75 5.09
C PHE A 110 18.44 4.63 6.06
N SER A 111 18.86 4.60 7.34
CA SER A 111 18.18 5.34 8.39
C SER A 111 19.12 6.38 8.98
N ASN A 112 18.56 7.53 9.33
CA ASN A 112 19.30 8.59 9.98
C ASN A 112 18.33 9.42 10.80
N ASP A 113 18.87 10.15 11.78
CA ASP A 113 18.05 11.00 12.63
C ASP A 113 17.59 12.20 11.81
N MET A 114 16.36 12.15 11.31
CA MET A 114 15.81 13.19 10.48
C MET A 114 14.75 13.95 11.25
N ASP A 115 14.80 15.27 11.18
CA ASP A 115 13.95 16.16 11.97
C ASP A 115 13.15 17.04 11.04
N PHE A 116 11.84 16.79 10.93
CA PHE A 116 10.97 17.46 9.98
C PHE A 116 10.14 18.57 10.62
N ARG A 117 10.62 19.19 11.68
CA ARG A 117 9.79 20.15 12.40
C ARG A 117 9.59 21.45 11.66
N LEU A 118 10.31 21.70 10.57
CA LEU A 118 10.10 22.86 9.71
C LEU A 118 9.62 22.41 8.35
N PHE A 119 8.68 21.48 8.32
CA PHE A 119 8.48 20.52 7.24
C PHE A 119 8.67 21.07 5.83
N PRO A 120 7.93 22.09 5.38
CA PRO A 120 8.09 22.51 3.98
C PRO A 120 9.42 23.18 3.69
N PHE A 121 10.17 23.58 4.72
CA PHE A 121 11.45 24.25 4.52
C PHE A 121 12.56 23.55 5.28
N ASP A 122 12.43 22.26 5.53
CA ASP A 122 13.38 21.52 6.33
C ASP A 122 14.65 21.23 5.55
N ARG A 123 15.75 21.11 6.27
CA ARG A 123 17.02 20.66 5.71
C ARG A 123 17.35 19.31 6.31
N GLN A 124 17.59 18.34 5.44
CA GLN A 124 17.96 17.00 5.88
C GLN A 124 19.44 16.78 5.66
N GLN A 125 19.90 15.59 6.06
CA GLN A 125 21.29 15.22 5.85
C GLN A 125 21.33 13.71 5.67
N PHE A 126 21.31 13.27 4.42
CA PHE A 126 21.37 11.85 4.13
C PHE A 126 22.76 11.32 4.43
N VAL A 127 22.83 10.20 5.15
CA VAL A 127 24.07 9.70 5.70
C VAL A 127 24.25 8.24 5.30
N LEU A 128 25.46 7.89 4.89
CA LEU A 128 25.87 6.51 4.67
C LEU A 128 27.06 6.22 5.57
N GLU A 129 26.97 5.14 6.35
CA GLU A 129 28.05 4.74 7.23
C GLU A 129 28.53 3.35 6.81
N LEU A 130 29.81 3.23 6.54
CA LEU A 130 30.40 1.99 6.08
C LEU A 130 31.43 1.52 7.09
N GLU A 131 31.51 0.21 7.28
CA GLU A 131 32.38 -0.34 8.30
C GLU A 131 32.65 -1.81 8.02
N PRO A 132 33.89 -2.28 8.08
CA PRO A 132 34.13 -3.70 7.88
C PRO A 132 33.39 -4.51 8.93
N PHE A 133 32.83 -5.63 8.49
CA PHE A 133 31.93 -6.37 9.36
C PHE A 133 32.66 -7.17 10.42
N SER A 134 33.87 -7.64 10.15
CA SER A 134 34.51 -8.54 11.10
C SER A 134 36.00 -8.29 11.28
N TYR A 135 36.50 -7.12 10.93
CA TYR A 135 37.93 -6.85 11.07
C TYR A 135 38.15 -5.51 11.77
N ASN A 136 39.21 -5.45 12.58
CA ASN A 136 39.60 -4.24 13.26
C ASN A 136 40.93 -3.67 12.78
N ASN A 137 41.81 -4.52 12.23
CA ASN A 137 43.05 -4.07 11.63
C ASN A 137 43.05 -4.43 10.15
N GLN A 138 41.95 -4.09 9.49
CA GLN A 138 41.89 -3.79 8.08
C GLN A 138 41.33 -2.38 7.99
N GLN A 139 42.20 -1.41 7.70
CA GLN A 139 41.92 0.01 7.93
C GLN A 139 41.64 0.72 6.62
N LEU A 140 40.60 1.55 6.61
CA LEU A 140 40.24 2.34 5.45
C LEU A 140 41.01 3.65 5.46
N ARG A 141 41.59 4.03 4.32
CA ARG A 141 42.35 5.27 4.24
C ARG A 141 41.63 6.36 3.45
N PHE A 142 41.32 6.10 2.19
CA PHE A 142 40.77 7.12 1.32
C PHE A 142 39.29 6.88 1.12
N SER A 143 38.52 7.97 1.10
CA SER A 143 37.12 7.90 0.71
C SER A 143 36.85 9.02 -0.28
N ASP A 144 36.51 8.65 -1.50
CA ASP A 144 36.07 9.59 -2.53
C ASP A 144 34.60 9.35 -2.81
N ILE A 145 33.80 10.39 -2.71
CA ILE A 145 32.37 10.30 -3.00
C ILE A 145 32.13 11.10 -4.26
N GLN A 146 31.64 10.43 -5.30
CA GLN A 146 31.41 11.05 -6.60
C GLN A 146 29.91 11.02 -6.86
N VAL A 147 29.22 12.08 -6.46
CA VAL A 147 27.81 12.24 -6.80
C VAL A 147 27.80 12.95 -8.15
N TYR A 148 27.98 12.16 -9.20
CA TYR A 148 28.11 12.71 -10.55
C TYR A 148 26.80 13.21 -11.10
N THR A 149 25.69 12.96 -10.43
CA THR A 149 24.41 13.45 -10.93
C THR A 149 24.35 14.95 -10.76
N GLU A 150 24.85 15.68 -11.74
CA GLU A 150 24.82 17.15 -11.71
C GLU A 150 23.39 17.62 -11.94
N ASN A 151 22.53 17.42 -10.94
CA ASN A 151 21.14 17.79 -11.05
C ASN A 151 20.92 19.29 -10.94
N ILE A 152 21.97 20.08 -11.03
CA ILE A 152 21.81 21.54 -11.04
C ILE A 152 20.92 21.95 -12.22
N ASP A 153 21.17 21.38 -13.38
CA ASP A 153 20.21 21.47 -14.48
C ASP A 153 18.98 20.65 -14.14
N ASN A 154 17.83 21.10 -14.64
CA ASN A 154 16.52 20.53 -14.35
C ASN A 154 16.37 20.20 -12.86
N GLU A 155 16.90 21.08 -12.01
CA GLU A 155 16.76 20.90 -10.58
C GLU A 155 15.33 21.12 -10.12
N GLU A 156 14.59 21.99 -10.82
CA GLU A 156 13.25 22.37 -10.38
C GLU A 156 12.21 21.28 -10.57
N ILE A 157 12.54 20.20 -11.27
CA ILE A 157 11.62 19.07 -11.40
C ILE A 157 11.94 17.96 -10.42
N ASP A 158 12.89 18.16 -9.53
CA ASP A 158 13.29 17.16 -8.54
C ASP A 158 12.74 17.53 -7.18
N GLU A 159 12.43 16.51 -6.39
CA GLU A 159 11.86 16.71 -5.07
C GLU A 159 12.87 17.25 -4.07
N TRP A 160 14.14 16.88 -4.19
CA TRP A 160 15.18 17.28 -3.25
C TRP A 160 16.28 18.00 -3.98
N TRP A 161 16.68 19.15 -3.47
CA TRP A 161 17.83 19.87 -4.00
C TRP A 161 19.05 19.55 -3.16
N ILE A 162 20.15 19.21 -3.82
CA ILE A 162 21.35 18.75 -3.15
C ILE A 162 22.37 19.87 -3.17
N ARG A 163 22.73 20.35 -1.99
CA ARG A 163 23.65 21.47 -1.83
C ARG A 163 25.03 20.95 -1.43
N GLY A 164 26.07 21.53 -2.01
CA GLY A 164 27.42 21.09 -1.75
C GLY A 164 27.71 19.79 -2.48
N LYS A 165 28.92 19.28 -2.27
CA LYS A 165 29.27 18.04 -2.96
C LYS A 165 29.01 16.82 -2.08
N ALA A 166 29.78 16.67 -1.01
CA ALA A 166 29.65 15.57 -0.08
C ALA A 166 30.70 15.73 1.02
N SER A 167 30.45 15.20 2.20
CA SER A 167 31.41 15.23 3.28
C SER A 167 31.82 13.79 3.59
N THR A 168 33.13 13.55 3.60
CA THR A 168 33.68 12.25 3.92
C THR A 168 34.48 12.35 5.20
N HIS A 169 34.58 11.23 5.92
CA HIS A 169 35.28 11.22 7.18
C HIS A 169 35.64 9.79 7.54
N ILE A 170 36.91 9.55 7.81
CA ILE A 170 37.40 8.25 8.26
C ILE A 170 37.73 8.39 9.74
N SER A 171 37.04 7.61 10.57
CA SER A 171 37.22 7.68 12.01
C SER A 171 37.37 6.26 12.56
N ASP A 172 37.61 6.17 13.87
CA ASP A 172 37.74 4.90 14.56
C ASP A 172 36.66 4.80 15.62
N ILE A 173 35.78 3.81 15.48
CA ILE A 173 34.72 3.56 16.45
C ILE A 173 35.19 2.50 17.42
N ARG A 174 35.05 2.76 18.71
CA ARG A 174 35.45 1.82 19.75
C ARG A 174 34.22 1.10 20.28
N TYR A 175 34.30 -0.21 20.36
CA TYR A 175 33.25 -1.06 20.90
C TYR A 175 33.74 -1.61 22.23
N ASP A 176 33.29 -1.02 23.33
CA ASP A 176 33.72 -1.46 24.64
C ASP A 176 33.07 -2.76 25.06
N HIS A 177 32.01 -3.17 24.37
CA HIS A 177 31.31 -4.41 24.67
C HIS A 177 31.96 -5.58 23.94
N LEU A 178 33.26 -5.75 24.07
CA LEU A 178 33.97 -6.67 23.21
C LEU A 178 34.94 -7.51 24.05
N SER A 179 35.83 -8.20 23.36
CA SER A 179 36.70 -9.20 23.98
C SER A 179 37.46 -8.60 25.16
N SER A 180 37.80 -9.47 26.12
CA SER A 180 38.57 -9.02 27.28
C SER A 180 39.94 -8.52 26.86
N VAL A 181 40.58 -9.21 25.92
CA VAL A 181 41.86 -8.76 25.37
C VAL A 181 41.53 -7.81 24.24
N GLN A 182 41.52 -6.51 24.55
CA GLN A 182 41.26 -5.46 23.57
C GLN A 182 42.30 -4.36 23.71
N PRO A 183 43.58 -4.65 23.42
CA PRO A 183 44.58 -3.57 23.36
C PRO A 183 44.31 -2.65 22.19
N ASN A 184 44.14 -3.25 21.01
CA ASN A 184 43.63 -2.56 19.85
C ASN A 184 42.57 -3.39 19.14
N GLN A 185 42.05 -4.43 19.79
CA GLN A 185 41.15 -5.37 19.15
C GLN A 185 39.69 -4.98 19.27
N ASN A 186 39.41 -3.70 19.53
CA ASN A 186 38.02 -3.27 19.61
C ASN A 186 37.75 -1.97 18.88
N GLU A 187 38.66 -1.51 18.03
CA GLU A 187 38.46 -0.31 17.23
C GLU A 187 38.26 -0.69 15.78
N PHE A 188 37.23 -0.14 15.15
CA PHE A 188 36.89 -0.45 13.78
C PHE A 188 36.91 0.83 12.95
N SER A 189 37.54 0.76 11.78
CA SER A 189 37.51 1.91 10.88
C SER A 189 36.11 2.14 10.37
N ARG A 190 35.74 3.40 10.18
CA ARG A 190 34.41 3.74 9.73
C ARG A 190 34.48 4.90 8.75
N ILE A 191 33.71 4.79 7.67
CA ILE A 191 33.57 5.84 6.67
C ILE A 191 32.18 6.44 6.79
N THR A 192 32.10 7.75 6.96
CA THR A 192 30.83 8.45 7.03
C THR A 192 30.71 9.39 5.85
N VAL A 193 29.59 9.31 5.14
CA VAL A 193 29.31 10.18 4.00
C VAL A 193 28.06 10.97 4.30
N ARG A 194 28.13 12.29 4.15
CA ARG A 194 26.99 13.16 4.42
C ARG A 194 26.67 13.98 3.18
N ILE A 195 25.41 14.01 2.80
CA ILE A 195 24.94 14.78 1.66
C ILE A 195 23.84 15.70 2.15
N ASP A 196 24.07 16.99 2.09
CA ASP A 196 23.07 17.95 2.51
C ASP A 196 21.97 18.07 1.46
N ALA A 197 20.78 18.41 1.91
CA ALA A 197 19.67 18.55 0.98
C ALA A 197 18.66 19.54 1.55
N VAL A 198 17.90 20.15 0.64
CA VAL A 198 16.84 21.08 1.00
C VAL A 198 15.59 20.66 0.24
N ARG A 199 14.46 20.60 0.93
CA ARG A 199 13.23 20.20 0.28
C ARG A 199 12.80 21.28 -0.71
N ASN A 200 12.02 20.87 -1.69
CA ASN A 200 11.51 21.75 -2.73
C ASN A 200 10.19 22.36 -2.30
N PRO A 201 10.19 23.60 -1.79
CA PRO A 201 8.98 24.18 -1.19
C PRO A 201 8.16 24.96 -2.20
N SER A 202 7.69 24.28 -3.25
CA SER A 202 6.85 24.92 -4.25
C SER A 202 5.43 24.36 -4.22
N TYR A 203 5.29 23.05 -4.23
CA TYR A 203 3.95 22.47 -4.14
C TYR A 203 3.31 22.78 -2.79
N TYR A 204 4.09 22.74 -1.72
CA TYR A 204 3.56 22.98 -0.39
C TYR A 204 3.39 24.45 -0.07
N LEU A 205 3.96 25.33 -0.88
CA LEU A 205 3.83 26.76 -0.67
C LEU A 205 2.71 27.38 -1.48
N TRP A 206 2.27 26.73 -2.56
CA TRP A 206 1.19 27.24 -3.39
C TRP A 206 -0.12 26.52 -3.21
N SER A 207 -0.10 25.25 -2.85
CA SER A 207 -1.32 24.48 -2.73
C SER A 207 -1.74 24.20 -1.30
N PHE A 208 -0.92 24.53 -0.33
CA PHE A 208 -1.29 24.30 1.07
C PHE A 208 -1.22 25.54 1.93
N ILE A 209 -0.23 26.39 1.75
CA ILE A 209 -0.07 27.54 2.63
C ILE A 209 -0.84 28.74 2.11
N LEU A 210 -0.77 29.03 0.82
CA LEU A 210 -1.51 30.16 0.28
C LEU A 210 -3.02 30.00 0.42
N PRO A 211 -3.64 28.90 0.00
CA PRO A 211 -5.09 28.77 0.23
C PRO A 211 -5.48 28.74 1.69
N LEU A 212 -4.64 28.21 2.56
CA LEU A 212 -4.96 28.25 3.99
C LEU A 212 -4.93 29.67 4.51
N GLY A 213 -4.06 30.51 3.98
CA GLY A 213 -4.07 31.91 4.37
C GLY A 213 -5.31 32.64 3.90
N LEU A 214 -5.88 32.21 2.77
CA LEU A 214 -7.09 32.85 2.28
C LEU A 214 -8.32 32.41 3.06
N ILE A 215 -8.37 31.14 3.45
CA ILE A 215 -9.51 30.66 4.24
C ILE A 215 -9.55 31.35 5.59
N ILE A 216 -8.40 31.46 6.26
CA ILE A 216 -8.36 32.14 7.55
C ILE A 216 -8.65 33.62 7.38
N ALA A 217 -8.13 34.24 6.32
CA ALA A 217 -8.41 35.65 6.08
C ALA A 217 -9.89 35.87 5.81
N ALA A 218 -10.52 34.99 5.04
CA ALA A 218 -11.94 35.10 4.79
C ALA A 218 -12.77 34.84 6.04
N SER A 219 -12.19 34.17 7.05
CA SER A 219 -12.93 33.93 8.28
C SER A 219 -13.16 35.21 9.06
N TRP A 220 -12.26 36.20 8.92
CA TRP A 220 -12.46 37.48 9.58
C TRP A 220 -13.54 38.31 8.93
N SER A 221 -14.06 37.87 7.78
CA SER A 221 -15.16 38.57 7.14
C SER A 221 -16.46 38.42 7.91
N VAL A 222 -16.51 37.52 8.89
CA VAL A 222 -17.74 37.29 9.63
C VAL A 222 -18.12 38.49 10.48
N PHE A 223 -17.21 39.41 10.72
CA PHE A 223 -17.48 40.60 11.50
C PHE A 223 -18.08 41.72 10.67
N TRP A 224 -18.33 41.49 9.38
CA TRP A 224 -18.92 42.49 8.54
C TRP A 224 -20.40 42.24 8.27
N LEU A 225 -20.91 41.06 8.62
CA LEU A 225 -22.34 40.83 8.59
C LEU A 225 -23.01 41.68 9.66
N GLU A 226 -24.30 41.93 9.46
CA GLU A 226 -25.00 42.93 10.25
C GLU A 226 -26.16 42.34 11.05
N SER A 227 -25.99 41.13 11.57
CA SER A 227 -27.01 40.51 12.40
C SER A 227 -26.35 39.46 13.28
N PHE A 228 -26.83 39.33 14.51
CA PHE A 228 -26.30 38.30 15.39
C PHE A 228 -26.56 36.92 14.83
N SER A 229 -27.75 36.69 14.28
CA SER A 229 -28.07 35.38 13.75
C SER A 229 -27.20 35.03 12.55
N GLU A 230 -26.87 36.00 11.70
CA GLU A 230 -26.05 35.72 10.53
C GLU A 230 -24.61 35.46 10.91
N ARG A 231 -24.07 36.20 11.88
CA ARG A 231 -22.67 36.01 12.26
C ARG A 231 -22.45 34.64 12.87
N LEU A 232 -23.39 34.16 13.67
CA LEU A 232 -23.22 32.87 14.32
C LEU A 232 -23.35 31.72 13.33
N GLN A 233 -24.32 31.79 12.42
CA GLN A 233 -24.57 30.68 11.52
C GLN A 233 -23.44 30.50 10.52
N THR A 234 -22.87 31.61 10.02
CA THR A 234 -21.78 31.49 9.07
C THR A 234 -20.46 31.13 9.75
N SER A 235 -20.40 31.19 11.07
CA SER A 235 -19.19 30.71 11.76
C SER A 235 -19.11 29.20 11.73
N PHE A 236 -20.25 28.51 11.70
CA PHE A 236 -20.22 27.05 11.65
C PHE A 236 -19.86 26.55 10.26
N THR A 237 -20.23 27.28 9.22
CA THR A 237 -19.76 26.94 7.88
C THR A 237 -18.24 27.11 7.78
N LEU A 238 -17.71 28.16 8.41
CA LEU A 238 -16.27 28.35 8.44
C LEU A 238 -15.59 27.23 9.21
N MET A 239 -16.19 26.81 10.32
CA MET A 239 -15.61 25.72 11.10
C MET A 239 -15.60 24.43 10.30
N LEU A 240 -16.63 24.21 9.48
CA LEU A 240 -16.65 23.05 8.61
C LEU A 240 -15.62 23.16 7.50
N THR A 241 -15.35 24.37 7.03
CA THR A 241 -14.35 24.56 5.98
C THR A 241 -12.95 24.20 6.47
N VAL A 242 -12.62 24.57 7.71
CA VAL A 242 -11.29 24.28 8.23
C VAL A 242 -11.11 22.78 8.47
N VAL A 243 -12.16 22.11 8.95
CA VAL A 243 -12.10 20.66 9.10
C VAL A 243 -11.94 20.00 7.75
N ALA A 244 -12.68 20.46 6.75
CA ALA A 244 -12.52 19.94 5.41
C ALA A 244 -11.15 20.25 4.84
N TYR A 245 -10.46 21.24 5.38
CA TYR A 245 -9.11 21.55 4.93
C TYR A 245 -8.06 20.77 5.69
N ALA A 246 -8.29 20.52 6.98
CA ALA A 246 -7.38 19.67 7.73
C ALA A 246 -7.38 18.25 7.21
N PHE A 247 -8.47 17.83 6.56
CA PHE A 247 -8.51 16.52 5.93
C PHE A 247 -7.72 16.53 4.63
N TYR A 248 -7.91 17.55 3.80
CA TYR A 248 -7.16 17.66 2.56
C TYR A 248 -5.66 17.76 2.82
N THR A 249 -5.28 18.34 3.95
CA THR A 249 -3.87 18.45 4.30
C THR A 249 -3.31 17.14 4.81
N SER A 250 -3.98 16.54 5.79
CA SER A 250 -3.47 15.31 6.40
C SER A 250 -3.51 14.12 5.47
N ASN A 251 -4.23 14.21 4.36
CA ASN A 251 -4.29 13.14 3.39
C ASN A 251 -3.14 13.20 2.38
N ILE A 252 -2.35 14.27 2.39
CA ILE A 252 -1.27 14.45 1.44
C ILE A 252 0.08 14.61 2.14
N LEU A 253 0.13 15.42 3.19
CA LEU A 253 1.38 15.65 3.90
C LEU A 253 1.88 14.35 4.52
N PRO A 254 3.19 14.20 4.69
CA PRO A 254 3.71 12.98 5.30
C PRO A 254 3.34 12.89 6.76
N ARG A 255 3.20 11.66 7.24
CA ARG A 255 2.89 11.43 8.64
C ARG A 255 4.10 11.72 9.51
N LEU A 256 3.86 12.38 10.65
CA LEU A 256 4.91 12.77 11.56
C LEU A 256 4.41 12.62 12.99
N PRO A 257 5.30 12.45 13.95
CA PRO A 257 4.91 12.39 15.36
C PRO A 257 4.88 13.74 16.07
N TYR A 258 4.98 14.85 15.35
CA TYR A 258 4.88 16.18 15.93
C TYR A 258 4.15 17.09 14.94
N THR A 259 3.90 18.32 15.35
CA THR A 259 3.19 19.27 14.52
C THR A 259 4.18 20.08 13.69
N THR A 260 3.92 20.16 12.39
CA THR A 260 4.74 20.97 11.49
C THR A 260 4.22 22.40 11.53
N VAL A 261 4.67 23.23 10.59
CA VAL A 261 4.18 24.61 10.56
C VAL A 261 2.83 24.72 9.87
N ILE A 262 2.48 23.77 9.01
CA ILE A 262 1.16 23.80 8.40
C ILE A 262 0.08 23.45 9.42
N ASP A 263 0.34 22.43 10.25
CA ASP A 263 -0.64 22.03 11.24
C ASP A 263 -0.85 23.10 12.30
N GLN A 264 0.19 23.85 12.63
CA GLN A 264 0.04 24.92 13.60
C GLN A 264 -0.78 26.08 13.06
N MET A 265 -0.85 26.25 11.74
CA MET A 265 -1.76 27.23 11.18
C MET A 265 -3.20 26.74 11.23
N ILE A 266 -3.41 25.44 11.04
CA ILE A 266 -4.75 24.88 11.13
C ILE A 266 -5.29 25.02 12.55
N ILE A 267 -4.45 24.77 13.55
CA ILE A 267 -4.87 24.95 14.93
C ILE A 267 -5.23 26.41 15.19
N ALA A 268 -4.44 27.33 14.64
CA ALA A 268 -4.81 28.74 14.74
C ALA A 268 -6.09 29.05 13.98
N GLY A 269 -6.37 28.31 12.92
CA GLY A 269 -7.63 28.47 12.24
C GLY A 269 -8.82 28.08 13.10
N TYR A 270 -8.71 26.94 13.79
CA TYR A 270 -9.76 26.57 14.73
C TYR A 270 -9.89 27.60 15.84
N GLY A 271 -8.75 28.07 16.36
CA GLY A 271 -8.81 29.03 17.44
C GLY A 271 -9.40 30.36 17.03
N SER A 272 -9.08 30.82 15.82
CA SER A 272 -9.62 32.09 15.36
C SER A 272 -11.13 32.03 15.21
N ILE A 273 -11.65 30.95 14.63
CA ILE A 273 -13.09 30.81 14.48
C ILE A 273 -13.76 30.66 15.83
N PHE A 274 -13.19 29.84 16.70
CA PHE A 274 -13.79 29.65 18.02
C PHE A 274 -13.74 30.93 18.84
N ALA A 275 -12.63 31.68 18.75
CA ALA A 275 -12.57 32.95 19.45
C ALA A 275 -13.55 33.94 18.86
N ALA A 276 -13.83 33.85 17.56
CA ALA A 276 -14.83 34.71 16.96
C ALA A 276 -16.22 34.40 17.50
N ILE A 277 -16.53 33.13 17.70
CA ILE A 277 -17.86 32.76 18.20
C ILE A 277 -18.09 33.33 19.59
N LEU A 278 -17.08 33.27 20.45
CA LEU A 278 -17.23 33.83 21.79
C LEU A 278 -17.45 35.34 21.74
N LEU A 279 -16.73 36.03 20.85
CA LEU A 279 -16.90 37.47 20.74
C LEU A 279 -18.26 37.82 20.16
N ILE A 280 -18.74 37.05 19.18
CA ILE A 280 -20.05 37.31 18.60
C ILE A 280 -21.13 37.14 19.66
N ILE A 281 -21.05 36.07 20.44
CA ILE A 281 -22.04 35.83 21.48
C ILE A 281 -21.91 36.86 22.58
N PHE A 282 -20.70 37.17 22.99
CA PHE A 282 -20.50 38.13 24.07
C PHE A 282 -20.94 39.53 23.66
N ALA A 283 -20.72 39.90 22.40
CA ALA A 283 -21.14 41.22 21.95
C ALA A 283 -22.65 41.34 21.87
N HIS A 284 -23.36 40.24 21.79
CA HIS A 284 -24.81 40.26 21.67
C HIS A 284 -25.51 40.19 23.02
N HIS A 285 -24.92 39.52 24.00
CA HIS A 285 -25.58 39.24 25.26
C HIS A 285 -25.05 40.05 26.43
N ARG A 286 -24.15 41.01 26.20
CA ARG A 286 -23.78 41.94 27.26
C ARG A 286 -24.71 43.14 27.16
N GLN A 287 -25.53 43.35 28.19
CA GLN A 287 -26.51 44.42 28.13
C GLN A 287 -25.89 45.73 28.56
N ALA A 288 -24.74 46.05 27.98
CA ALA A 288 -24.15 47.38 28.03
C ALA A 288 -23.88 47.93 26.65
N ASN A 289 -23.73 47.09 25.65
CA ASN A 289 -23.70 47.43 24.24
C ASN A 289 -24.74 46.68 23.43
N GLY A 290 -25.01 45.41 23.78
CA GLY A 290 -26.11 44.65 23.24
C GLY A 290 -26.18 44.55 21.73
N VAL A 291 -27.35 44.15 21.23
CA VAL A 291 -27.56 44.07 19.78
C VAL A 291 -27.79 45.44 19.15
N GLU A 292 -27.90 46.49 19.97
CA GLU A 292 -28.00 47.85 19.49
C GLU A 292 -26.60 48.32 19.07
N ASP A 293 -26.43 49.62 18.87
CA ASP A 293 -25.15 50.17 18.45
C ASP A 293 -24.00 49.61 19.29
N ASP A 294 -23.12 48.86 18.66
CA ASP A 294 -22.10 48.10 19.37
C ASP A 294 -20.79 48.21 18.61
N LEU A 295 -19.80 48.85 19.22
CA LEU A 295 -18.51 49.07 18.60
C LEU A 295 -17.50 47.98 18.94
N LEU A 296 -17.89 46.96 19.71
CA LEU A 296 -17.00 45.84 19.95
C LEU A 296 -16.78 45.03 18.67
N ILE A 297 -17.81 44.92 17.84
CA ILE A 297 -17.65 44.21 16.56
C ILE A 297 -16.77 45.02 15.62
N GLN A 298 -17.01 46.32 15.52
CA GLN A 298 -16.20 47.15 14.63
C GLN A 298 -14.75 47.16 15.08
N ARG A 299 -14.51 47.29 16.38
CA ARG A 299 -13.16 47.22 16.90
C ARG A 299 -12.54 45.85 16.67
N CYS A 300 -13.36 44.84 16.41
CA CYS A 300 -12.88 43.49 16.16
C CYS A 300 -12.60 43.22 14.69
N ARG A 301 -13.05 44.10 13.79
CA ARG A 301 -12.70 43.95 12.38
C ARG A 301 -11.23 44.18 12.15
N LEU A 302 -10.60 44.99 12.99
CA LEU A 302 -9.19 45.33 12.92
C LEU A 302 -8.33 44.54 13.89
N ALA A 303 -8.82 44.31 15.11
CA ALA A 303 -8.02 43.64 16.12
C ALA A 303 -7.83 42.16 15.84
N PHE A 304 -8.66 41.56 15.01
CA PHE A 304 -8.52 40.14 14.74
C PHE A 304 -7.41 39.86 13.73
N PRO A 305 -7.35 40.58 12.60
CA PRO A 305 -6.20 40.36 11.70
C PRO A 305 -4.86 40.70 12.33
N LEU A 306 -4.79 41.74 13.15
CA LEU A 306 -3.52 42.11 13.77
C LEU A 306 -3.11 41.09 14.81
N GLY A 307 -4.05 40.67 15.67
CA GLY A 307 -3.73 39.69 16.67
C GLY A 307 -3.30 38.37 16.06
N PHE A 308 -3.90 38.00 14.94
CA PHE A 308 -3.50 36.77 14.27
C PHE A 308 -2.16 36.93 13.58
N LEU A 309 -1.88 38.11 13.05
CA LEU A 309 -0.57 38.35 12.43
C LEU A 309 0.54 38.27 13.46
N ALA A 310 0.32 38.80 14.66
CA ALA A 310 1.32 38.72 15.71
C ALA A 310 1.55 37.27 16.14
N ILE A 311 0.48 36.50 16.28
CA ILE A 311 0.61 35.09 16.63
C ILE A 311 1.38 34.34 15.55
N GLY A 312 1.15 34.70 14.29
CA GLY A 312 1.90 34.09 13.21
C GLY A 312 3.39 34.36 13.29
N CYS A 313 3.76 35.49 13.91
CA CYS A 313 5.18 35.79 14.10
C CYS A 313 5.78 34.97 15.23
N VAL A 314 5.02 34.70 16.29
CA VAL A 314 5.53 33.89 17.39
C VAL A 314 5.84 32.48 16.90
N LEU A 315 4.95 31.91 16.11
CA LEU A 315 5.24 30.60 15.52
C LEU A 315 6.36 30.68 14.51
N VAL A 316 6.54 31.83 13.85
CA VAL A 316 7.59 31.94 12.86
C VAL A 316 8.96 32.14 13.51
N ILE A 317 9.02 32.56 14.77
CA ILE A 317 10.30 32.62 15.48
C ILE A 317 10.56 31.37 16.31
N ARG A 318 9.52 30.64 16.70
CA ARG A 318 9.73 29.38 17.42
C ARG A 318 10.44 28.36 16.55
N GLY A 319 10.04 28.25 15.27
CA GLY A 319 10.67 27.28 14.39
C GLY A 319 12.11 27.61 14.09
N ILE A 320 12.41 28.90 13.85
CA ILE A 320 13.77 29.29 13.52
C ILE A 320 14.70 29.09 14.72
N THR A 321 14.20 29.36 15.92
CA THR A 321 14.98 29.17 17.14
C THR A 321 14.98 27.73 17.59
N PRO B 11 38.61 -6.81 -29.79
CA PRO B 11 37.28 -6.52 -29.24
C PRO B 11 36.25 -7.51 -29.72
N VAL B 12 35.45 -8.06 -28.81
CA VAL B 12 34.42 -9.02 -29.16
C VAL B 12 33.16 -8.27 -29.53
N ASP B 13 32.73 -8.42 -30.78
CA ASP B 13 31.54 -7.73 -31.26
C ASP B 13 30.29 -8.40 -30.73
N VAL B 14 29.38 -7.61 -30.17
CA VAL B 14 28.14 -8.10 -29.59
C VAL B 14 26.98 -7.39 -30.27
N SER B 15 26.03 -8.16 -30.77
CA SER B 15 24.82 -7.63 -31.40
C SER B 15 23.65 -7.89 -30.46
N VAL B 16 22.84 -6.86 -30.25
CA VAL B 16 21.81 -6.89 -29.22
C VAL B 16 20.44 -6.60 -29.85
N SER B 17 19.44 -7.35 -29.44
CA SER B 17 18.05 -7.10 -29.80
C SER B 17 17.22 -7.05 -28.52
N ILE B 18 16.45 -5.99 -28.35
CA ILE B 18 15.58 -5.82 -27.20
C ILE B 18 14.13 -5.89 -27.66
N PHE B 19 13.36 -6.75 -27.04
CA PHE B 19 11.92 -6.84 -27.27
C PHE B 19 11.21 -6.24 -26.08
N ILE B 20 10.26 -5.34 -26.34
CA ILE B 20 9.51 -4.67 -25.29
C ILE B 20 8.10 -5.22 -25.30
N ASN B 21 7.68 -5.83 -24.19
CA ASN B 21 6.35 -6.39 -24.09
C ASN B 21 5.36 -5.48 -23.41
N LYS B 22 5.78 -4.69 -22.43
CA LYS B 22 4.83 -3.98 -21.60
C LYS B 22 5.54 -2.86 -20.86
N ILE B 23 5.04 -1.65 -20.99
CA ILE B 23 5.51 -0.50 -20.23
C ILE B 23 4.36 -0.01 -19.38
N TYR B 24 4.54 0.03 -18.07
CA TYR B 24 3.43 0.32 -17.17
C TYR B 24 3.99 0.80 -15.85
N GLY B 25 3.08 1.11 -14.93
CA GLY B 25 3.45 1.40 -13.56
C GLY B 25 4.32 2.62 -13.37
N VAL B 26 3.97 3.73 -14.03
CA VAL B 26 4.75 4.95 -13.90
C VAL B 26 4.56 5.52 -12.50
N ASN B 27 5.65 5.67 -11.77
CA ASN B 27 5.64 6.28 -10.44
C ASN B 27 6.18 7.69 -10.57
N THR B 28 5.34 8.68 -10.29
CA THR B 28 5.69 10.06 -10.58
C THR B 28 6.66 10.65 -9.58
N LEU B 29 6.58 10.25 -8.31
CA LEU B 29 7.49 10.81 -7.32
C LEU B 29 8.90 10.28 -7.50
N GLU B 30 9.05 8.98 -7.71
CA GLU B 30 10.35 8.38 -7.90
C GLU B 30 10.86 8.53 -9.33
N GLN B 31 10.00 8.92 -10.26
CA GLN B 31 10.36 9.03 -11.68
C GLN B 31 10.87 7.71 -12.22
N THR B 32 10.15 6.63 -11.91
CA THR B 32 10.47 5.30 -12.37
C THR B 32 9.29 4.69 -13.11
N TYR B 33 9.58 3.65 -13.88
CA TYR B 33 8.55 2.93 -14.61
C TYR B 33 9.04 1.50 -14.82
N LYS B 34 8.11 0.61 -15.10
CA LYS B 34 8.42 -0.80 -15.26
C LYS B 34 8.37 -1.20 -16.72
N VAL B 35 9.35 -1.99 -17.14
CA VAL B 35 9.43 -2.50 -18.50
C VAL B 35 9.65 -4.01 -18.42
N ASP B 36 8.91 -4.76 -19.23
CA ASP B 36 9.03 -6.20 -19.30
C ASP B 36 9.34 -6.59 -20.73
N GLY B 37 10.33 -7.44 -20.93
CA GLY B 37 10.72 -7.81 -22.27
C GLY B 37 11.85 -8.80 -22.28
N TYR B 38 12.51 -8.89 -23.45
CA TYR B 38 13.58 -9.85 -23.68
C TYR B 38 14.86 -9.13 -24.06
N ILE B 39 15.98 -9.79 -23.83
CA ILE B 39 17.29 -9.35 -24.30
C ILE B 39 17.90 -10.50 -25.09
N VAL B 40 18.40 -10.20 -26.28
CA VAL B 40 19.05 -11.20 -27.12
C VAL B 40 20.41 -10.66 -27.50
N ALA B 41 21.45 -11.21 -26.90
CA ALA B 41 22.83 -10.85 -27.21
C ALA B 41 23.47 -11.96 -28.02
N GLN B 42 24.27 -11.58 -29.01
CA GLN B 42 24.90 -12.55 -29.89
C GLN B 42 26.31 -12.11 -30.23
N TRP B 43 27.28 -12.97 -29.94
CA TRP B 43 28.67 -12.72 -30.33
C TRP B 43 29.23 -13.95 -31.00
N THR B 44 30.53 -13.97 -31.25
CA THR B 44 31.17 -15.08 -31.93
C THR B 44 32.43 -15.47 -31.18
N GLY B 45 32.43 -16.64 -30.58
CA GLY B 45 33.59 -17.17 -29.88
C GLY B 45 34.42 -18.07 -30.76
N LYS B 46 35.03 -19.04 -30.16
CA LYS B 46 35.83 -19.94 -30.97
C LYS B 46 35.06 -21.20 -31.28
N PRO B 47 35.37 -21.86 -32.40
CA PRO B 47 34.61 -23.06 -32.79
C PRO B 47 34.66 -24.14 -31.71
N ARG B 48 33.55 -24.84 -31.55
CA ARG B 48 33.44 -25.91 -30.57
C ARG B 48 32.74 -27.08 -31.23
N LYS B 49 32.77 -28.22 -30.54
CA LYS B 49 32.15 -29.45 -31.02
C LYS B 49 30.93 -29.73 -30.17
N THR B 50 29.77 -29.80 -30.81
CA THR B 50 28.53 -30.03 -30.09
C THR B 50 27.94 -31.37 -30.47
N PRO B 51 27.14 -31.98 -29.60
CA PRO B 51 26.57 -33.30 -29.91
C PRO B 51 25.66 -33.25 -31.12
N GLY B 52 25.98 -34.05 -32.12
CA GLY B 52 25.21 -34.09 -33.34
C GLY B 52 25.55 -33.01 -34.34
N ASP B 53 26.54 -32.17 -34.06
CA ASP B 53 26.93 -31.07 -34.96
C ASP B 53 25.74 -30.16 -35.27
N LYS B 54 24.93 -29.90 -34.25
CA LYS B 54 23.77 -29.05 -34.37
C LYS B 54 23.76 -28.12 -33.16
N PRO B 55 23.00 -27.03 -33.22
CA PRO B 55 22.98 -26.08 -32.09
C PRO B 55 22.64 -26.78 -30.78
N LEU B 56 23.34 -26.37 -29.73
CA LEU B 56 23.16 -26.91 -28.39
C LEU B 56 22.50 -25.86 -27.52
N ILE B 57 21.51 -26.27 -26.74
CA ILE B 57 20.70 -25.36 -25.96
C ILE B 57 20.94 -25.63 -24.48
N VAL B 58 21.24 -24.58 -23.73
CA VAL B 58 21.56 -24.66 -22.31
C VAL B 58 20.65 -23.71 -21.58
N GLU B 59 19.74 -24.24 -20.77
CA GLU B 59 18.73 -23.45 -20.11
C GLU B 59 19.17 -23.04 -18.69
N ASN B 60 18.21 -22.57 -17.90
CA ASN B 60 18.44 -21.71 -16.75
C ASN B 60 19.59 -22.08 -15.82
N THR B 61 19.51 -23.21 -15.14
CA THR B 61 20.53 -23.53 -14.16
C THR B 61 21.72 -24.26 -14.76
N GLN B 62 21.61 -24.72 -16.00
CA GLN B 62 22.75 -25.33 -16.66
C GLN B 62 23.73 -24.30 -17.19
N ILE B 63 23.34 -23.03 -17.26
CA ILE B 63 24.27 -21.99 -17.68
C ILE B 63 25.42 -21.87 -16.69
N GLU B 64 25.10 -21.91 -15.39
CA GLU B 64 26.11 -21.73 -14.37
C GLU B 64 27.15 -22.84 -14.41
N ARG B 65 26.77 -24.03 -14.86
CA ARG B 65 27.74 -25.10 -14.95
C ARG B 65 28.69 -24.90 -16.13
N TRP B 66 28.23 -24.20 -17.17
CA TRP B 66 29.11 -23.91 -18.29
C TRP B 66 30.07 -22.77 -17.98
N ILE B 67 29.64 -21.78 -17.20
CA ILE B 67 30.53 -20.69 -16.83
C ILE B 67 31.68 -21.20 -15.98
N ASN B 68 31.39 -22.11 -15.05
CA ASN B 68 32.44 -22.67 -14.20
C ASN B 68 33.48 -23.42 -15.02
N ASN B 69 33.11 -23.94 -16.18
CA ASN B 69 34.06 -24.64 -17.03
C ASN B 69 34.77 -23.72 -17.99
N GLY B 70 34.54 -22.42 -17.91
CA GLY B 70 35.30 -21.46 -18.67
C GLY B 70 34.61 -20.83 -19.86
N LEU B 71 33.30 -20.88 -19.94
CA LEU B 71 32.58 -20.22 -21.02
C LEU B 71 32.47 -18.74 -20.72
N TRP B 72 32.74 -17.92 -21.73
CA TRP B 72 32.74 -16.47 -21.56
C TRP B 72 31.34 -15.94 -21.84
N VAL B 73 30.62 -15.56 -20.78
CA VAL B 73 29.30 -14.97 -20.92
C VAL B 73 29.30 -13.60 -20.25
N PRO B 74 29.51 -12.52 -20.99
CA PRO B 74 29.58 -11.21 -20.36
C PRO B 74 28.27 -10.82 -19.71
N ALA B 75 28.38 -10.10 -18.60
CA ALA B 75 27.21 -9.64 -17.87
C ALA B 75 26.83 -8.26 -18.37
N LEU B 76 25.59 -8.12 -18.85
CA LEU B 76 25.09 -6.86 -19.36
C LEU B 76 24.18 -6.23 -18.32
N GLU B 77 24.46 -4.98 -17.98
CA GLU B 77 23.76 -4.28 -16.92
C GLU B 77 22.96 -3.12 -17.49
N PHE B 78 21.78 -2.89 -16.93
CA PHE B 78 20.99 -1.71 -17.25
C PHE B 78 21.42 -0.57 -16.35
N ILE B 79 22.05 0.46 -16.91
CA ILE B 79 22.35 1.60 -16.05
C ILE B 79 21.22 2.60 -16.13
N ASN B 80 20.03 2.22 -15.68
CA ASN B 80 19.06 3.14 -15.12
C ASN B 80 18.14 2.35 -14.21
N VAL B 81 18.39 1.06 -14.07
CA VAL B 81 17.49 0.20 -13.32
C VAL B 81 17.64 0.47 -11.85
N VAL B 82 16.52 0.47 -11.13
CA VAL B 82 16.50 0.75 -9.71
C VAL B 82 16.39 -0.59 -9.00
N GLY B 83 17.52 -1.08 -8.50
CA GLY B 83 17.54 -2.37 -7.85
C GLY B 83 18.22 -3.42 -8.70
N SER B 84 17.57 -4.57 -8.84
CA SER B 84 18.07 -5.62 -9.70
C SER B 84 16.87 -6.15 -10.48
N PRO B 85 16.96 -6.24 -11.80
CA PRO B 85 15.82 -6.73 -12.58
C PRO B 85 15.49 -8.16 -12.22
N ASP B 86 14.21 -8.48 -12.29
CA ASP B 86 13.72 -9.82 -11.95
C ASP B 86 13.83 -10.69 -13.19
N THR B 87 14.99 -11.30 -13.38
CA THR B 87 15.22 -12.11 -14.56
C THR B 87 14.49 -13.44 -14.44
N GLY B 88 13.79 -13.83 -15.50
CA GLY B 88 13.05 -15.08 -15.51
C GLY B 88 13.83 -16.21 -16.13
N ASN B 89 13.41 -16.65 -17.31
CA ASN B 89 14.09 -17.72 -18.00
C ASN B 89 15.31 -17.19 -18.77
N LYS B 90 16.40 -17.95 -18.71
CA LYS B 90 17.60 -17.67 -19.48
C LYS B 90 17.88 -18.82 -20.42
N ARG B 91 18.74 -18.59 -21.40
CA ARG B 91 19.02 -19.61 -22.38
C ARG B 91 20.27 -19.24 -23.16
N LEU B 92 21.12 -20.22 -23.40
CA LEU B 92 22.25 -20.09 -24.29
C LEU B 92 22.06 -21.03 -25.48
N MET B 93 22.55 -20.63 -26.64
CA MET B 93 22.51 -21.47 -27.82
C MET B 93 23.90 -21.46 -28.46
N LEU B 94 24.66 -22.52 -28.20
CA LEU B 94 26.05 -22.61 -28.64
C LEU B 94 26.08 -23.33 -29.98
N PHE B 95 26.40 -22.60 -31.04
CA PHE B 95 26.51 -23.19 -32.36
C PHE B 95 27.88 -23.83 -32.53
N PRO B 96 28.01 -24.80 -33.45
CA PRO B 96 29.32 -25.44 -33.64
C PRO B 96 30.34 -24.54 -34.32
N ASP B 97 29.93 -23.50 -35.02
CA ASP B 97 30.86 -22.63 -35.73
C ASP B 97 31.35 -21.49 -34.85
N GLY B 98 30.93 -21.41 -33.60
CA GLY B 98 31.42 -20.43 -32.66
C GLY B 98 30.38 -19.47 -32.13
N ARG B 99 29.31 -19.24 -32.86
CA ARG B 99 28.31 -18.26 -32.45
C ARG B 99 27.70 -18.65 -31.11
N VAL B 100 27.39 -17.65 -30.31
CA VAL B 100 26.72 -17.83 -29.03
C VAL B 100 25.59 -16.82 -28.95
N ILE B 101 24.40 -17.29 -28.62
CA ILE B 101 23.23 -16.43 -28.49
C ILE B 101 22.73 -16.52 -27.07
N TYR B 102 22.66 -15.37 -26.40
CA TYR B 102 22.18 -15.30 -25.02
C TYR B 102 20.81 -14.65 -25.04
N ASN B 103 19.85 -15.28 -24.38
CA ASN B 103 18.46 -14.88 -24.47
C ASN B 103 17.85 -14.93 -23.07
N ALA B 104 17.36 -13.80 -22.59
CA ALA B 104 16.87 -13.72 -21.23
C ALA B 104 15.59 -12.90 -21.18
N ARG B 105 14.84 -13.10 -20.11
CA ARG B 105 13.58 -12.42 -19.87
C ARG B 105 13.75 -11.54 -18.64
N PHE B 106 13.37 -10.27 -18.75
CA PHE B 106 13.60 -9.33 -17.66
C PHE B 106 12.34 -8.53 -17.36
N LEU B 107 12.18 -8.21 -16.08
CA LEU B 107 11.20 -7.23 -15.62
C LEU B 107 11.87 -6.39 -14.56
N GLY B 108 12.07 -5.10 -14.83
CA GLY B 108 12.77 -4.24 -13.91
C GLY B 108 12.11 -2.88 -13.84
N SER B 109 12.52 -2.13 -12.83
CA SER B 109 12.05 -0.76 -12.63
C SER B 109 13.16 0.19 -13.08
N PHE B 110 12.84 1.04 -14.05
CA PHE B 110 13.82 1.92 -14.68
C PHE B 110 13.51 3.37 -14.35
N SER B 111 14.56 4.18 -14.24
CA SER B 111 14.42 5.57 -13.85
C SER B 111 14.91 6.48 -14.97
N ASN B 112 14.22 7.60 -15.16
CA ASN B 112 14.61 8.60 -16.13
C ASN B 112 14.11 9.95 -15.66
N ASP B 113 14.71 11.01 -16.18
CA ASP B 113 14.31 12.37 -15.82
C ASP B 113 12.96 12.65 -16.48
N MET B 114 11.88 12.52 -15.71
CA MET B 114 10.54 12.72 -16.21
C MET B 114 9.96 14.01 -15.64
N ASP B 115 9.36 14.81 -16.50
CA ASP B 115 8.87 16.14 -16.16
C ASP B 115 7.37 16.22 -16.41
N PHE B 116 6.59 16.25 -15.34
CA PHE B 116 5.13 16.20 -15.41
C PHE B 116 4.47 17.56 -15.27
N ARG B 117 5.15 18.64 -15.67
CA ARG B 117 4.61 19.96 -15.41
C ARG B 117 3.42 20.32 -16.30
N LEU B 118 3.11 19.51 -17.30
CA LEU B 118 1.93 19.70 -18.12
C LEU B 118 0.99 18.52 -17.95
N PHE B 119 0.80 18.10 -16.70
CA PHE B 119 0.45 16.74 -16.33
C PHE B 119 -0.54 16.03 -17.25
N PRO B 120 -1.76 16.53 -17.47
CA PRO B 120 -2.70 15.74 -18.28
C PRO B 120 -2.31 15.68 -19.75
N PHE B 121 -1.39 16.51 -20.22
CA PHE B 121 -0.99 16.53 -21.62
C PHE B 121 0.51 16.39 -21.76
N ASP B 122 1.16 15.74 -20.80
CA ASP B 122 2.61 15.65 -20.80
C ASP B 122 3.09 14.61 -21.79
N ARG B 123 4.31 14.81 -22.29
CA ARG B 123 4.99 13.84 -23.13
C ARG B 123 6.19 13.32 -22.36
N GLN B 124 6.27 12.01 -22.22
CA GLN B 124 7.39 11.38 -21.54
C GLN B 124 8.32 10.74 -22.55
N GLN B 125 9.40 10.17 -22.05
CA GLN B 125 10.35 9.46 -22.91
C GLN B 125 10.95 8.34 -22.08
N PHE B 126 10.39 7.14 -22.20
CA PHE B 126 10.90 5.99 -21.47
C PHE B 126 12.23 5.57 -22.07
N VAL B 127 13.22 5.35 -21.21
CA VAL B 127 14.60 5.15 -21.64
C VAL B 127 15.14 3.88 -21.02
N LEU B 128 15.84 3.07 -21.83
CA LEU B 128 16.60 1.93 -21.36
C LEU B 128 18.06 2.14 -21.76
N GLU B 129 18.97 2.03 -20.80
CA GLU B 129 20.39 2.16 -21.06
C GLU B 129 21.07 0.86 -20.71
N LEU B 130 21.81 0.30 -21.65
CA LEU B 130 22.47 -0.98 -21.48
C LEU B 130 23.97 -0.78 -21.62
N GLU B 131 24.75 -1.50 -20.82
CA GLU B 131 26.19 -1.31 -20.81
C GLU B 131 26.84 -2.52 -20.19
N PRO B 132 27.91 -3.05 -20.80
CA PRO B 132 28.60 -4.18 -20.18
C PRO B 132 29.13 -3.79 -18.82
N PHE B 133 29.03 -4.71 -17.87
CA PHE B 133 29.31 -4.35 -16.49
C PHE B 133 30.80 -4.25 -16.19
N SER B 134 31.63 -5.03 -16.89
CA SER B 134 33.03 -5.07 -16.50
C SER B 134 33.99 -5.10 -17.68
N TYR B 135 33.56 -4.70 -18.87
CA TYR B 135 34.45 -4.74 -20.02
C TYR B 135 34.41 -3.41 -20.77
N ASN B 136 35.55 -3.03 -21.32
CA ASN B 136 35.66 -1.82 -22.13
C ASN B 136 35.97 -2.10 -23.59
N ASN B 137 36.59 -3.24 -23.90
CA ASN B 137 36.82 -3.66 -25.27
C ASN B 137 36.10 -4.97 -25.52
N GLN B 138 34.83 -4.98 -25.14
CA GLN B 138 33.79 -5.80 -25.73
C GLN B 138 32.73 -4.83 -26.20
N GLN B 139 32.66 -4.60 -27.51
CA GLN B 139 31.98 -3.45 -28.09
C GLN B 139 30.67 -3.87 -28.74
N LEU B 140 29.60 -3.12 -28.47
CA LEU B 140 28.29 -3.37 -29.06
C LEU B 140 28.21 -2.68 -30.42
N ARG B 141 27.72 -3.39 -31.43
CA ARG B 141 27.58 -2.81 -32.76
C ARG B 141 26.13 -2.52 -33.14
N PHE B 142 25.29 -3.53 -33.17
CA PHE B 142 23.93 -3.38 -33.66
C PHE B 142 22.96 -3.36 -32.50
N SER B 143 21.95 -2.50 -32.60
CA SER B 143 20.84 -2.52 -31.67
C SER B 143 19.55 -2.45 -32.47
N ASP B 144 18.75 -3.51 -32.38
CA ASP B 144 17.42 -3.55 -32.96
C ASP B 144 16.41 -3.59 -31.83
N ILE B 145 15.47 -2.66 -31.83
CA ILE B 145 14.42 -2.63 -30.83
C ILE B 145 13.11 -2.96 -31.54
N GLN B 146 12.48 -4.04 -31.12
CA GLN B 146 11.27 -4.54 -31.74
C GLN B 146 10.14 -4.42 -30.72
N VAL B 147 9.45 -3.28 -30.73
CA VAL B 147 8.25 -3.12 -29.89
C VAL B 147 7.10 -3.64 -30.75
N TYR B 148 6.95 -4.96 -30.74
CA TYR B 148 5.97 -5.60 -31.59
C TYR B 148 4.53 -5.39 -31.11
N THR B 149 4.35 -4.82 -29.94
CA THR B 149 3.01 -4.59 -29.46
C THR B 149 2.37 -3.47 -30.27
N GLU B 150 1.76 -3.83 -31.41
CA GLU B 150 1.08 -2.84 -32.24
C GLU B 150 -0.20 -2.39 -31.57
N ASN B 151 -0.06 -1.60 -30.51
CA ASN B 151 -1.20 -1.14 -29.74
C ASN B 151 -1.96 -0.04 -30.45
N ILE B 152 -1.71 0.19 -31.74
CA ILE B 152 -2.49 1.15 -32.50
C ILE B 152 -3.96 0.76 -32.47
N ASP B 153 -4.25 -0.51 -32.69
CA ASP B 153 -5.58 -1.03 -32.39
C ASP B 153 -5.79 -1.05 -30.88
N ASN B 154 -7.05 -0.87 -30.48
CA ASN B 154 -7.46 -0.74 -29.09
C ASN B 154 -6.50 0.16 -28.31
N GLU B 155 -6.05 1.23 -28.95
CA GLU B 155 -5.18 2.19 -28.28
C GLU B 155 -5.93 2.99 -27.22
N GLU B 156 -7.23 3.20 -27.43
CA GLU B 156 -8.01 4.06 -26.55
C GLU B 156 -8.30 3.45 -25.19
N ILE B 157 -8.01 2.16 -25.00
CA ILE B 157 -8.16 1.54 -23.69
C ILE B 157 -6.85 1.46 -22.93
N ASP B 158 -5.78 2.04 -23.47
CA ASP B 158 -4.47 2.01 -22.83
C ASP B 158 -4.16 3.36 -22.23
N GLU B 159 -3.42 3.34 -21.13
CA GLU B 159 -3.08 4.56 -20.41
C GLU B 159 -2.06 5.42 -21.15
N TRP B 160 -1.15 4.81 -21.90
CA TRP B 160 -0.09 5.53 -22.59
C TRP B 160 -0.15 5.21 -24.08
N TRP B 161 -0.10 6.25 -24.90
CA TRP B 161 -0.02 6.08 -26.34
C TRP B 161 1.43 6.21 -26.76
N ILE B 162 1.89 5.26 -27.58
CA ILE B 162 3.29 5.19 -27.96
C ILE B 162 3.43 5.68 -29.38
N ARG B 163 4.15 6.77 -29.56
CA ARG B 163 4.34 7.41 -30.86
C ARG B 163 5.70 7.05 -31.42
N GLY B 164 5.75 6.79 -32.72
CA GLY B 164 6.99 6.39 -33.36
C GLY B 164 7.34 4.95 -33.02
N LYS B 165 8.48 4.50 -33.52
CA LYS B 165 8.87 3.13 -33.24
C LYS B 165 9.79 3.03 -32.04
N ALA B 166 11.00 3.54 -32.17
CA ALA B 166 12.00 3.54 -31.11
C ALA B 166 13.27 4.20 -31.62
N SER B 167 14.07 4.78 -30.74
CA SER B 167 15.34 5.37 -31.11
C SER B 167 16.45 4.57 -30.45
N THR B 168 17.41 4.14 -31.25
CA THR B 168 18.56 3.40 -30.76
C THR B 168 19.81 4.22 -31.00
N HIS B 169 20.82 3.99 -30.17
CA HIS B 169 22.05 4.76 -30.27
C HIS B 169 23.15 4.00 -29.54
N ILE B 170 24.26 3.77 -30.25
CA ILE B 170 25.45 3.14 -29.67
C ILE B 170 26.49 4.23 -29.52
N SER B 171 26.91 4.48 -28.28
CA SER B 171 27.88 5.53 -27.99
C SER B 171 28.96 4.99 -27.07
N ASP B 172 29.94 5.83 -26.77
CA ASP B 172 31.03 5.47 -25.88
C ASP B 172 31.02 6.42 -24.69
N ILE B 173 30.84 5.87 -23.50
CA ILE B 173 30.85 6.64 -22.28
C ILE B 173 32.24 6.55 -21.66
N ARG B 174 32.79 7.70 -21.30
CA ARG B 174 34.12 7.76 -20.70
C ARG B 174 33.98 7.95 -19.18
N TYR B 175 34.68 7.12 -18.43
CA TYR B 175 34.72 7.21 -16.98
C TYR B 175 36.11 7.70 -16.58
N ASP B 176 36.20 8.99 -16.26
CA ASP B 176 37.49 9.57 -15.89
C ASP B 176 37.91 9.16 -14.49
N HIS B 177 37.00 8.64 -13.68
CA HIS B 177 37.30 8.20 -12.33
C HIS B 177 37.82 6.77 -12.33
N LEU B 178 38.81 6.46 -13.15
CA LEU B 178 39.18 5.07 -13.37
C LEU B 178 40.69 4.93 -13.30
N SER B 179 41.18 3.78 -13.76
CA SER B 179 42.57 3.40 -13.59
C SER B 179 43.51 4.47 -14.13
N SER B 180 44.71 4.54 -13.54
CA SER B 180 45.71 5.51 -14.01
C SER B 180 46.11 5.23 -15.44
N VAL B 181 46.26 3.95 -15.80
CA VAL B 181 46.56 3.56 -17.17
C VAL B 181 45.22 3.43 -17.88
N GLN B 182 44.80 4.50 -18.55
CA GLN B 182 43.56 4.53 -19.31
C GLN B 182 43.81 5.11 -20.69
N PRO B 183 44.59 4.43 -21.54
CA PRO B 183 44.72 4.87 -22.93
C PRO B 183 43.40 4.68 -23.67
N ASN B 184 42.86 3.47 -23.56
CA ASN B 184 41.50 3.19 -23.99
C ASN B 184 40.77 2.36 -22.94
N GLN B 185 41.30 2.27 -21.72
CA GLN B 185 40.76 1.39 -20.70
C GLN B 185 39.70 2.06 -19.83
N ASN B 186 39.10 3.13 -20.31
CA ASN B 186 38.05 3.79 -19.54
C ASN B 186 36.83 4.16 -20.37
N GLU B 187 36.69 3.63 -21.57
CA GLU B 187 35.52 3.88 -22.41
C GLU B 187 34.69 2.62 -22.49
N PHE B 188 33.39 2.74 -22.27
CA PHE B 188 32.47 1.62 -22.27
C PHE B 188 31.40 1.84 -23.32
N SER B 189 31.12 0.81 -24.12
CA SER B 189 30.03 0.90 -25.08
C SER B 189 28.70 0.99 -24.36
N ARG B 190 27.78 1.76 -24.91
CA ARG B 190 26.47 1.95 -24.29
C ARG B 190 25.39 1.96 -25.35
N ILE B 191 24.28 1.28 -25.08
CA ILE B 191 23.11 1.26 -25.93
C ILE B 191 22.01 2.03 -25.23
N THR B 192 21.45 3.03 -25.92
CA THR B 192 20.36 3.82 -25.39
C THR B 192 19.13 3.59 -26.25
N VAL B 193 18.00 3.28 -25.62
CA VAL B 193 16.74 3.07 -26.30
C VAL B 193 15.74 4.09 -25.75
N ARG B 194 15.08 4.81 -26.66
CA ARG B 194 14.11 5.83 -26.28
C ARG B 194 12.78 5.53 -26.94
N ILE B 195 11.71 5.54 -26.15
CA ILE B 195 10.36 5.31 -26.64
C ILE B 195 9.53 6.52 -26.23
N ASP B 196 9.05 7.27 -27.21
CA ASP B 196 8.20 8.42 -26.92
C ASP B 196 6.80 7.97 -26.53
N ALA B 197 6.15 8.77 -25.71
CA ALA B 197 4.80 8.44 -25.28
C ALA B 197 4.04 9.71 -24.98
N VAL B 198 2.72 9.63 -25.07
CA VAL B 198 1.82 10.72 -24.75
C VAL B 198 0.74 10.16 -23.83
N ARG B 199 0.46 10.88 -22.75
CA ARG B 199 -0.55 10.42 -21.82
C ARG B 199 -1.92 10.50 -22.47
N ASN B 200 -2.85 9.69 -21.96
CA ASN B 200 -4.20 9.61 -22.47
C ASN B 200 -5.09 10.62 -21.73
N PRO B 201 -5.33 11.78 -22.32
CA PRO B 201 -6.03 12.86 -21.59
C PRO B 201 -7.55 12.81 -21.79
N SER B 202 -8.16 11.71 -21.37
CA SER B 202 -9.61 11.60 -21.45
C SER B 202 -10.26 11.56 -20.08
N TYR B 203 -9.74 10.74 -19.17
CA TYR B 203 -10.28 10.73 -17.83
C TYR B 203 -10.02 12.04 -17.12
N TYR B 204 -8.84 12.62 -17.31
CA TYR B 204 -8.50 13.86 -16.65
C TYR B 204 -9.09 15.08 -17.33
N LEU B 205 -9.63 14.94 -18.53
CA LEU B 205 -10.24 16.06 -19.23
C LEU B 205 -11.74 16.12 -19.05
N TRP B 206 -12.38 15.02 -18.67
CA TRP B 206 -13.81 14.98 -18.47
C TRP B 206 -14.23 14.93 -17.02
N SER B 207 -13.41 14.36 -16.15
CA SER B 207 -13.78 14.21 -14.75
C SER B 207 -13.05 15.16 -13.81
N PHE B 208 -12.08 15.91 -14.30
CA PHE B 208 -11.36 16.85 -13.46
C PHE B 208 -11.36 18.27 -13.98
N ILE B 209 -11.22 18.47 -15.27
CA ILE B 209 -11.13 19.83 -15.81
C ILE B 209 -12.49 20.40 -16.13
N LEU B 210 -13.36 19.63 -16.77
CA LEU B 210 -14.69 20.13 -17.08
C LEU B 210 -15.50 20.47 -15.84
N PRO B 211 -15.65 19.58 -14.85
CA PRO B 211 -16.39 19.97 -13.66
C PRO B 211 -15.75 21.11 -12.89
N LEU B 212 -14.42 21.21 -12.90
CA LEU B 212 -13.79 22.35 -12.24
C LEU B 212 -14.10 23.65 -12.94
N GLY B 213 -14.25 23.62 -14.26
CA GLY B 213 -14.66 24.81 -14.98
C GLY B 213 -16.08 25.21 -14.66
N LEU B 214 -16.94 24.25 -14.35
CA LEU B 214 -18.32 24.56 -14.01
C LEU B 214 -18.44 25.12 -12.59
N ILE B 215 -17.66 24.60 -11.66
CA ILE B 215 -17.69 25.12 -10.29
C ILE B 215 -17.21 26.56 -10.25
N ILE B 216 -16.12 26.85 -10.94
CA ILE B 216 -15.62 28.22 -10.97
C ILE B 216 -16.59 29.12 -11.71
N ALA B 217 -17.19 28.64 -12.80
CA ALA B 217 -18.16 29.43 -13.53
C ALA B 217 -19.38 29.71 -12.67
N ALA B 218 -19.85 28.72 -11.92
CA ALA B 218 -20.98 28.93 -11.02
C ALA B 218 -20.62 29.84 -9.86
N SER B 219 -19.34 30.02 -9.56
CA SER B 219 -18.96 30.92 -8.49
C SER B 219 -19.22 32.37 -8.85
N TRP B 220 -19.18 32.71 -10.14
CA TRP B 220 -19.49 34.07 -10.55
C TRP B 220 -20.97 34.37 -10.47
N SER B 221 -21.81 33.36 -10.21
CA SER B 221 -23.22 33.60 -10.02
C SER B 221 -23.53 34.35 -8.74
N VAL B 222 -22.56 34.49 -7.84
CA VAL B 222 -22.80 35.15 -6.57
C VAL B 222 -23.09 36.62 -6.76
N PHE B 223 -22.76 37.20 -7.91
CA PHE B 223 -23.03 38.60 -8.17
C PHE B 223 -24.43 38.86 -8.68
N TRP B 224 -25.26 37.82 -8.77
CA TRP B 224 -26.64 37.99 -9.21
C TRP B 224 -27.63 37.95 -8.05
N LEU B 225 -27.20 37.56 -6.87
CA LEU B 225 -28.04 37.69 -5.69
C LEU B 225 -28.22 39.17 -5.37
N GLU B 226 -29.29 39.48 -4.65
CA GLU B 226 -29.72 40.87 -4.48
C GLU B 226 -29.71 41.32 -3.03
N SER B 227 -28.73 40.87 -2.27
CA SER B 227 -28.60 41.29 -0.88
C SER B 227 -27.16 41.10 -0.45
N PHE B 228 -26.67 42.03 0.38
CA PHE B 228 -25.31 41.88 0.89
C PHE B 228 -25.18 40.62 1.74
N SER B 229 -26.18 40.35 2.58
CA SER B 229 -26.11 39.17 3.43
C SER B 229 -26.11 37.88 2.62
N GLU B 230 -26.86 37.84 1.52
CA GLU B 230 -26.91 36.62 0.73
C GLU B 230 -25.62 36.40 -0.06
N ARG B 231 -25.03 37.47 -0.58
CA ARG B 231 -23.81 37.31 -1.37
C ARG B 231 -22.66 36.81 -0.50
N LEU B 232 -22.57 37.30 0.73
CA LEU B 232 -21.46 36.89 1.59
C LEU B 232 -21.62 35.45 2.06
N GLN B 233 -22.83 35.06 2.43
CA GLN B 233 -23.02 33.73 3.00
C GLN B 233 -22.83 32.64 1.96
N THR B 234 -23.28 32.86 0.73
CA THR B 234 -23.08 31.85 -0.30
C THR B 234 -21.65 31.83 -0.83
N SER B 235 -20.83 32.81 -0.49
CA SER B 235 -19.43 32.74 -0.86
C SER B 235 -18.68 31.71 -0.01
N PHE B 236 -19.12 31.50 1.23
CA PHE B 236 -18.47 30.51 2.06
C PHE B 236 -18.84 29.09 1.67
N THR B 237 -20.05 28.89 1.16
CA THR B 237 -20.40 27.59 0.60
C THR B 237 -19.56 27.30 -0.64
N LEU B 238 -19.32 28.32 -1.47
CA LEU B 238 -18.45 28.15 -2.61
C LEU B 238 -17.03 27.83 -2.20
N MET B 239 -16.54 28.50 -1.15
CA MET B 239 -15.20 28.23 -0.66
C MET B 239 -15.08 26.80 -0.15
N LEU B 240 -16.15 26.30 0.48
CA LEU B 240 -16.15 24.91 0.92
C LEU B 240 -16.21 23.95 -0.26
N THR B 241 -16.88 24.34 -1.34
CA THR B 241 -16.95 23.47 -2.51
C THR B 241 -15.58 23.28 -3.15
N VAL B 242 -14.79 24.36 -3.23
CA VAL B 242 -13.48 24.25 -3.86
C VAL B 242 -12.54 23.41 -3.01
N VAL B 243 -12.61 23.56 -1.68
CA VAL B 243 -11.80 22.72 -0.80
C VAL B 243 -12.22 21.26 -0.94
N ALA B 244 -13.52 21.01 -1.01
CA ALA B 244 -14.00 19.65 -1.24
C ALA B 244 -13.60 19.13 -2.60
N TYR B 245 -13.28 20.02 -3.54
CA TYR B 245 -12.82 19.60 -4.86
C TYR B 245 -11.31 19.42 -4.90
N ALA B 246 -10.56 20.24 -4.17
CA ALA B 246 -9.12 20.03 -4.08
C ALA B 246 -8.80 18.73 -3.38
N PHE B 247 -9.70 18.23 -2.54
CA PHE B 247 -9.51 16.93 -1.93
C PHE B 247 -9.79 15.81 -2.92
N TYR B 248 -10.88 15.91 -3.67
CA TYR B 248 -11.20 14.91 -4.68
C TYR B 248 -10.12 14.84 -5.75
N THR B 249 -9.45 15.96 -6.02
CA THR B 249 -8.38 15.97 -7.01
C THR B 249 -7.09 15.37 -6.45
N SER B 250 -6.66 15.84 -5.28
CA SER B 250 -5.39 15.38 -4.72
C SER B 250 -5.44 13.93 -4.28
N ASN B 251 -6.62 13.35 -4.16
CA ASN B 251 -6.76 11.95 -3.78
C ASN B 251 -6.66 11.01 -4.96
N ILE B 252 -6.62 11.53 -6.19
CA ILE B 252 -6.58 10.72 -7.40
C ILE B 252 -5.37 11.04 -8.25
N LEU B 253 -5.06 12.31 -8.44
CA LEU B 253 -3.94 12.70 -9.26
C LEU B 253 -2.63 12.21 -8.64
N PRO B 254 -1.61 11.95 -9.45
CA PRO B 254 -0.34 11.48 -8.90
C PRO B 254 0.35 12.57 -8.11
N ARG B 255 1.12 12.14 -7.11
CA ARG B 255 1.87 13.08 -6.30
C ARG B 255 3.05 13.64 -7.08
N LEU B 256 3.28 14.94 -6.94
CA LEU B 256 4.34 15.64 -7.65
C LEU B 256 4.94 16.69 -6.74
N PRO B 257 6.19 17.08 -6.98
CA PRO B 257 6.81 18.16 -6.21
C PRO B 257 6.60 19.55 -6.78
N TYR B 258 5.71 19.73 -7.75
CA TYR B 258 5.39 21.03 -8.31
C TYR B 258 3.91 21.07 -8.63
N THR B 259 3.43 22.22 -9.06
CA THR B 259 2.02 22.38 -9.39
C THR B 259 1.78 22.10 -10.86
N THR B 260 0.80 21.26 -11.14
CA THR B 260 0.41 20.95 -12.50
C THR B 260 -0.57 22.02 -12.99
N VAL B 261 -1.23 21.78 -14.12
CA VAL B 261 -2.20 22.75 -14.61
C VAL B 261 -3.54 22.63 -13.91
N ILE B 262 -3.86 21.46 -13.35
CA ILE B 262 -5.10 21.32 -12.60
C ILE B 262 -5.01 22.08 -11.28
N ASP B 263 -3.88 21.96 -10.58
CA ASP B 263 -3.73 22.64 -9.30
C ASP B 263 -3.71 24.15 -9.46
N GLN B 264 -3.19 24.65 -10.58
CA GLN B 264 -3.18 26.09 -10.79
C GLN B 264 -4.58 26.63 -11.07
N MET B 265 -5.49 25.78 -11.54
CA MET B 265 -6.88 26.21 -11.65
C MET B 265 -7.55 26.26 -10.29
N ILE B 266 -7.20 25.31 -9.41
CA ILE B 266 -7.77 25.32 -8.07
C ILE B 266 -7.32 26.56 -7.31
N ILE B 267 -6.05 26.94 -7.46
CA ILE B 267 -5.57 28.16 -6.81
C ILE B 267 -6.31 29.36 -7.35
N ALA B 268 -6.56 29.40 -8.65
CA ALA B 268 -7.38 30.46 -9.21
C ALA B 268 -8.81 30.39 -8.70
N GLY B 269 -9.31 29.19 -8.39
CA GLY B 269 -10.61 29.08 -7.79
C GLY B 269 -10.67 29.72 -6.41
N TYR B 270 -9.67 29.46 -5.57
CA TYR B 270 -9.59 30.13 -4.29
C TYR B 270 -9.48 31.64 -4.46
N GLY B 271 -8.65 32.08 -5.41
CA GLY B 271 -8.46 33.50 -5.61
C GLY B 271 -9.71 34.19 -6.10
N SER B 272 -10.45 33.54 -7.00
CA SER B 272 -11.66 34.15 -7.53
C SER B 272 -12.71 34.33 -6.44
N ILE B 273 -12.89 33.33 -5.59
CA ILE B 273 -13.86 33.44 -4.51
C ILE B 273 -13.41 34.48 -3.49
N PHE B 274 -12.13 34.46 -3.12
CA PHE B 274 -11.63 35.42 -2.15
C PHE B 274 -11.69 36.84 -2.71
N ALA B 275 -11.37 37.01 -3.99
CA ALA B 275 -11.49 38.34 -4.59
C ALA B 275 -12.94 38.77 -4.67
N ALA B 276 -13.87 37.82 -4.82
CA ALA B 276 -15.28 38.16 -4.80
C ALA B 276 -15.71 38.66 -3.43
N ILE B 277 -15.20 38.05 -2.36
CA ILE B 277 -15.59 38.46 -1.01
C ILE B 277 -15.16 39.89 -0.76
N LEU B 278 -13.94 40.27 -1.17
CA LEU B 278 -13.49 41.64 -0.97
C LEU B 278 -14.36 42.62 -1.74
N LEU B 279 -14.74 42.27 -2.97
CA LEU B 279 -15.59 43.17 -3.75
C LEU B 279 -16.99 43.27 -3.16
N ILE B 280 -17.54 42.16 -2.66
CA ILE B 280 -18.86 42.20 -2.05
C ILE B 280 -18.84 43.09 -0.82
N ILE B 281 -17.82 42.94 0.03
CA ILE B 281 -17.72 43.77 1.23
C ILE B 281 -17.44 45.21 0.86
N PHE B 282 -16.55 45.44 -0.09
CA PHE B 282 -16.21 46.81 -0.47
C PHE B 282 -17.39 47.51 -1.11
N ALA B 283 -18.18 46.79 -1.91
CA ALA B 283 -19.33 47.41 -2.54
C ALA B 283 -20.41 47.77 -1.54
N HIS B 284 -20.42 47.15 -0.37
CA HIS B 284 -21.43 47.40 0.62
C HIS B 284 -21.04 48.48 1.61
N HIS B 285 -19.74 48.63 1.90
CA HIS B 285 -19.29 49.52 2.95
C HIS B 285 -18.61 50.78 2.44
N ARG B 286 -18.61 51.03 1.14
CA ARG B 286 -18.15 52.32 0.63
C ARG B 286 -19.36 53.23 0.56
N GLN B 287 -19.36 54.30 1.36
CA GLN B 287 -20.52 55.16 1.41
C GLN B 287 -20.47 56.20 0.31
N ALA B 288 -20.22 55.74 -0.91
CA ALA B 288 -20.43 56.50 -2.12
C ALA B 288 -21.34 55.79 -3.11
N ASN B 289 -21.48 54.49 -3.02
CA ASN B 289 -22.46 53.68 -3.70
C ASN B 289 -23.28 52.83 -2.74
N GLY B 290 -22.65 52.32 -1.67
CA GLY B 290 -23.35 51.67 -0.58
C GLY B 290 -24.27 50.53 -0.95
N VAL B 291 -25.15 50.15 -0.01
CA VAL B 291 -26.12 49.10 -0.27
C VAL B 291 -27.27 49.59 -1.14
N GLU B 292 -27.34 50.88 -1.42
CA GLU B 292 -28.33 51.44 -2.34
C GLU B 292 -27.88 51.13 -3.77
N ASP B 293 -28.50 51.80 -4.75
CA ASP B 293 -28.18 51.56 -6.16
C ASP B 293 -26.66 51.56 -6.38
N ASP B 294 -26.13 50.42 -6.77
CA ASP B 294 -24.69 50.21 -6.83
C ASP B 294 -24.35 49.45 -8.10
N LEU B 295 -23.63 50.09 -9.01
CA LEU B 295 -23.28 49.48 -10.28
C LEU B 295 -21.91 48.81 -10.25
N LEU B 296 -21.23 48.79 -9.11
CA LEU B 296 -19.99 48.04 -9.00
C LEU B 296 -20.25 46.54 -9.07
N ILE B 297 -21.38 46.09 -8.52
CA ILE B 297 -21.72 44.67 -8.62
C ILE B 297 -22.09 44.30 -10.04
N GLN B 298 -22.91 45.14 -10.69
CA GLN B 298 -23.30 44.85 -12.07
C GLN B 298 -22.10 44.86 -12.99
N ARG B 299 -21.21 45.84 -12.83
CA ARG B 299 -19.99 45.88 -13.61
C ARG B 299 -19.10 44.68 -13.30
N CYS B 300 -19.33 44.02 -12.17
CA CYS B 300 -18.54 42.86 -11.78
C CYS B 300 -19.13 41.55 -12.30
N ARG B 301 -20.38 41.56 -12.78
CA ARG B 301 -20.93 40.36 -13.40
C ARG B 301 -20.21 40.02 -14.69
N LEU B 302 -19.68 41.02 -15.37
CA LEU B 302 -18.97 40.87 -16.63
C LEU B 302 -17.46 40.88 -16.47
N ALA B 303 -16.93 41.72 -15.58
CA ALA B 303 -15.49 41.85 -15.44
C ALA B 303 -14.85 40.65 -14.77
N PHE B 304 -15.61 39.83 -14.07
CA PHE B 304 -15.04 38.68 -13.40
C PHE B 304 -14.81 37.53 -14.36
N PRO B 305 -15.79 37.14 -15.20
CA PRO B 305 -15.49 36.10 -16.19
C PRO B 305 -14.40 36.49 -17.18
N LEU B 306 -14.34 37.75 -17.59
CA LEU B 306 -13.30 38.15 -18.54
C LEU B 306 -11.93 38.16 -17.88
N GLY B 307 -11.83 38.72 -16.69
CA GLY B 307 -10.56 38.74 -15.99
C GLY B 307 -10.04 37.35 -15.71
N PHE B 308 -10.94 36.42 -15.40
CA PHE B 308 -10.52 35.04 -15.16
C PHE B 308 -10.13 34.35 -16.47
N LEU B 309 -10.83 34.67 -17.55
CA LEU B 309 -10.48 34.09 -18.84
C LEU B 309 -9.09 34.54 -19.29
N ALA B 310 -8.75 35.81 -19.07
CA ALA B 310 -7.42 36.30 -19.41
C ALA B 310 -6.35 35.62 -18.57
N ILE B 311 -6.60 35.45 -17.27
CA ILE B 311 -5.64 34.77 -16.40
C ILE B 311 -5.47 33.32 -16.85
N GLY B 312 -6.55 32.69 -17.30
CA GLY B 312 -6.43 31.34 -17.83
C GLY B 312 -5.54 31.26 -19.05
N CYS B 313 -5.45 32.36 -19.81
CA CYS B 313 -4.56 32.38 -20.97
C CYS B 313 -3.10 32.53 -20.55
N VAL B 314 -2.83 33.30 -19.49
CA VAL B 314 -1.46 33.46 -19.03
C VAL B 314 -0.90 32.13 -18.55
N LEU B 315 -1.70 31.36 -17.80
CA LEU B 315 -1.26 30.03 -17.41
C LEU B 315 -1.19 29.09 -18.60
N VAL B 316 -1.99 29.33 -19.63
CA VAL B 316 -1.97 28.45 -20.79
C VAL B 316 -0.79 28.74 -21.71
N ILE B 317 -0.17 29.92 -21.60
CA ILE B 317 1.06 30.19 -22.34
C ILE B 317 2.31 29.93 -21.51
N ARG B 318 2.21 29.96 -20.18
CA ARG B 318 3.36 29.62 -19.35
C ARG B 318 3.76 28.17 -19.53
N GLY B 319 2.77 27.26 -19.57
CA GLY B 319 3.09 25.86 -19.73
C GLY B 319 3.69 25.52 -21.08
N ILE B 320 3.15 26.12 -22.14
CA ILE B 320 3.65 25.84 -23.48
C ILE B 320 5.07 26.38 -23.65
N THR B 321 5.36 27.54 -23.07
CA THR B 321 6.68 28.13 -23.15
C THR B 321 7.63 27.52 -22.13
N PRO C 11 10.05 -34.60 -33.53
CA PRO C 11 9.39 -33.72 -32.57
C PRO C 11 8.89 -34.48 -31.37
N VAL C 12 9.17 -33.99 -30.16
CA VAL C 12 8.74 -34.66 -28.95
C VAL C 12 7.34 -34.16 -28.60
N ASP C 13 6.38 -35.06 -28.59
CA ASP C 13 5.01 -34.71 -28.30
C ASP C 13 4.82 -34.47 -26.81
N VAL C 14 4.21 -33.35 -26.45
CA VAL C 14 3.99 -32.99 -25.06
C VAL C 14 2.51 -32.75 -24.85
N SER C 15 1.93 -33.42 -23.86
CA SER C 15 0.53 -33.25 -23.50
C SER C 15 0.45 -32.47 -22.19
N VAL C 16 -0.41 -31.48 -22.15
CA VAL C 16 -0.45 -30.52 -21.05
C VAL C 16 -1.84 -30.49 -20.44
N SER C 17 -1.89 -30.46 -19.12
CA SER C 17 -3.13 -30.24 -18.37
C SER C 17 -2.92 -29.11 -17.39
N ILE C 18 -3.80 -28.12 -17.41
CA ILE C 18 -3.73 -26.97 -16.51
C ILE C 18 -4.92 -27.05 -15.57
N PHE C 19 -4.65 -26.98 -14.27
CA PHE C 19 -5.68 -26.89 -13.25
C PHE C 19 -5.70 -25.47 -12.71
N ILE C 20 -6.88 -24.86 -12.65
CA ILE C 20 -7.04 -23.50 -12.18
C ILE C 20 -7.71 -23.55 -10.82
N ASN C 21 -7.02 -23.05 -9.80
CA ASN C 21 -7.56 -23.05 -8.45
C ASN C 21 -8.21 -21.74 -8.06
N LYS C 22 -7.71 -20.61 -8.53
CA LYS C 22 -8.14 -19.33 -8.00
C LYS C 22 -7.74 -18.22 -8.96
N ILE C 23 -8.71 -17.42 -9.38
CA ILE C 23 -8.47 -16.23 -10.18
C ILE C 23 -8.93 -15.04 -9.36
N TYR C 24 -8.03 -14.10 -9.09
CA TYR C 24 -8.33 -13.02 -8.18
C TYR C 24 -7.40 -11.86 -8.45
N GLY C 25 -7.57 -10.79 -7.68
CA GLY C 25 -6.63 -9.68 -7.70
C GLY C 25 -6.52 -8.95 -9.02
N VAL C 26 -7.64 -8.63 -9.64
CA VAL C 26 -7.62 -7.91 -10.90
C VAL C 26 -7.17 -6.48 -10.65
N ASN C 27 -6.08 -6.09 -11.32
CA ASN C 27 -5.55 -4.74 -11.25
C ASN C 27 -5.94 -4.02 -12.54
N THR C 28 -6.77 -2.99 -12.43
CA THR C 28 -7.36 -2.39 -13.62
C THR C 28 -6.39 -1.49 -14.37
N LEU C 29 -5.49 -0.81 -13.66
CA LEU C 29 -4.56 0.08 -14.35
C LEU C 29 -3.50 -0.71 -15.12
N GLU C 30 -2.94 -1.74 -14.50
CA GLU C 30 -1.94 -2.56 -15.16
C GLU C 30 -2.55 -3.62 -16.07
N GLN C 31 -3.85 -3.85 -15.98
CA GLN C 31 -4.52 -4.88 -16.75
C GLN C 31 -3.91 -6.26 -16.49
N THR C 32 -3.70 -6.57 -15.22
CA THR C 32 -3.16 -7.84 -14.80
C THR C 32 -4.09 -8.51 -13.80
N TYR C 33 -3.90 -9.81 -13.62
CA TYR C 33 -4.67 -10.59 -12.68
C TYR C 33 -3.82 -11.77 -12.23
N LYS C 34 -4.19 -12.35 -11.10
CA LYS C 34 -3.43 -13.45 -10.53
C LYS C 34 -4.17 -14.76 -10.71
N VAL C 35 -3.42 -15.80 -11.09
CA VAL C 35 -3.95 -17.14 -11.27
C VAL C 35 -3.08 -18.10 -10.49
N ASP C 36 -3.70 -19.01 -9.75
CA ASP C 36 -3.00 -20.02 -8.99
C ASP C 36 -3.50 -21.39 -9.44
N GLY C 37 -2.57 -22.30 -9.71
CA GLY C 37 -2.98 -23.61 -10.19
C GLY C 37 -1.80 -24.52 -10.43
N TYR C 38 -2.03 -25.56 -11.22
CA TYR C 38 -1.04 -26.59 -11.50
C TYR C 38 -0.77 -26.68 -12.99
N ILE C 39 0.41 -27.18 -13.33
CA ILE C 39 0.76 -27.54 -14.70
C ILE C 39 1.20 -29.00 -14.70
N VAL C 40 0.66 -29.78 -15.63
CA VAL C 40 1.03 -31.19 -15.76
C VAL C 40 1.45 -31.41 -17.21
N ALA C 41 2.73 -31.55 -17.44
CA ALA C 41 3.27 -31.85 -18.76
C ALA C 41 3.70 -33.31 -18.82
N GLN C 42 3.45 -33.95 -19.95
CA GLN C 42 3.76 -35.37 -20.09
C GLN C 42 4.26 -35.64 -21.50
N TRP C 43 5.47 -36.20 -21.60
CA TRP C 43 6.00 -36.63 -22.88
C TRP C 43 6.53 -38.05 -22.77
N THR C 44 7.23 -38.53 -23.78
CA THR C 44 7.74 -39.89 -23.79
C THR C 44 9.20 -39.87 -24.24
N GLY C 45 10.11 -40.19 -23.33
CA GLY C 45 11.52 -40.28 -23.64
C GLY C 45 11.93 -41.69 -23.97
N LYS C 46 13.14 -42.01 -23.63
CA LYS C 46 13.57 -43.36 -23.94
C LYS C 46 13.47 -44.25 -22.70
N PRO C 47 13.30 -45.55 -22.89
CA PRO C 47 13.12 -46.45 -21.74
C PRO C 47 14.30 -46.38 -20.79
N ARG C 48 14.01 -46.46 -19.50
CA ARG C 48 15.02 -46.43 -18.46
C ARG C 48 14.71 -47.51 -17.44
N LYS C 49 15.67 -47.76 -16.56
CA LYS C 49 15.55 -48.77 -15.52
C LYS C 49 15.40 -48.06 -14.18
N THR C 50 14.30 -48.31 -13.50
CA THR C 50 14.03 -47.67 -12.23
C THR C 50 14.03 -48.69 -11.10
N PRO C 51 14.33 -48.27 -9.87
CA PRO C 51 14.38 -49.22 -8.76
C PRO C 51 13.03 -49.86 -8.51
N GLY C 52 13.00 -51.19 -8.59
CA GLY C 52 11.78 -51.94 -8.39
C GLY C 52 10.89 -52.04 -9.60
N ASP C 53 11.31 -51.50 -10.75
CA ASP C 53 10.52 -51.53 -11.97
C ASP C 53 9.14 -50.91 -11.76
N LYS C 54 9.11 -49.82 -11.01
CA LYS C 54 7.90 -49.08 -10.71
C LYS C 54 8.20 -47.61 -10.88
N PRO C 55 7.17 -46.77 -11.00
CA PRO C 55 7.41 -45.34 -11.21
C PRO C 55 8.30 -44.75 -10.12
N LEU C 56 9.21 -43.88 -10.54
CA LEU C 56 10.16 -43.22 -9.66
C LEU C 56 9.78 -41.75 -9.54
N ILE C 57 9.79 -41.24 -8.31
CA ILE C 57 9.33 -39.89 -8.03
C ILE C 57 10.50 -39.05 -7.57
N VAL C 58 10.66 -37.88 -8.18
CA VAL C 58 11.78 -36.99 -7.92
C VAL C 58 11.19 -35.62 -7.59
N GLU C 59 11.34 -35.18 -6.35
CA GLU C 59 10.72 -33.96 -5.88
C GLU C 59 11.68 -32.77 -5.99
N ASN C 60 11.33 -31.67 -5.33
CA ASN C 60 11.78 -30.32 -5.65
C ASN C 60 13.25 -30.15 -5.98
N THR C 61 14.14 -30.36 -5.01
CA THR C 61 15.55 -30.09 -5.25
C THR C 61 16.28 -31.26 -5.87
N GLN C 62 15.68 -32.43 -5.90
CA GLN C 62 16.29 -33.56 -6.57
C GLN C 62 16.13 -33.50 -8.08
N ILE C 63 15.25 -32.64 -8.59
CA ILE C 63 15.12 -32.48 -10.04
C ILE C 63 16.41 -31.92 -10.62
N GLU C 64 17.00 -30.94 -9.96
CA GLU C 64 18.20 -30.30 -10.48
C GLU C 64 19.35 -31.28 -10.58
N ARG C 65 19.38 -32.29 -9.73
CA ARG C 65 20.45 -33.27 -9.81
C ARG C 65 20.26 -34.21 -11.00
N TRP C 66 19.00 -34.41 -11.42
CA TRP C 66 18.76 -35.23 -12.61
C TRP C 66 19.04 -34.48 -13.89
N ILE C 67 18.79 -33.18 -13.92
CA ILE C 67 19.08 -32.39 -15.11
C ILE C 67 20.59 -32.37 -15.37
N ASN C 68 21.37 -32.21 -14.31
CA ASN C 68 22.82 -32.19 -14.48
C ASN C 68 23.35 -33.49 -15.05
N ASN C 69 22.64 -34.60 -14.82
CA ASN C 69 23.06 -35.88 -15.35
C ASN C 69 22.52 -36.14 -16.75
N GLY C 70 21.81 -35.19 -17.34
CA GLY C 70 21.41 -35.29 -18.72
C GLY C 70 19.95 -35.59 -18.98
N LEU C 71 19.08 -35.40 -18.00
CA LEU C 71 17.65 -35.60 -18.22
C LEU C 71 17.08 -34.39 -18.95
N TRP C 72 16.25 -34.65 -19.96
CA TRP C 72 15.70 -33.59 -20.78
C TRP C 72 14.38 -33.13 -20.18
N VAL C 73 14.38 -31.96 -19.55
CA VAL C 73 13.17 -31.39 -18.97
C VAL C 73 12.95 -30.01 -19.59
N PRO C 74 12.13 -29.90 -20.64
CA PRO C 74 11.96 -28.60 -21.30
C PRO C 74 11.32 -27.58 -20.37
N ALA C 75 11.75 -26.33 -20.52
CA ALA C 75 11.22 -25.24 -19.71
C ALA C 75 10.03 -24.63 -20.43
N LEU C 76 8.88 -24.62 -19.77
CA LEU C 76 7.65 -24.06 -20.33
C LEU C 76 7.41 -22.69 -19.71
N GLU C 77 7.22 -21.69 -20.57
CA GLU C 77 7.09 -20.31 -20.13
C GLU C 77 5.69 -19.80 -20.44
N PHE C 78 5.17 -18.98 -19.55
CA PHE C 78 3.91 -18.27 -19.77
C PHE C 78 4.21 -16.97 -20.50
N ILE C 79 3.81 -16.85 -21.76
CA ILE C 79 3.99 -15.54 -22.40
C ILE C 79 2.76 -14.70 -22.20
N ASN C 80 2.43 -14.37 -20.95
CA ASN C 80 1.73 -13.13 -20.63
C ASN C 80 2.04 -12.78 -19.19
N VAL C 81 2.89 -13.58 -18.56
CA VAL C 81 3.16 -13.40 -17.14
C VAL C 81 4.02 -12.17 -16.93
N VAL C 82 3.74 -11.42 -15.89
CA VAL C 82 4.45 -10.19 -15.59
C VAL C 82 5.43 -10.52 -14.48
N GLY C 83 6.69 -10.72 -14.85
CA GLY C 83 7.70 -11.09 -13.87
C GLY C 83 8.10 -12.54 -14.01
N SER C 84 8.13 -13.25 -12.87
CA SER C 84 8.41 -14.67 -12.87
C SER C 84 7.40 -15.31 -11.93
N PRO C 85 6.70 -16.34 -12.37
CA PRO C 85 5.72 -16.98 -11.49
C PRO C 85 6.38 -17.58 -10.26
N ASP C 86 5.66 -17.55 -9.16
CA ASP C 86 6.16 -18.07 -7.88
C ASP C 86 5.88 -19.56 -7.83
N THR C 87 6.79 -20.34 -8.37
CA THR C 87 6.60 -21.79 -8.41
C THR C 87 6.81 -22.40 -7.03
N GLY C 88 5.90 -23.28 -6.63
CA GLY C 88 5.99 -23.92 -5.35
C GLY C 88 6.63 -25.29 -5.42
N ASN C 89 5.85 -26.34 -5.23
CA ASN C 89 6.37 -27.68 -5.30
C ASN C 89 6.44 -28.17 -6.75
N LYS C 90 7.53 -28.87 -7.07
CA LYS C 90 7.71 -29.49 -8.36
C LYS C 90 7.85 -30.99 -8.16
N ARG C 91 7.71 -31.74 -9.25
CA ARG C 91 7.76 -33.19 -9.14
C ARG C 91 7.93 -33.79 -10.52
N LEU C 92 8.79 -34.79 -10.63
CA LEU C 92 8.92 -35.61 -11.82
C LEU C 92 8.51 -37.04 -11.49
N MET C 93 7.93 -37.72 -12.46
CA MET C 93 7.56 -39.13 -12.30
C MET C 93 8.09 -39.89 -13.51
N LEU C 94 9.22 -40.55 -13.35
CA LEU C 94 9.88 -41.25 -14.44
C LEU C 94 9.43 -42.70 -14.46
N PHE C 95 8.66 -43.07 -15.47
CA PHE C 95 8.21 -44.43 -15.61
C PHE C 95 9.28 -45.28 -16.28
N PRO C 96 9.25 -46.60 -16.08
CA PRO C 96 10.27 -47.44 -16.71
C PRO C 96 10.11 -47.58 -18.22
N ASP C 97 8.92 -47.33 -18.77
CA ASP C 97 8.71 -47.48 -20.20
C ASP C 97 9.04 -46.21 -20.98
N GLY C 98 9.48 -45.15 -20.31
CA GLY C 98 9.93 -43.94 -20.96
C GLY C 98 9.14 -42.71 -20.61
N ARG C 99 7.88 -42.85 -20.21
CA ARG C 99 7.05 -41.69 -19.94
C ARG C 99 7.64 -40.84 -18.83
N VAL C 100 7.47 -39.53 -18.95
CA VAL C 100 7.89 -38.57 -17.95
C VAL C 100 6.74 -37.61 -17.71
N ILE C 101 6.39 -37.40 -16.46
CA ILE C 101 5.31 -36.50 -16.08
C ILE C 101 5.89 -35.41 -15.21
N TYR C 102 5.73 -34.17 -15.64
CA TYR C 102 6.22 -33.01 -14.90
C TYR C 102 5.03 -32.30 -14.30
N ASN C 103 5.09 -32.02 -13.01
CA ASN C 103 3.95 -31.51 -12.26
C ASN C 103 4.43 -30.39 -11.34
N ALA C 104 3.89 -29.20 -11.51
CA ALA C 104 4.36 -28.04 -10.78
C ALA C 104 3.19 -27.19 -10.32
N ARG C 105 3.44 -26.38 -9.31
CA ARG C 105 2.46 -25.48 -8.73
C ARG C 105 2.90 -24.06 -8.98
N PHE C 106 2.01 -23.23 -9.51
CA PHE C 106 2.39 -21.88 -9.91
C PHE C 106 1.40 -20.86 -9.38
N LEU C 107 1.91 -19.68 -9.06
CA LEU C 107 1.11 -18.50 -8.78
C LEU C 107 1.81 -17.33 -9.44
N GLY C 108 1.17 -16.74 -10.45
CA GLY C 108 1.79 -15.66 -11.19
C GLY C 108 0.78 -14.58 -11.51
N SER C 109 1.31 -13.44 -11.94
CA SER C 109 0.49 -12.31 -12.36
C SER C 109 0.50 -12.27 -13.89
N PHE C 110 -0.69 -12.35 -14.48
CA PHE C 110 -0.84 -12.45 -15.92
C PHE C 110 -1.51 -11.21 -16.48
N SER C 111 -1.13 -10.82 -17.69
CA SER C 111 -1.62 -9.61 -18.32
C SER C 111 -2.40 -9.95 -19.58
N ASN C 112 -3.47 -9.20 -19.81
CA ASN C 112 -4.28 -9.35 -21.01
C ASN C 112 -4.95 -8.02 -21.31
N ASP C 113 -5.35 -7.84 -22.56
CA ASP C 113 -6.03 -6.61 -22.97
C ASP C 113 -7.43 -6.61 -22.37
N MET C 114 -7.59 -5.89 -21.26
CA MET C 114 -8.86 -5.83 -20.55
C MET C 114 -9.48 -4.45 -20.74
N ASP C 115 -10.77 -4.43 -21.06
CA ASP C 115 -11.49 -3.20 -21.40
C ASP C 115 -12.65 -3.01 -20.43
N PHE C 116 -12.52 -2.03 -19.55
CA PHE C 116 -13.48 -1.80 -18.47
C PHE C 116 -14.45 -0.66 -18.77
N ARG C 117 -14.75 -0.41 -20.04
CA ARG C 117 -15.55 0.77 -20.37
C ARG C 117 -17.01 0.62 -19.99
N LEU C 118 -17.46 -0.57 -19.61
CA LEU C 118 -18.81 -0.79 -19.12
C LEU C 118 -18.77 -1.22 -17.66
N PHE C 119 -17.94 -0.55 -16.87
CA PHE C 119 -17.31 -1.08 -15.67
C PHE C 119 -18.18 -1.99 -14.81
N PRO C 120 -19.34 -1.56 -14.30
CA PRO C 120 -20.08 -2.44 -13.40
C PRO C 120 -20.69 -3.64 -14.10
N PHE C 121 -20.77 -3.65 -15.44
CA PHE C 121 -21.37 -4.74 -16.18
C PHE C 121 -20.41 -5.28 -17.23
N ASP C 122 -19.11 -5.13 -17.02
CA ASP C 122 -18.13 -5.52 -18.01
C ASP C 122 -17.95 -7.02 -18.05
N ARG C 123 -17.55 -7.52 -19.22
CA ARG C 123 -17.17 -8.91 -19.39
C ARG C 123 -15.69 -8.96 -19.70
N GLN C 124 -14.95 -9.72 -18.94
CA GLN C 124 -13.52 -9.89 -19.15
C GLN C 124 -13.24 -11.24 -19.75
N GLN C 125 -11.97 -11.48 -20.04
CA GLN C 125 -11.55 -12.78 -20.59
C GLN C 125 -10.14 -13.04 -20.08
N PHE C 126 -10.03 -13.77 -18.98
CA PHE C 126 -8.73 -14.12 -18.43
C PHE C 126 -8.04 -15.11 -19.33
N VAL C 127 -6.77 -14.85 -19.65
CA VAL C 127 -6.05 -15.60 -20.67
C VAL C 127 -4.73 -16.09 -20.10
N LEU C 128 -4.41 -17.35 -20.38
CA LEU C 128 -3.09 -17.92 -20.10
C LEU C 128 -2.49 -18.40 -21.40
N GLU C 129 -1.27 -17.98 -21.70
CA GLU C 129 -0.57 -18.40 -22.90
C GLU C 129 0.69 -19.13 -22.49
N LEU C 130 0.85 -20.35 -23.00
CA LEU C 130 1.98 -21.19 -22.66
C LEU C 130 2.76 -21.50 -23.91
N GLU C 131 4.08 -21.56 -23.79
CA GLU C 131 4.93 -21.74 -24.95
C GLU C 131 6.30 -22.24 -24.51
N PRO C 132 6.86 -23.24 -25.15
CA PRO C 132 8.20 -23.68 -24.77
C PRO C 132 9.19 -22.56 -24.96
N PHE C 133 10.12 -22.44 -24.03
CA PHE C 133 10.98 -21.26 -24.01
C PHE C 133 12.08 -21.32 -25.05
N SER C 134 12.55 -22.50 -25.41
CA SER C 134 13.71 -22.56 -26.29
C SER C 134 13.63 -23.65 -27.35
N TYR C 135 12.45 -24.17 -27.66
CA TYR C 135 12.33 -25.22 -28.65
C TYR C 135 11.24 -24.90 -29.66
N ASN C 136 11.47 -25.30 -30.91
CA ASN C 136 10.50 -25.14 -31.97
C ASN C 136 9.94 -26.44 -32.49
N ASN C 137 10.68 -27.55 -32.35
CA ASN C 137 10.19 -28.87 -32.70
C ASN C 137 10.17 -29.75 -31.46
N GLN C 138 9.59 -29.19 -30.41
CA GLN C 138 8.94 -29.92 -29.34
C GLN C 138 7.51 -29.40 -29.31
N GLN C 139 6.57 -30.19 -29.81
CA GLN C 139 5.24 -29.71 -30.19
C GLN C 139 4.20 -30.17 -29.19
N LEU C 140 3.32 -29.26 -28.79
CA LEU C 140 2.23 -29.56 -27.87
C LEU C 140 1.03 -30.08 -28.64
N ARG C 141 0.43 -31.16 -28.18
CA ARG C 141 -0.73 -31.73 -28.86
C ARG C 141 -2.04 -31.50 -28.11
N PHE C 142 -2.13 -31.98 -26.88
CA PHE C 142 -3.38 -31.94 -26.14
C PHE C 142 -3.32 -30.88 -25.07
N SER C 143 -4.43 -30.17 -24.89
CA SER C 143 -4.57 -29.25 -23.77
C SER C 143 -5.92 -29.51 -23.12
N ASP C 144 -5.89 -29.96 -21.88
CA ASP C 144 -7.09 -30.10 -21.06
C ASP C 144 -7.04 -29.10 -19.95
N ILE C 145 -8.08 -28.27 -19.83
CA ILE C 145 -8.18 -27.30 -18.76
C ILE C 145 -9.29 -27.74 -17.84
N GLN C 146 -8.94 -28.00 -16.58
CA GLN C 146 -9.88 -28.50 -15.58
C GLN C 146 -10.04 -27.43 -14.52
N VAL C 147 -11.01 -26.54 -14.70
CA VAL C 147 -11.37 -25.57 -13.66
C VAL C 147 -12.39 -26.27 -12.78
N TYR C 148 -11.87 -27.08 -11.87
CA TYR C 148 -12.74 -27.91 -11.04
C TYR C 148 -13.46 -27.11 -9.97
N THR C 149 -13.14 -25.84 -9.81
CA THR C 149 -13.83 -25.05 -8.81
C THR C 149 -15.24 -24.77 -9.27
N GLU C 150 -16.16 -25.69 -8.99
CA GLU C 150 -17.55 -25.51 -9.35
C GLU C 150 -18.18 -24.45 -8.48
N ASN C 151 -17.81 -23.19 -8.72
CA ASN C 151 -18.31 -22.08 -7.91
C ASN C 151 -19.73 -21.71 -8.26
N ILE C 152 -20.45 -22.56 -8.99
CA ILE C 152 -21.87 -22.30 -9.25
C ILE C 152 -22.62 -22.22 -7.93
N ASP C 153 -22.36 -23.14 -7.01
CA ASP C 153 -22.79 -22.97 -5.64
C ASP C 153 -22.01 -21.84 -4.99
N ASN C 154 -22.66 -21.15 -4.05
CA ASN C 154 -22.13 -19.96 -3.39
C ASN C 154 -21.45 -19.02 -4.38
N GLU C 155 -22.05 -18.89 -5.57
CA GLU C 155 -21.52 -17.98 -6.56
C GLU C 155 -21.74 -16.53 -6.17
N GLU C 156 -22.80 -16.24 -5.41
CA GLU C 156 -23.17 -14.87 -5.09
C GLU C 156 -22.25 -14.22 -4.07
N ILE C 157 -21.34 -14.98 -3.44
CA ILE C 157 -20.37 -14.40 -2.53
C ILE C 157 -19.02 -14.19 -3.20
N ASP C 158 -18.92 -14.44 -4.50
CA ASP C 158 -17.67 -14.29 -5.24
C ASP C 158 -17.72 -13.03 -6.09
N GLU C 159 -16.55 -12.41 -6.27
CA GLU C 159 -16.48 -11.18 -7.03
C GLU C 159 -16.66 -11.38 -8.52
N TRP C 160 -16.24 -12.53 -9.06
CA TRP C 160 -16.31 -12.80 -10.49
C TRP C 160 -17.10 -14.06 -10.73
N TRP C 161 -18.05 -14.00 -11.65
CA TRP C 161 -18.79 -15.18 -12.07
C TRP C 161 -18.17 -15.73 -13.33
N ILE C 162 -17.93 -17.03 -13.36
CA ILE C 162 -17.22 -17.67 -14.46
C ILE C 162 -18.22 -18.42 -15.31
N ARG C 163 -18.36 -18.00 -16.57
CA ARG C 163 -19.32 -18.56 -17.49
C ARG C 163 -18.62 -19.51 -18.45
N GLY C 164 -19.26 -20.64 -18.74
CA GLY C 164 -18.65 -21.63 -19.61
C GLY C 164 -17.57 -22.40 -18.87
N LYS C 165 -16.92 -23.31 -19.60
CA LYS C 165 -15.87 -24.08 -18.96
C LYS C 165 -14.50 -23.47 -19.18
N ALA C 166 -14.03 -23.51 -20.43
CA ALA C 166 -12.74 -22.96 -20.82
C ALA C 166 -12.54 -23.18 -22.31
N SER C 167 -11.75 -22.34 -22.95
CA SER C 167 -11.42 -22.51 -24.36
C SER C 167 -9.94 -22.79 -24.48
N THR C 168 -9.60 -23.87 -25.17
CA THR C 168 -8.22 -24.24 -25.41
C THR C 168 -7.93 -24.16 -26.89
N HIS C 169 -6.66 -23.93 -27.23
CA HIS C 169 -6.28 -23.77 -28.62
C HIS C 169 -4.78 -24.00 -28.73
N ILE C 170 -4.38 -24.90 -29.61
CA ILE C 170 -2.98 -25.14 -29.92
C ILE C 170 -2.71 -24.56 -31.30
N SER C 171 -1.80 -23.59 -31.36
CA SER C 171 -1.49 -22.90 -32.60
C SER C 171 0.02 -22.83 -32.78
N ASP C 172 0.45 -22.28 -33.90
CA ASP C 172 1.87 -22.10 -34.21
C ASP C 172 2.15 -20.62 -34.39
N ILE C 173 3.00 -20.08 -33.54
CA ILE C 173 3.40 -18.68 -33.62
C ILE C 173 4.71 -18.60 -34.39
N ARG C 174 4.76 -17.71 -35.38
CA ARG C 174 5.97 -17.53 -36.18
C ARG C 174 6.70 -16.28 -35.72
N TYR C 175 7.99 -16.43 -35.49
CA TYR C 175 8.86 -15.31 -35.11
C TYR C 175 9.77 -15.01 -36.29
N ASP C 176 9.44 -13.96 -37.04
CA ASP C 176 10.23 -13.60 -38.21
C ASP C 176 11.54 -12.94 -37.83
N HIS C 177 11.68 -12.50 -36.59
CA HIS C 177 12.90 -11.86 -36.11
C HIS C 177 13.89 -12.90 -35.62
N LEU C 178 14.19 -13.91 -36.43
CA LEU C 178 14.92 -15.06 -35.93
C LEU C 178 16.01 -15.44 -36.91
N SER C 179 16.58 -16.62 -36.72
CA SER C 179 17.76 -17.06 -37.46
C SER C 179 17.54 -16.96 -38.96
N SER C 180 18.64 -16.76 -39.68
CA SER C 180 18.56 -16.69 -41.14
C SER C 180 18.08 -18.01 -41.73
N VAL C 181 18.55 -19.12 -41.19
CA VAL C 181 18.09 -20.45 -41.60
C VAL C 181 16.85 -20.75 -40.76
N GLN C 182 15.69 -20.45 -41.32
CA GLN C 182 14.41 -20.71 -40.67
C GLN C 182 13.45 -21.39 -41.66
N PRO C 183 13.77 -22.62 -42.08
CA PRO C 183 12.79 -23.38 -42.88
C PRO C 183 11.59 -23.75 -42.04
N ASN C 184 11.85 -24.34 -40.88
CA ASN C 184 10.85 -24.52 -39.85
C ASN C 184 11.39 -24.14 -38.48
N GLN C 185 12.52 -23.42 -38.43
CA GLN C 185 13.20 -23.13 -37.18
C GLN C 185 12.72 -21.84 -36.54
N ASN C 186 11.54 -21.35 -36.89
CA ASN C 186 11.04 -20.13 -36.28
C ASN C 186 9.58 -20.22 -35.88
N GLU C 187 8.99 -21.41 -35.84
CA GLU C 187 7.62 -21.61 -35.40
C GLU C 187 7.61 -22.31 -34.06
N PHE C 188 6.84 -21.76 -33.12
CA PHE C 188 6.77 -22.30 -31.77
C PHE C 188 5.32 -22.69 -31.46
N SER C 189 5.14 -23.87 -30.89
CA SER C 189 3.80 -24.27 -30.45
C SER C 189 3.35 -23.39 -29.30
N ARG C 190 2.05 -23.09 -29.27
CA ARG C 190 1.50 -22.24 -28.24
C ARG C 190 0.15 -22.76 -27.79
N ILE C 191 -0.08 -22.75 -26.49
CA ILE C 191 -1.35 -23.13 -25.89
C ILE C 191 -2.00 -21.87 -25.33
N THR C 192 -3.23 -21.60 -25.75
CA THR C 192 -3.99 -20.46 -25.26
C THR C 192 -5.20 -20.96 -24.50
N VAL C 193 -5.40 -20.45 -23.29
CA VAL C 193 -6.54 -20.80 -22.46
C VAL C 193 -7.31 -19.54 -22.17
N ARG C 194 -8.62 -19.58 -22.41
CA ARG C 194 -9.49 -18.43 -22.21
C ARG C 194 -10.62 -18.81 -21.27
N ILE C 195 -10.83 -17.98 -20.25
CA ILE C 195 -11.90 -18.19 -19.28
C ILE C 195 -12.75 -16.93 -19.26
N ASP C 196 -14.00 -17.04 -19.68
CA ASP C 196 -14.90 -15.90 -19.66
C ASP C 196 -15.36 -15.60 -18.25
N ALA C 197 -15.66 -14.34 -18.00
CA ALA C 197 -16.11 -13.94 -16.67
C ALA C 197 -17.02 -12.73 -16.79
N VAL C 198 -17.89 -12.56 -15.81
CA VAL C 198 -18.78 -11.42 -15.70
C VAL C 198 -18.66 -10.87 -14.30
N ARG C 199 -18.51 -9.56 -14.18
CA ARG C 199 -18.39 -8.96 -12.87
C ARG C 199 -19.71 -9.07 -12.12
N ASN C 200 -19.62 -9.02 -10.80
CA ASN C 200 -20.77 -9.14 -9.92
C ASN C 200 -21.36 -7.76 -9.65
N PRO C 201 -22.41 -7.37 -10.36
CA PRO C 201 -22.92 -6.00 -10.27
C PRO C 201 -23.99 -5.83 -9.21
N SER C 202 -23.64 -6.10 -7.96
CA SER C 202 -24.57 -5.91 -6.85
C SER C 202 -24.14 -4.80 -5.92
N TYR C 203 -22.88 -4.79 -5.51
CA TYR C 203 -22.40 -3.69 -4.68
C TYR C 203 -22.41 -2.39 -5.44
N TYR C 204 -22.04 -2.42 -6.72
CA TYR C 204 -21.98 -1.20 -7.51
C TYR C 204 -23.34 -0.76 -8.03
N LEU C 205 -24.35 -1.61 -7.93
CA LEU C 205 -25.68 -1.27 -8.39
C LEU C 205 -26.57 -0.76 -7.27
N TRP C 206 -26.25 -1.07 -6.01
CA TRP C 206 -27.04 -0.62 -4.88
C TRP C 206 -26.40 0.49 -4.09
N SER C 207 -25.07 0.58 -4.06
CA SER C 207 -24.40 1.58 -3.26
C SER C 207 -23.81 2.71 -4.07
N PHE C 208 -23.81 2.63 -5.40
CA PHE C 208 -23.26 3.70 -6.22
C PHE C 208 -24.24 4.24 -7.24
N ILE C 209 -25.03 3.39 -7.88
CA ILE C 209 -25.91 3.87 -8.94
C ILE C 209 -27.26 4.30 -8.39
N LEU C 210 -27.85 3.53 -7.49
CA LEU C 210 -29.14 3.92 -6.93
C LEU C 210 -29.05 5.23 -6.14
N PRO C 211 -28.15 5.40 -5.18
CA PRO C 211 -28.07 6.70 -4.49
C PRO C 211 -27.72 7.85 -5.41
N LEU C 212 -26.92 7.61 -6.45
CA LEU C 212 -26.63 8.69 -7.38
C LEU C 212 -27.85 9.09 -8.17
N GLY C 213 -28.75 8.14 -8.45
CA GLY C 213 -29.99 8.49 -9.10
C GLY C 213 -30.91 9.30 -8.21
N LEU C 214 -30.83 9.08 -6.90
CA LEU C 214 -31.66 9.85 -5.98
C LEU C 214 -31.14 11.26 -5.78
N ILE C 215 -29.81 11.43 -5.74
CA ILE C 215 -29.25 12.76 -5.58
C ILE C 215 -29.57 13.63 -6.80
N ILE C 216 -29.42 13.08 -8.00
CA ILE C 216 -29.75 13.83 -9.20
C ILE C 216 -31.24 14.09 -9.27
N ALA C 217 -32.06 13.12 -8.89
CA ALA C 217 -33.50 13.32 -8.89
C ALA C 217 -33.90 14.40 -7.90
N ALA C 218 -33.29 14.40 -6.72
CA ALA C 218 -33.57 15.43 -5.74
C ALA C 218 -33.07 16.80 -6.18
N SER C 219 -32.13 16.85 -7.12
CA SER C 219 -31.64 18.12 -7.61
C SER C 219 -32.71 18.86 -8.40
N TRP C 220 -33.61 18.15 -9.06
CA TRP C 220 -34.70 18.79 -9.78
C TRP C 220 -35.75 19.37 -8.85
N SER C 221 -35.66 19.09 -7.56
CA SER C 221 -36.57 19.69 -6.60
C SER C 221 -36.34 21.18 -6.42
N VAL C 222 -35.23 21.71 -6.94
CA VAL C 222 -34.92 23.11 -6.75
C VAL C 222 -35.89 24.01 -7.49
N PHE C 223 -36.65 23.46 -8.44
CA PHE C 223 -37.61 24.25 -9.19
C PHE C 223 -38.95 24.36 -8.48
N TRP C 224 -39.07 23.80 -7.28
CA TRP C 224 -40.30 23.89 -6.52
C TRP C 224 -40.23 24.92 -5.40
N LEU C 225 -39.05 25.43 -5.10
CA LEU C 225 -38.94 26.57 -4.20
C LEU C 225 -39.54 27.80 -4.85
N GLU C 226 -39.94 28.77 -4.04
CA GLU C 226 -40.77 29.88 -4.50
C GLU C 226 -40.08 31.23 -4.32
N SER C 227 -38.77 31.27 -4.52
CA SER C 227 -38.05 32.53 -4.43
C SER C 227 -36.76 32.41 -5.23
N PHE C 228 -36.36 33.49 -5.89
CA PHE C 228 -35.10 33.46 -6.62
C PHE C 228 -33.93 33.25 -5.68
N SER C 229 -33.94 33.89 -4.52
CA SER C 229 -32.83 33.74 -3.59
C SER C 229 -32.73 32.31 -3.07
N GLU C 230 -33.86 31.66 -2.84
CA GLU C 230 -33.82 30.28 -2.32
C GLU C 230 -33.35 29.30 -3.37
N ARG C 231 -33.78 29.47 -4.63
CA ARG C 231 -33.40 28.53 -5.67
C ARG C 231 -31.90 28.59 -5.92
N LEU C 232 -31.31 29.78 -5.91
CA LEU C 232 -29.89 29.89 -6.19
C LEU C 232 -29.04 29.34 -5.04
N GLN C 233 -29.42 29.62 -3.80
CA GLN C 233 -28.59 29.21 -2.68
C GLN C 233 -28.59 27.70 -2.50
N THR C 234 -29.74 27.05 -2.70
CA THR C 234 -29.76 25.60 -2.56
C THR C 234 -29.15 24.88 -3.74
N SER C 235 -28.87 25.59 -4.84
CA SER C 235 -28.15 24.97 -5.94
C SER C 235 -26.68 24.75 -5.58
N PHE C 236 -26.11 25.61 -4.75
CA PHE C 236 -24.72 25.44 -4.35
C PHE C 236 -24.56 24.31 -3.35
N THR C 237 -25.56 24.08 -2.50
CA THR C 237 -25.53 22.89 -1.65
C THR C 237 -25.60 21.62 -2.47
N LEU C 238 -26.41 21.63 -3.53
CA LEU C 238 -26.48 20.49 -4.42
C LEU C 238 -25.15 20.28 -5.13
N MET C 239 -24.52 21.36 -5.56
CA MET C 239 -23.22 21.25 -6.23
C MET C 239 -22.18 20.67 -5.28
N LEU C 240 -22.24 21.03 -4.00
CA LEU C 240 -21.34 20.45 -3.02
C LEU C 240 -21.65 18.98 -2.77
N THR C 241 -22.93 18.59 -2.86
CA THR C 241 -23.29 17.19 -2.66
C THR C 241 -22.70 16.30 -3.75
N VAL C 242 -22.73 16.76 -5.00
CA VAL C 242 -22.21 15.96 -6.09
C VAL C 242 -20.70 15.82 -6.01
N VAL C 243 -20.01 16.89 -5.62
CA VAL C 243 -18.57 16.81 -5.41
C VAL C 243 -18.26 15.86 -4.27
N ALA C 244 -19.01 15.94 -3.19
CA ALA C 244 -18.85 15.00 -2.10
C ALA C 244 -19.18 13.57 -2.50
N TYR C 245 -19.94 13.39 -3.58
CA TYR C 245 -20.26 12.07 -4.08
C TYR C 245 -19.22 11.59 -5.08
N ALA C 246 -18.67 12.47 -5.89
CA ALA C 246 -17.60 12.09 -6.78
C ALA C 246 -16.35 11.67 -6.01
N PHE C 247 -16.20 12.16 -4.79
CA PHE C 247 -15.10 11.73 -3.94
C PHE C 247 -15.37 10.34 -3.37
N TYR C 248 -16.58 10.11 -2.87
CA TYR C 248 -16.93 8.79 -2.37
C TYR C 248 -16.86 7.73 -3.45
N THR C 249 -17.10 8.11 -4.69
CA THR C 249 -17.02 7.16 -5.80
C THR C 249 -15.58 6.89 -6.20
N SER C 250 -14.80 7.95 -6.43
CA SER C 250 -13.42 7.78 -6.89
C SER C 250 -12.51 7.18 -5.84
N ASN C 251 -12.94 7.14 -4.58
CA ASN C 251 -12.15 6.54 -3.52
C ASN C 251 -12.37 5.04 -3.40
N ILE C 252 -13.34 4.49 -4.13
CA ILE C 252 -13.67 3.07 -4.05
C ILE C 252 -13.54 2.39 -5.41
N LEU C 253 -14.06 3.01 -6.46
CA LEU C 253 -14.00 2.41 -7.78
C LEU C 253 -12.56 2.26 -8.23
N PRO C 254 -12.26 1.28 -9.08
CA PRO C 254 -10.89 1.10 -9.55
C PRO C 254 -10.47 2.22 -10.46
N ARG C 255 -9.17 2.50 -10.44
CA ARG C 255 -8.62 3.53 -11.30
C ARG C 255 -8.59 3.07 -12.75
N LEU C 256 -8.95 3.97 -13.65
CA LEU C 256 -9.02 3.67 -15.07
C LEU C 256 -8.55 4.87 -15.86
N PRO C 257 -8.07 4.67 -17.09
CA PRO C 257 -7.71 5.80 -17.95
C PRO C 257 -8.83 6.33 -18.82
N TYR C 258 -10.08 5.94 -18.59
CA TYR C 258 -11.21 6.46 -19.32
C TYR C 258 -12.39 6.57 -18.37
N THR C 259 -13.50 7.11 -18.85
CA THR C 259 -14.69 7.30 -18.03
C THR C 259 -15.59 6.09 -18.15
N THR C 260 -16.02 5.56 -17.01
CA THR C 260 -16.95 4.45 -16.97
C THR C 260 -18.38 5.01 -17.06
N VAL C 261 -19.39 4.17 -16.80
CA VAL C 261 -20.75 4.67 -16.83
C VAL C 261 -21.14 5.39 -15.55
N ILE C 262 -20.47 5.11 -14.43
CA ILE C 262 -20.75 5.85 -13.21
C ILE C 262 -20.24 7.27 -13.31
N ASP C 263 -19.03 7.45 -13.85
CA ASP C 263 -18.46 8.79 -13.96
C ASP C 263 -19.25 9.65 -14.94
N GLN C 264 -19.81 9.06 -15.99
CA GLN C 264 -20.61 9.82 -16.92
C GLN C 264 -21.93 10.28 -16.32
N MET C 265 -22.42 9.59 -15.30
CA MET C 265 -23.58 10.10 -14.57
C MET C 265 -23.21 11.27 -13.68
N ILE C 266 -22.02 11.22 -13.08
CA ILE C 266 -21.56 12.32 -12.24
C ILE C 266 -21.38 13.58 -13.08
N ILE C 267 -20.82 13.44 -14.29
CA ILE C 267 -20.68 14.59 -15.17
C ILE C 267 -22.05 15.16 -15.53
N ALA C 268 -23.02 14.28 -15.78
CA ALA C 268 -24.38 14.74 -16.00
C ALA C 268 -24.96 15.39 -14.76
N GLY C 269 -24.54 14.95 -13.58
CA GLY C 269 -24.97 15.61 -12.36
C GLY C 269 -24.47 17.03 -12.26
N TYR C 270 -23.19 17.25 -12.58
CA TYR C 270 -22.67 18.61 -12.62
C TYR C 270 -23.40 19.43 -13.67
N GLY C 271 -23.63 18.83 -14.84
CA GLY C 271 -24.28 19.58 -15.90
C GLY C 271 -25.71 19.94 -15.57
N SER C 272 -26.44 19.04 -14.92
CA SER C 272 -27.83 19.31 -14.57
C SER C 272 -27.93 20.46 -13.57
N ILE C 273 -27.07 20.46 -12.56
CA ILE C 273 -27.09 21.54 -11.58
C ILE C 273 -26.66 22.85 -12.21
N PHE C 274 -25.60 22.81 -13.02
CA PHE C 274 -25.13 24.03 -13.66
C PHE C 274 -26.15 24.57 -14.66
N ALA C 275 -26.80 23.68 -15.40
CA ALA C 275 -27.86 24.13 -16.29
C ALA C 275 -29.04 24.67 -15.53
N ALA C 276 -29.29 24.16 -14.33
CA ALA C 276 -30.36 24.70 -13.49
C ALA C 276 -30.03 26.12 -13.05
N ILE C 277 -28.77 26.39 -12.71
CA ILE C 277 -28.39 27.72 -12.25
C ILE C 277 -28.62 28.74 -13.35
N LEU C 278 -28.26 28.41 -14.58
CA LEU C 278 -28.47 29.34 -15.69
C LEU C 278 -29.95 29.61 -15.89
N LEU C 279 -30.78 28.58 -15.79
CA LEU C 279 -32.22 28.78 -15.97
C LEU C 279 -32.82 29.58 -14.82
N ILE C 280 -32.36 29.35 -13.59
CA ILE C 280 -32.86 30.12 -12.46
C ILE C 280 -32.51 31.59 -12.62
N ILE C 281 -31.26 31.88 -13.01
CA ILE C 281 -30.85 33.26 -13.19
C ILE C 281 -31.56 33.87 -14.39
N PHE C 282 -31.67 33.13 -15.48
CA PHE C 282 -32.30 33.68 -16.67
C PHE C 282 -33.79 33.92 -16.45
N ALA C 283 -34.45 33.04 -15.69
CA ALA C 283 -35.87 33.23 -15.42
C ALA C 283 -36.13 34.44 -14.54
N HIS C 284 -35.13 34.89 -13.78
CA HIS C 284 -35.30 36.01 -12.86
C HIS C 284 -34.94 37.33 -13.50
N HIS C 285 -34.00 37.35 -14.44
CA HIS C 285 -33.47 38.60 -14.97
C HIS C 285 -33.92 38.90 -16.40
N ARG C 286 -34.83 38.11 -16.97
CA ARG C 286 -35.43 38.48 -18.24
C ARG C 286 -36.68 39.29 -17.94
N GLN C 287 -36.68 40.56 -18.32
CA GLN C 287 -37.80 41.42 -17.98
C GLN C 287 -38.92 41.28 -19.01
N ALA C 288 -39.29 40.03 -19.29
CA ALA C 288 -40.51 39.69 -19.99
C ALA C 288 -41.37 38.73 -19.21
N ASN C 289 -40.80 37.96 -18.30
CA ASN C 289 -41.49 37.16 -17.30
C ASN C 289 -41.04 37.49 -15.89
N GLY C 290 -39.75 37.79 -15.70
CA GLY C 290 -39.24 38.33 -14.45
C GLY C 290 -39.52 37.52 -13.21
N VAL C 291 -39.36 38.15 -12.04
CA VAL C 291 -39.66 37.50 -10.77
C VAL C 291 -41.16 37.44 -10.49
N GLU C 292 -41.97 38.08 -11.33
CA GLU C 292 -43.41 37.99 -11.23
C GLU C 292 -43.86 36.66 -11.82
N ASP C 293 -45.15 36.51 -12.09
CA ASP C 293 -45.70 35.26 -12.63
C ASP C 293 -44.86 34.77 -13.81
N ASP C 294 -44.22 33.62 -13.63
CA ASP C 294 -43.23 33.12 -14.58
C ASP C 294 -43.42 31.64 -14.76
N LEU C 295 -43.82 31.23 -15.97
CA LEU C 295 -44.07 29.83 -16.27
C LEU C 295 -42.86 29.12 -16.85
N LEU C 296 -41.72 29.78 -16.96
CA LEU C 296 -40.50 29.09 -17.38
C LEU C 296 -40.03 28.14 -16.30
N ILE C 297 -40.21 28.48 -15.03
CA ILE C 297 -39.83 27.57 -13.96
C ILE C 297 -40.78 26.38 -13.91
N GLN C 298 -42.09 26.63 -14.03
CA GLN C 298 -43.05 25.53 -14.01
C GLN C 298 -42.83 24.60 -15.19
N ARG C 299 -42.61 25.16 -16.37
CA ARG C 299 -42.30 24.34 -17.54
C ARG C 299 -41.00 23.59 -17.37
N CYS C 300 -40.15 24.02 -16.44
CA CYS C 300 -38.87 23.39 -16.18
C CYS C 300 -38.97 22.30 -15.12
N ARG C 301 -40.07 22.22 -14.38
CA ARG C 301 -40.25 21.12 -13.44
C ARG C 301 -40.42 19.80 -14.17
N LEU C 302 -40.94 19.85 -15.39
CA LEU C 302 -41.18 18.67 -16.21
C LEU C 302 -40.11 18.46 -17.27
N ALA C 303 -39.62 19.53 -17.88
CA ALA C 303 -38.66 19.40 -18.96
C ALA C 303 -37.28 18.95 -18.49
N PHE C 304 -36.98 19.12 -17.22
CA PHE C 304 -35.66 18.73 -16.72
C PHE C 304 -35.57 17.22 -16.50
N PRO C 305 -36.53 16.58 -15.83
CA PRO C 305 -36.46 15.12 -15.72
C PRO C 305 -36.53 14.41 -17.07
N LEU C 306 -37.33 14.91 -18.01
CA LEU C 306 -37.42 14.25 -19.31
C LEU C 306 -36.13 14.43 -20.10
N GLY C 307 -35.60 15.65 -20.14
CA GLY C 307 -34.37 15.89 -20.86
C GLY C 307 -33.22 15.07 -20.30
N PHE C 308 -33.19 14.90 -18.99
CA PHE C 308 -32.14 14.09 -18.38
C PHE C 308 -32.36 12.61 -18.66
N LEU C 309 -33.62 12.17 -18.69
CA LEU C 309 -33.90 10.77 -19.01
C LEU C 309 -33.48 10.44 -20.43
N ALA C 310 -33.72 11.35 -21.38
CA ALA C 310 -33.29 11.13 -22.76
C ALA C 310 -31.77 11.06 -22.86
N ILE C 311 -31.06 11.95 -22.16
CA ILE C 311 -29.61 11.93 -22.16
C ILE C 311 -29.09 10.62 -21.56
N GLY C 312 -29.79 10.12 -20.54
CA GLY C 312 -29.41 8.83 -19.97
C GLY C 312 -29.54 7.70 -20.96
N CYS C 313 -30.43 7.83 -21.93
CA CYS C 313 -30.57 6.81 -22.97
C CYS C 313 -29.44 6.90 -23.99
N VAL C 314 -28.99 8.10 -24.31
CA VAL C 314 -27.88 8.25 -25.26
C VAL C 314 -26.63 7.59 -24.71
N LEU C 315 -26.33 7.82 -23.43
CA LEU C 315 -25.20 7.14 -22.82
C LEU C 315 -25.44 5.65 -22.68
N VAL C 316 -26.70 5.23 -22.56
CA VAL C 316 -26.99 3.81 -22.42
C VAL C 316 -26.91 3.08 -23.75
N ILE C 317 -26.98 3.78 -24.88
CA ILE C 317 -26.76 3.15 -26.17
C ILE C 317 -25.34 3.30 -26.66
N ARG C 318 -24.61 4.32 -26.18
CA ARG C 318 -23.20 4.45 -26.56
C ARG C 318 -22.38 3.28 -26.02
N GLY C 319 -22.62 2.88 -24.78
CA GLY C 319 -21.86 1.78 -24.21
C GLY C 319 -22.14 0.45 -24.87
N ILE C 320 -23.42 0.19 -25.18
CA ILE C 320 -23.78 -1.08 -25.80
C ILE C 320 -23.21 -1.17 -27.21
N THR C 321 -23.21 -0.05 -27.93
CA THR C 321 -22.67 -0.03 -29.29
C THR C 321 -21.15 0.11 -29.27
N PRO D 11 2.07 -49.08 2.87
CA PRO D 11 1.82 -47.66 3.12
C PRO D 11 2.58 -47.17 4.35
N VAL D 12 3.27 -46.05 4.22
CA VAL D 12 4.04 -45.49 5.33
C VAL D 12 3.11 -44.61 6.16
N ASP D 13 2.90 -44.99 7.42
CA ASP D 13 2.03 -44.23 8.30
C ASP D 13 2.71 -42.95 8.76
N VAL D 14 2.02 -41.84 8.64
CA VAL D 14 2.54 -40.54 9.03
C VAL D 14 1.60 -39.91 10.04
N SER D 15 2.14 -39.48 11.17
CA SER D 15 1.38 -38.82 12.21
C SER D 15 1.76 -37.35 12.22
N VAL D 16 0.76 -36.47 12.26
CA VAL D 16 0.97 -35.04 12.06
C VAL D 16 0.41 -34.27 13.24
N SER D 17 1.17 -33.27 13.69
CA SER D 17 0.73 -32.32 14.70
C SER D 17 0.94 -30.91 14.17
N ILE D 18 -0.11 -30.10 14.22
CA ILE D 18 -0.04 -28.72 13.77
C ILE D 18 -0.21 -27.81 14.97
N PHE D 19 0.73 -26.88 15.15
CA PHE D 19 0.64 -25.86 16.17
C PHE D 19 0.30 -24.54 15.50
N ILE D 20 -0.71 -23.84 16.01
CA ILE D 20 -1.15 -22.58 15.45
C ILE D 20 -0.73 -21.47 16.41
N ASN D 21 0.10 -20.56 15.93
CA ASN D 21 0.57 -19.46 16.76
C ASN D 21 -0.21 -18.17 16.57
N LYS D 22 -0.70 -17.90 15.37
CA LYS D 22 -1.24 -16.58 15.07
C LYS D 22 -2.08 -16.65 13.81
N ILE D 23 -3.33 -16.22 13.89
CA ILE D 23 -4.20 -16.07 12.74
C ILE D 23 -4.55 -14.60 12.62
N TYR D 24 -4.23 -14.01 11.49
CA TYR D 24 -4.38 -12.56 11.34
C TYR D 24 -4.47 -12.22 9.87
N GLY D 25 -4.61 -10.92 9.59
CA GLY D 25 -4.52 -10.42 8.23
C GLY D 25 -5.58 -10.93 7.29
N VAL D 26 -6.83 -10.92 7.71
CA VAL D 26 -7.92 -11.38 6.86
C VAL D 26 -8.13 -10.38 5.74
N ASN D 27 -8.01 -10.84 4.50
CA ASN D 27 -8.25 -10.03 3.32
C ASN D 27 -9.60 -10.43 2.75
N THR D 28 -10.54 -9.49 2.77
CA THR D 28 -11.93 -9.83 2.45
C THR D 28 -12.17 -9.99 0.96
N LEU D 29 -11.47 -9.24 0.12
CA LEU D 29 -11.69 -9.37 -1.32
C LEU D 29 -11.12 -10.67 -1.86
N GLU D 30 -9.90 -11.02 -1.45
CA GLU D 30 -9.26 -12.25 -1.88
C GLU D 30 -9.73 -13.47 -1.10
N GLN D 31 -10.41 -13.27 0.03
CA GLN D 31 -10.85 -14.36 0.89
C GLN D 31 -9.67 -15.19 1.35
N THR D 32 -8.61 -14.50 1.80
CA THR D 32 -7.42 -15.16 2.31
C THR D 32 -7.11 -14.65 3.71
N TYR D 33 -6.28 -15.42 4.41
CA TYR D 33 -5.85 -15.07 5.76
C TYR D 33 -4.49 -15.69 6.00
N LYS D 34 -3.77 -15.18 6.98
CA LYS D 34 -2.42 -15.63 7.28
C LYS D 34 -2.42 -16.47 8.54
N VAL D 35 -1.68 -17.56 8.51
CA VAL D 35 -1.52 -18.45 9.65
C VAL D 35 -0.03 -18.71 9.84
N ASP D 36 0.42 -18.63 11.08
CA ASP D 36 1.81 -18.89 11.43
C ASP D 36 1.84 -19.99 12.48
N GLY D 37 2.69 -20.99 12.27
CA GLY D 37 2.74 -22.09 13.20
C GLY D 37 3.78 -23.11 12.81
N TYR D 38 3.63 -24.31 13.36
CA TYR D 38 4.57 -25.41 13.16
C TYR D 38 3.88 -26.61 12.55
N ILE D 39 4.68 -27.45 11.90
CA ILE D 39 4.24 -28.75 11.41
C ILE D 39 5.18 -29.79 11.98
N VAL D 40 4.64 -30.86 12.54
CA VAL D 40 5.44 -31.95 13.08
C VAL D 40 4.93 -33.24 12.45
N ALA D 41 5.70 -33.79 11.53
CA ALA D 41 5.37 -35.06 10.89
C ALA D 41 6.29 -36.14 11.44
N GLN D 42 5.73 -37.32 11.65
CA GLN D 42 6.50 -38.43 12.23
C GLN D 42 6.11 -39.73 11.58
N TRP D 43 7.08 -40.42 11.00
CA TRP D 43 6.85 -41.77 10.46
C TRP D 43 7.91 -42.72 10.97
N THR D 44 7.96 -43.92 10.43
CA THR D 44 8.93 -44.93 10.88
C THR D 44 9.59 -45.56 9.66
N GLY D 45 10.87 -45.31 9.48
CA GLY D 45 11.65 -45.90 8.41
C GLY D 45 12.36 -47.15 8.86
N LYS D 46 13.49 -47.38 8.28
CA LYS D 46 14.20 -48.58 8.68
C LYS D 46 15.30 -48.23 9.69
N PRO D 47 15.67 -49.18 10.54
CA PRO D 47 16.67 -48.88 11.59
C PRO D 47 17.98 -48.40 10.99
N ARG D 48 18.61 -47.46 11.67
CA ARG D 48 19.88 -46.90 11.24
C ARG D 48 20.80 -46.80 12.44
N LYS D 49 22.07 -46.53 12.17
CA LYS D 49 23.08 -46.39 13.21
C LYS D 49 23.47 -44.93 13.32
N THR D 50 23.30 -44.36 14.50
CA THR D 50 23.59 -42.95 14.70
C THR D 50 24.74 -42.80 15.68
N PRO D 51 25.49 -41.70 15.61
CA PRO D 51 26.64 -41.52 16.51
C PRO D 51 26.20 -41.46 17.96
N GLY D 52 26.75 -42.37 18.76
CA GLY D 52 26.43 -42.44 20.16
C GLY D 52 25.16 -43.19 20.49
N ASP D 53 24.49 -43.78 19.49
CA ASP D 53 23.25 -44.51 19.68
C ASP D 53 22.20 -43.65 20.38
N LYS D 54 22.13 -42.39 19.98
CA LYS D 54 21.19 -41.42 20.52
C LYS D 54 20.60 -40.65 19.35
N PRO D 55 19.48 -39.96 19.55
CA PRO D 55 18.85 -39.23 18.45
C PRO D 55 19.81 -38.27 17.79
N LEU D 56 19.74 -38.21 16.47
CA LEU D 56 20.59 -37.34 15.67
C LEU D 56 19.75 -36.22 15.10
N ILE D 57 20.26 -35.00 15.16
CA ILE D 57 19.51 -33.81 14.78
C ILE D 57 20.17 -33.19 13.55
N VAL D 58 19.37 -32.92 12.53
CA VAL D 58 19.84 -32.38 11.27
C VAL D 58 19.03 -31.13 10.97
N GLU D 59 19.68 -29.97 10.99
CA GLU D 59 18.99 -28.69 10.86
C GLU D 59 19.00 -28.23 9.40
N ASN D 60 18.67 -26.94 9.21
CA ASN D 60 18.15 -26.40 7.96
C ASN D 60 18.83 -26.85 6.68
N THR D 61 20.08 -26.47 6.47
CA THR D 61 20.73 -26.79 5.20
C THR D 61 21.36 -28.16 5.18
N GLN D 62 21.49 -28.82 6.32
CA GLN D 62 22.00 -30.17 6.33
C GLN D 62 20.95 -31.19 5.93
N ILE D 63 19.68 -30.80 5.89
CA ILE D 63 18.64 -31.72 5.43
C ILE D 63 18.87 -32.08 3.96
N GLU D 64 19.20 -31.08 3.15
CA GLU D 64 19.37 -31.31 1.72
C GLU D 64 20.51 -32.28 1.44
N ARG D 65 21.52 -32.32 2.31
CA ARG D 65 22.61 -33.26 2.10
C ARG D 65 22.18 -34.68 2.42
N TRP D 66 21.22 -34.85 3.31
CA TRP D 66 20.72 -36.18 3.62
C TRP D 66 19.77 -36.69 2.54
N ILE D 67 18.99 -35.81 1.93
CA ILE D 67 18.10 -36.24 0.86
C ILE D 67 18.91 -36.73 -0.33
N ASN D 68 19.99 -36.03 -0.67
CA ASN D 68 20.82 -36.46 -1.79
C ASN D 68 21.41 -37.85 -1.56
N ASN D 69 21.59 -38.24 -0.31
CA ASN D 69 22.13 -39.56 0.00
C ASN D 69 21.05 -40.62 0.10
N GLY D 70 19.80 -40.28 -0.16
CA GLY D 70 18.74 -41.25 -0.24
C GLY D 70 17.79 -41.31 0.92
N LEU D 71 17.72 -40.29 1.75
CA LEU D 71 16.75 -40.27 2.84
C LEU D 71 15.39 -39.88 2.30
N TRP D 72 14.36 -40.61 2.73
CA TRP D 72 13.00 -40.39 2.24
C TRP D 72 12.31 -39.36 3.11
N VAL D 73 12.15 -38.15 2.60
CA VAL D 73 11.45 -37.09 3.32
C VAL D 73 10.30 -36.60 2.45
N PRO D 74 9.09 -37.10 2.64
CA PRO D 74 7.98 -36.70 1.77
C PRO D 74 7.67 -35.23 1.92
N ALA D 75 7.27 -34.61 0.81
CA ALA D 75 6.91 -33.20 0.79
C ALA D 75 5.43 -33.06 1.06
N LEU D 76 5.07 -32.32 2.10
CA LEU D 76 3.69 -32.10 2.47
C LEU D 76 3.28 -30.71 2.01
N GLU D 77 2.18 -30.64 1.28
CA GLU D 77 1.72 -29.39 0.68
C GLU D 77 0.39 -28.98 1.29
N PHE D 78 0.22 -27.67 1.47
CA PHE D 78 -1.06 -27.11 1.88
C PHE D 78 -1.91 -26.85 0.63
N ILE D 79 -2.98 -27.61 0.45
CA ILE D 79 -3.85 -27.26 -0.67
C ILE D 79 -4.92 -26.29 -0.22
N ASN D 80 -4.52 -25.10 0.21
CA ASN D 80 -5.36 -23.92 0.08
C ASN D 80 -4.44 -22.71 0.10
N VAL D 81 -3.14 -22.95 0.17
CA VAL D 81 -2.19 -21.86 0.33
C VAL D 81 -2.07 -21.11 -0.98
N VAL D 82 -1.97 -19.79 -0.90
CA VAL D 82 -1.88 -18.92 -2.06
C VAL D 82 -0.42 -18.55 -2.22
N GLY D 83 0.26 -19.23 -3.14
CA GLY D 83 1.68 -18.98 -3.34
C GLY D 83 2.52 -20.11 -2.79
N SER D 84 3.55 -19.75 -2.02
CA SER D 84 4.38 -20.73 -1.37
C SER D 84 4.60 -20.24 0.05
N PRO D 85 4.36 -21.08 1.05
CA PRO D 85 4.55 -20.64 2.43
C PRO D 85 5.99 -20.28 2.70
N ASP D 86 6.18 -19.30 3.57
CA ASP D 86 7.52 -18.82 3.92
C ASP D 86 8.06 -19.69 5.05
N THR D 87 8.69 -20.80 4.68
CA THR D 87 9.19 -21.72 5.69
C THR D 87 10.45 -21.17 6.34
N GLY D 88 10.50 -21.24 7.67
CA GLY D 88 11.64 -20.74 8.41
C GLY D 88 12.64 -21.83 8.73
N ASN D 89 12.73 -22.20 10.01
CA ASN D 89 13.65 -23.25 10.42
C ASN D 89 13.04 -24.62 10.20
N LYS D 90 13.86 -25.54 9.73
CA LYS D 90 13.49 -26.94 9.55
C LYS D 90 14.39 -27.80 10.43
N ARG D 91 13.98 -29.04 10.64
CA ARG D 91 14.75 -29.92 11.50
C ARG D 91 14.29 -31.35 11.30
N LEU D 92 15.25 -32.27 11.24
CA LEU D 92 14.98 -33.69 11.27
C LEU D 92 15.58 -34.29 12.54
N MET D 93 14.92 -35.32 13.06
CA MET D 93 15.44 -36.04 14.23
C MET D 93 15.39 -37.53 13.92
N LEU D 94 16.52 -38.09 13.54
CA LEU D 94 16.61 -39.48 13.13
C LEU D 94 16.97 -40.34 14.34
N PHE D 95 16.03 -41.14 14.80
CA PHE D 95 16.27 -42.03 15.91
C PHE D 95 16.96 -43.30 15.42
N PRO D 96 17.66 -44.01 16.31
CA PRO D 96 18.32 -45.25 15.88
C PRO D 96 17.37 -46.38 15.59
N ASP D 97 16.16 -46.36 16.13
CA ASP D 97 15.21 -47.46 15.92
C ASP D 97 14.37 -47.27 14.66
N GLY D 98 14.58 -46.20 13.91
CA GLY D 98 13.92 -45.99 12.64
C GLY D 98 13.05 -44.76 12.59
N ARG D 99 12.54 -44.28 13.72
CA ARG D 99 11.63 -43.15 13.70
C ARG D 99 12.30 -41.91 13.11
N VAL D 100 11.51 -41.12 12.41
CA VAL D 100 11.96 -39.86 11.85
C VAL D 100 10.92 -38.81 12.17
N ILE D 101 11.35 -37.68 12.72
CA ILE D 101 10.47 -36.59 13.08
C ILE D 101 10.87 -35.37 12.26
N TYR D 102 9.94 -34.83 11.49
CA TYR D 102 10.17 -33.66 10.67
C TYR D 102 9.43 -32.49 11.30
N ASN D 103 10.13 -31.38 11.50
CA ASN D 103 9.61 -30.25 12.26
C ASN D 103 9.96 -28.98 11.53
N ALA D 104 8.95 -28.19 11.16
CA ALA D 104 9.18 -27.02 10.34
C ALA D 104 8.31 -25.88 10.83
N ARG D 105 8.71 -24.67 10.48
CA ARG D 105 8.02 -23.44 10.84
C ARG D 105 7.49 -22.80 9.57
N PHE D 106 6.21 -22.46 9.54
CA PHE D 106 5.60 -21.94 8.33
C PHE D 106 4.81 -20.68 8.61
N LEU D 107 4.79 -19.79 7.62
CA LEU D 107 3.90 -18.64 7.58
C LEU D 107 3.41 -18.52 6.15
N GLY D 108 2.12 -18.73 5.94
CA GLY D 108 1.57 -18.70 4.60
C GLY D 108 0.23 -18.01 4.57
N SER D 109 -0.22 -17.70 3.37
CA SER D 109 -1.51 -17.10 3.14
C SER D 109 -2.46 -18.17 2.62
N PHE D 110 -3.55 -18.40 3.34
CA PHE D 110 -4.48 -19.49 3.05
C PHE D 110 -5.82 -18.93 2.61
N SER D 111 -6.48 -19.65 1.71
CA SER D 111 -7.75 -19.20 1.14
C SER D 111 -8.86 -20.17 1.51
N ASN D 112 -10.04 -19.62 1.76
CA ASN D 112 -11.23 -20.41 2.05
C ASN D 112 -12.45 -19.61 1.64
N ASP D 113 -13.56 -20.32 1.42
CA ASP D 113 -14.81 -19.66 1.04
C ASP D 113 -15.35 -18.92 2.25
N MET D 114 -15.11 -17.61 2.29
CA MET D 114 -15.54 -16.78 3.41
C MET D 114 -16.68 -15.88 2.97
N ASP D 115 -17.72 -15.81 3.79
CA ASP D 115 -18.96 -15.11 3.46
C ASP D 115 -19.20 -14.03 4.50
N PHE D 116 -19.04 -12.77 4.10
CA PHE D 116 -19.12 -11.63 5.01
C PHE D 116 -20.45 -10.89 4.93
N ARG D 117 -21.53 -11.58 4.58
CA ARG D 117 -22.78 -10.88 4.35
C ARG D 117 -23.45 -10.39 5.63
N LEU D 118 -22.95 -10.78 6.80
CA LEU D 118 -23.43 -10.27 8.07
C LEU D 118 -22.33 -9.50 8.76
N PHE D 119 -21.62 -8.67 8.00
CA PHE D 119 -20.24 -8.28 8.25
C PHE D 119 -19.86 -8.06 9.71
N PRO D 120 -20.49 -7.15 10.46
CA PRO D 120 -20.03 -6.91 11.82
C PRO D 120 -20.30 -8.06 12.77
N PHE D 121 -21.15 -9.01 12.40
CA PHE D 121 -21.48 -10.14 13.27
C PHE D 121 -21.27 -11.46 12.55
N ASP D 122 -20.36 -11.49 11.59
CA ASP D 122 -20.14 -12.69 10.78
C ASP D 122 -19.36 -13.74 11.55
N ARG D 123 -19.59 -14.98 11.20
CA ARG D 123 -18.80 -16.11 11.70
C ARG D 123 -18.01 -16.70 10.55
N GLN D 124 -16.71 -16.79 10.72
CA GLN D 124 -15.84 -17.36 9.71
C GLN D 124 -15.41 -18.75 10.13
N GLN D 125 -14.64 -19.40 9.26
CA GLN D 125 -14.11 -20.71 9.56
C GLN D 125 -12.77 -20.83 8.85
N PHE D 126 -11.69 -20.54 9.57
CA PHE D 126 -10.36 -20.65 9.00
C PHE D 126 -9.98 -22.11 8.82
N VAL D 127 -9.49 -22.44 7.63
CA VAL D 127 -9.29 -23.82 7.23
C VAL D 127 -7.86 -24.03 6.75
N LEU D 128 -7.24 -25.12 7.18
CA LEU D 128 -5.96 -25.57 6.66
C LEU D 128 -6.15 -26.97 6.10
N GLU D 129 -5.72 -27.18 4.86
CA GLU D 129 -5.81 -28.48 4.22
C GLU D 129 -4.41 -28.94 3.88
N LEU D 130 -4.05 -30.13 4.33
CA LEU D 130 -2.73 -30.68 4.14
C LEU D 130 -2.83 -31.97 3.34
N GLU D 131 -1.88 -32.20 2.46
CA GLU D 131 -1.95 -33.35 1.57
C GLU D 131 -0.56 -33.65 1.02
N PRO D 132 -0.12 -34.90 1.02
CA PRO D 132 1.18 -35.21 0.43
C PRO D 132 1.18 -34.84 -1.04
N PHE D 133 2.30 -34.27 -1.49
CA PHE D 133 2.33 -33.69 -2.82
C PHE D 133 2.43 -34.73 -3.93
N SER D 134 3.06 -35.87 -3.67
CA SER D 134 3.31 -36.79 -4.76
C SER D 134 3.11 -38.25 -4.38
N TYR D 135 2.40 -38.56 -3.30
CA TYR D 135 2.21 -39.94 -2.90
C TYR D 135 0.74 -40.21 -2.62
N ASN D 136 0.32 -41.43 -2.95
CA ASN D 136 -1.04 -41.89 -2.68
C ASN D 136 -1.11 -43.00 -1.65
N ASN D 137 -0.04 -43.77 -1.48
CA ASN D 137 0.04 -44.79 -0.43
C ASN D 137 1.18 -44.44 0.51
N GLN D 138 1.18 -43.19 0.93
CA GLN D 138 1.75 -42.75 2.20
C GLN D 138 0.59 -42.07 2.93
N GLN D 139 0.05 -42.75 3.92
CA GLN D 139 -1.26 -42.42 4.49
C GLN D 139 -1.11 -41.76 5.85
N LEU D 140 -1.86 -40.68 6.07
CA LEU D 140 -1.88 -39.96 7.34
C LEU D 140 -2.88 -40.60 8.27
N ARG D 141 -2.49 -40.83 9.53
CA ARG D 141 -3.41 -41.45 10.49
C ARG D 141 -3.89 -40.47 11.54
N PHE D 142 -2.99 -39.86 12.31
CA PHE D 142 -3.37 -39.03 13.43
C PHE D 142 -3.17 -37.57 13.08
N SER D 143 -4.11 -36.73 13.50
CA SER D 143 -3.94 -35.29 13.42
C SER D 143 -4.31 -34.69 14.76
N ASP D 144 -3.33 -34.08 15.42
CA ASP D 144 -3.54 -33.33 16.64
C ASP D 144 -3.30 -31.86 16.35
N ILE D 145 -4.27 -31.01 16.66
CA ILE D 145 -4.14 -29.57 16.47
C ILE D 145 -4.09 -28.95 17.85
N GLN D 146 -2.99 -28.28 18.15
CA GLN D 146 -2.77 -27.67 19.46
C GLN D 146 -2.71 -26.17 19.27
N VAL D 147 -3.86 -25.51 19.38
CA VAL D 147 -3.90 -24.05 19.39
C VAL D 147 -3.71 -23.63 20.84
N TYR D 148 -2.44 -23.62 21.25
CA TYR D 148 -2.12 -23.36 22.64
C TYR D 148 -2.31 -21.90 23.03
N THR D 149 -2.59 -21.03 22.07
CA THR D 149 -2.79 -19.64 22.42
C THR D 149 -4.12 -19.49 23.13
N GLU D 150 -4.12 -19.67 24.45
CA GLU D 150 -5.33 -19.51 25.24
C GLU D 150 -5.70 -18.05 25.33
N ASN D 151 -6.17 -17.48 24.23
CA ASN D 151 -6.52 -16.08 24.17
C ASN D 151 -7.82 -15.77 24.87
N ILE D 152 -8.34 -16.69 25.68
CA ILE D 152 -9.53 -16.41 26.48
C ILE D 152 -9.27 -15.22 27.41
N ASP D 153 -8.11 -15.22 28.06
CA ASP D 153 -7.64 -14.01 28.71
C ASP D 153 -7.25 -12.98 27.66
N ASN D 154 -7.42 -11.70 28.02
CA ASN D 154 -7.23 -10.56 27.13
C ASN D 154 -7.83 -10.82 25.75
N GLU D 155 -8.99 -11.47 25.73
CA GLU D 155 -9.67 -11.72 24.46
C GLU D 155 -10.24 -10.43 23.87
N GLU D 156 -10.59 -9.47 24.72
CA GLU D 156 -11.27 -8.26 24.26
C GLU D 156 -10.35 -7.30 23.52
N ILE D 157 -9.04 -7.53 23.53
CA ILE D 157 -8.12 -6.71 22.75
C ILE D 157 -7.75 -7.36 21.43
N ASP D 158 -8.35 -8.48 21.08
CA ASP D 158 -8.06 -9.19 19.85
C ASP D 158 -9.19 -9.00 18.85
N GLU D 159 -8.83 -8.98 17.58
CA GLU D 159 -9.81 -8.74 16.53
C GLU D 159 -10.73 -9.92 16.30
N TRP D 160 -10.27 -11.15 16.52
CA TRP D 160 -11.06 -12.35 16.27
C TRP D 160 -11.13 -13.17 17.54
N TRP D 161 -12.33 -13.59 17.91
CA TRP D 161 -12.52 -14.49 19.02
C TRP D 161 -12.65 -15.92 18.49
N ILE D 162 -11.90 -16.83 19.10
CA ILE D 162 -11.81 -18.20 18.62
C ILE D 162 -12.64 -19.09 19.54
N ARG D 163 -13.68 -19.69 18.98
CA ARG D 163 -14.60 -20.53 19.73
C ARG D 163 -14.31 -22.00 19.47
N GLY D 164 -14.37 -22.80 20.52
CA GLY D 164 -14.05 -24.21 20.41
C GLY D 164 -12.55 -24.41 20.32
N LYS D 165 -12.15 -25.68 20.16
CA LYS D 165 -10.73 -25.94 20.08
C LYS D 165 -10.25 -26.02 18.63
N ALA D 166 -10.69 -27.04 17.91
CA ALA D 166 -10.34 -27.25 16.52
C ALA D 166 -11.00 -28.52 16.02
N SER D 167 -11.28 -28.62 14.73
CA SER D 167 -11.83 -29.82 14.14
C SER D 167 -10.82 -30.42 13.20
N THR D 168 -10.53 -31.70 13.38
CA THR D 168 -9.60 -32.42 12.53
C THR D 168 -10.35 -33.50 11.79
N HIS D 169 -9.84 -33.88 10.62
CA HIS D 169 -10.51 -34.87 9.80
C HIS D 169 -9.51 -35.43 8.80
N ILE D 170 -9.37 -36.75 8.77
CA ILE D 170 -8.53 -37.44 7.80
C ILE D 170 -9.46 -38.12 6.81
N SER D 171 -9.36 -37.74 5.54
CA SER D 171 -10.22 -38.27 4.50
C SER D 171 -9.37 -38.67 3.30
N ASP D 172 -10.03 -39.24 2.29
CA ASP D 172 -9.39 -39.65 1.06
C ASP D 172 -9.99 -38.88 -0.10
N ILE D 173 -9.17 -38.10 -0.78
CA ILE D 173 -9.61 -37.33 -1.94
C ILE D 173 -9.26 -38.13 -3.19
N ARG D 174 -10.23 -38.28 -4.08
CA ARG D 174 -10.03 -39.01 -5.33
C ARG D 174 -9.85 -38.03 -6.47
N TYR D 175 -8.80 -38.23 -7.26
CA TYR D 175 -8.52 -37.43 -8.44
C TYR D 175 -8.79 -38.29 -9.65
N ASP D 176 -9.94 -38.08 -10.30
CA ASP D 176 -10.30 -38.88 -11.46
C ASP D 176 -9.53 -38.46 -12.70
N HIS D 177 -8.88 -37.29 -12.67
CA HIS D 177 -8.09 -36.80 -13.79
C HIS D 177 -6.67 -37.34 -13.73
N LEU D 178 -6.51 -38.65 -13.59
CA LEU D 178 -5.19 -39.19 -13.26
C LEU D 178 -4.92 -40.39 -14.15
N SER D 179 -3.88 -41.16 -13.78
CA SER D 179 -3.37 -42.23 -14.62
C SER D 179 -4.47 -43.20 -14.99
N SER D 180 -4.29 -43.85 -16.16
CA SER D 180 -5.26 -44.84 -16.61
C SER D 180 -5.32 -46.02 -15.64
N VAL D 181 -4.17 -46.45 -15.14
CA VAL D 181 -4.11 -47.51 -14.14
C VAL D 181 -4.27 -46.83 -12.78
N GLN D 182 -5.51 -46.79 -12.30
CA GLN D 182 -5.83 -46.20 -11.00
C GLN D 182 -6.73 -47.15 -10.20
N PRO D 183 -6.21 -48.33 -9.82
CA PRO D 183 -6.99 -49.19 -8.91
C PRO D 183 -7.08 -48.55 -7.54
N ASN D 184 -5.93 -48.15 -7.00
CA ASN D 184 -5.87 -47.30 -5.82
C ASN D 184 -4.87 -46.17 -6.02
N GLN D 185 -4.43 -45.92 -7.25
CA GLN D 185 -3.37 -44.97 -7.53
C GLN D 185 -3.88 -43.56 -7.77
N ASN D 186 -5.09 -43.24 -7.30
CA ASN D 186 -5.61 -41.89 -7.49
C ASN D 186 -6.27 -41.33 -6.24
N GLU D 187 -6.08 -41.96 -5.08
CA GLU D 187 -6.62 -41.46 -3.82
C GLU D 187 -5.48 -40.93 -2.96
N PHE D 188 -5.65 -39.73 -2.42
CA PHE D 188 -4.64 -39.08 -1.61
C PHE D 188 -5.20 -38.79 -0.23
N SER D 189 -4.43 -39.10 0.81
CA SER D 189 -4.86 -38.76 2.16
C SER D 189 -4.85 -37.24 2.33
N ARG D 190 -5.81 -36.74 3.11
CA ARG D 190 -5.93 -35.31 3.32
C ARG D 190 -6.31 -35.03 4.76
N ILE D 191 -5.67 -34.02 5.34
CA ILE D 191 -5.96 -33.56 6.69
C ILE D 191 -6.62 -32.19 6.58
N THR D 192 -7.79 -32.05 7.18
CA THR D 192 -8.51 -30.78 7.19
C THR D 192 -8.60 -30.29 8.63
N VAL D 193 -8.23 -29.04 8.85
CA VAL D 193 -8.30 -28.41 10.17
C VAL D 193 -9.21 -27.21 10.07
N ARG D 194 -10.19 -27.12 10.95
CA ARG D 194 -11.15 -26.03 10.95
C ARG D 194 -11.14 -25.35 12.31
N ILE D 195 -11.04 -24.02 12.30
CA ILE D 195 -11.05 -23.22 13.51
C ILE D 195 -12.16 -22.20 13.37
N ASP D 196 -13.18 -22.30 14.22
CA ASP D 196 -14.29 -21.36 14.18
C ASP D 196 -13.86 -20.03 14.79
N ALA D 197 -14.48 -18.96 14.33
CA ALA D 197 -14.15 -17.64 14.84
C ALA D 197 -15.36 -16.73 14.73
N VAL D 198 -15.41 -15.72 15.58
CA VAL D 198 -16.45 -14.71 15.57
C VAL D 198 -15.78 -13.35 15.60
N ARG D 199 -16.21 -12.44 14.73
CA ARG D 199 -15.61 -11.12 14.70
C ARG D 199 -15.96 -10.36 15.98
N ASN D 200 -15.13 -9.39 16.31
CA ASN D 200 -15.28 -8.58 17.50
C ASN D 200 -16.14 -7.36 17.19
N PRO D 201 -17.43 -7.39 17.49
CA PRO D 201 -18.34 -6.32 17.05
C PRO D 201 -18.46 -5.19 18.08
N SER D 202 -17.35 -4.55 18.39
CA SER D 202 -17.37 -3.42 19.30
C SER D 202 -17.03 -2.11 18.61
N TYR D 203 -15.98 -2.08 17.82
CA TYR D 203 -15.66 -0.87 17.07
C TYR D 203 -16.74 -0.57 16.04
N TYR D 204 -17.25 -1.59 15.38
CA TYR D 204 -18.25 -1.39 14.34
C TYR D 204 -19.65 -1.19 14.91
N LEU D 205 -19.85 -1.45 16.18
CA LEU D 205 -21.15 -1.27 16.80
C LEU D 205 -21.29 0.08 17.50
N TRP D 206 -20.17 0.71 17.85
CA TRP D 206 -20.20 2.00 18.52
C TRP D 206 -19.82 3.16 17.64
N SER D 207 -18.98 2.94 16.64
CA SER D 207 -18.52 4.03 15.79
C SER D 207 -19.14 4.04 14.41
N PHE D 208 -19.91 3.03 14.04
CA PHE D 208 -20.55 3.01 12.73
C PHE D 208 -22.05 2.84 12.79
N ILE D 209 -22.56 1.99 13.67
CA ILE D 209 -24.00 1.72 13.69
C ILE D 209 -24.74 2.70 14.58
N LEU D 210 -24.22 2.98 15.77
CA LEU D 210 -24.89 3.94 16.65
C LEU D 210 -24.97 5.33 16.06
N PRO D 211 -23.87 5.95 15.59
CA PRO D 211 -24.01 7.27 14.98
C PRO D 211 -24.86 7.28 13.73
N LEU D 212 -24.86 6.20 12.96
CA LEU D 212 -25.73 6.15 11.79
C LEU D 212 -27.19 6.12 12.19
N GLY D 213 -27.51 5.48 13.32
CA GLY D 213 -28.87 5.52 13.81
C GLY D 213 -29.29 6.88 14.28
N LEU D 214 -28.34 7.69 14.77
CA LEU D 214 -28.68 9.03 15.21
C LEU D 214 -28.86 9.98 14.03
N ILE D 215 -28.06 9.82 12.98
CA ILE D 215 -28.21 10.68 11.81
C ILE D 215 -29.55 10.43 11.13
N ILE D 216 -29.93 9.17 10.97
CA ILE D 216 -31.22 8.86 10.37
C ILE D 216 -32.36 9.30 11.28
N ALA D 217 -32.21 9.12 12.59
CA ALA D 217 -33.24 9.58 13.52
C ALA D 217 -33.39 11.08 13.48
N ALA D 218 -32.27 11.81 13.41
CA ALA D 218 -32.33 13.26 13.30
C ALA D 218 -32.90 13.71 11.97
N SER D 219 -32.90 12.85 10.95
CA SER D 219 -33.46 13.22 9.66
C SER D 219 -34.97 13.36 9.74
N TRP D 220 -35.62 12.62 10.62
CA TRP D 220 -37.06 12.75 10.79
C TRP D 220 -37.45 14.03 11.50
N SER D 221 -36.48 14.78 12.03
CA SER D 221 -36.77 16.06 12.63
C SER D 221 -37.18 17.11 11.62
N VAL D 222 -37.02 16.83 10.32
CA VAL D 222 -37.36 17.81 9.30
C VAL D 222 -38.86 18.07 9.24
N PHE D 223 -39.66 17.19 9.81
CA PHE D 223 -41.10 17.36 9.81
C PHE D 223 -41.59 18.24 10.95
N TRP D 224 -40.69 18.78 11.75
CA TRP D 224 -41.06 19.67 12.83
C TRP D 224 -40.81 21.13 12.52
N LEU D 225 -40.10 21.43 11.45
CA LEU D 225 -40.00 22.80 10.97
C LEU D 225 -41.36 23.26 10.45
N GLU D 226 -41.56 24.56 10.42
CA GLU D 226 -42.88 25.12 10.20
C GLU D 226 -42.95 25.99 8.95
N SER D 227 -42.25 25.58 7.89
CA SER D 227 -42.30 26.31 6.63
C SER D 227 -41.89 25.36 5.52
N PHE D 228 -42.54 25.51 4.35
CA PHE D 228 -42.15 24.68 3.21
C PHE D 228 -40.73 24.95 2.79
N SER D 229 -40.32 26.23 2.79
CA SER D 229 -38.96 26.56 2.37
C SER D 229 -37.92 25.99 3.33
N GLU D 230 -38.21 25.97 4.62
CA GLU D 230 -37.25 25.45 5.59
C GLU D 230 -37.14 23.94 5.51
N ARG D 231 -38.26 23.24 5.31
CA ARG D 231 -38.21 21.79 5.27
C ARG D 231 -37.41 21.30 4.07
N LEU D 232 -37.57 21.97 2.92
CA LEU D 232 -36.87 21.52 1.72
C LEU D 232 -35.37 21.80 1.80
N GLN D 233 -34.99 22.98 2.31
CA GLN D 233 -33.58 23.34 2.31
C GLN D 233 -32.78 22.50 3.28
N THR D 234 -33.35 22.17 4.44
CA THR D 234 -32.62 21.35 5.39
C THR D 234 -32.61 19.88 5.00
N SER D 235 -33.41 19.48 4.01
CA SER D 235 -33.32 18.12 3.52
C SER D 235 -32.07 17.91 2.69
N PHE D 236 -31.58 18.96 2.03
CA PHE D 236 -30.36 18.82 1.24
C PHE D 236 -29.12 18.78 2.12
N THR D 237 -29.15 19.47 3.27
CA THR D 237 -28.07 19.32 4.23
C THR D 237 -28.03 17.90 4.79
N LEU D 238 -29.20 17.32 5.04
CA LEU D 238 -29.26 15.93 5.49
C LEU D 238 -28.74 14.99 4.42
N MET D 239 -29.08 15.24 3.16
CA MET D 239 -28.59 14.40 2.07
C MET D 239 -27.08 14.49 1.97
N LEU D 240 -26.51 15.66 2.22
CA LEU D 240 -25.06 15.81 2.22
C LEU D 240 -24.44 15.10 3.42
N THR D 241 -25.14 15.06 4.55
CA THR D 241 -24.61 14.37 5.72
C THR D 241 -24.48 12.88 5.48
N VAL D 242 -25.47 12.27 4.83
CA VAL D 242 -25.42 10.84 4.59
C VAL D 242 -24.33 10.49 3.60
N VAL D 243 -24.15 11.31 2.57
CA VAL D 243 -23.05 11.09 1.64
C VAL D 243 -21.71 11.23 2.35
N ALA D 244 -21.58 12.23 3.21
CA ALA D 244 -20.37 12.38 4.00
C ALA D 244 -20.19 11.23 4.96
N TYR D 245 -21.25 10.50 5.29
CA TYR D 245 -21.14 9.34 6.15
C TYR D 245 -20.86 8.07 5.38
N ALA D 246 -21.41 7.95 4.18
CA ALA D 246 -21.07 6.81 3.33
C ALA D 246 -19.61 6.83 2.93
N PHE D 247 -18.99 8.01 2.92
CA PHE D 247 -17.57 8.09 2.66
C PHE D 247 -16.76 7.66 3.87
N TYR D 248 -17.14 8.14 5.05
CA TYR D 248 -16.45 7.74 6.27
C TYR D 248 -16.57 6.24 6.51
N THR D 249 -17.66 5.63 6.06
CA THR D 249 -17.83 4.20 6.22
C THR D 249 -17.02 3.41 5.20
N SER D 250 -17.14 3.75 3.92
CA SER D 250 -16.46 3.01 2.88
C SER D 250 -14.95 3.19 2.91
N ASN D 251 -14.45 4.17 3.64
CA ASN D 251 -13.02 4.38 3.78
C ASN D 251 -12.39 3.54 4.88
N ILE D 252 -13.21 2.86 5.69
CA ILE D 252 -12.73 2.06 6.81
C ILE D 252 -13.16 0.61 6.70
N LEU D 253 -14.42 0.36 6.37
CA LEU D 253 -14.91 -1.01 6.26
C LEU D 253 -14.18 -1.75 5.15
N PRO D 254 -14.03 -3.06 5.26
CA PRO D 254 -13.35 -3.82 4.23
C PRO D 254 -14.15 -3.85 2.94
N ARG D 255 -13.43 -3.94 1.82
CA ARG D 255 -14.07 -4.01 0.53
C ARG D 255 -14.72 -5.37 0.33
N LEU D 256 -15.91 -5.38 -0.25
CA LEU D 256 -16.68 -6.59 -0.47
C LEU D 256 -17.41 -6.47 -1.78
N PRO D 257 -17.75 -7.60 -2.40
CA PRO D 257 -18.55 -7.58 -3.64
C PRO D 257 -20.05 -7.62 -3.43
N TYR D 258 -20.54 -7.43 -2.21
CA TYR D 258 -21.96 -7.38 -1.91
C TYR D 258 -22.19 -6.34 -0.82
N THR D 259 -23.45 -6.11 -0.50
CA THR D 259 -23.81 -5.13 0.51
C THR D 259 -23.92 -5.80 1.88
N THR D 260 -23.26 -5.23 2.87
CA THR D 260 -23.33 -5.70 4.24
C THR D 260 -24.57 -5.10 4.90
N VAL D 261 -24.67 -5.23 6.22
CA VAL D 261 -25.81 -4.63 6.92
C VAL D 261 -25.61 -3.15 7.17
N ILE D 262 -24.37 -2.67 7.21
CA ILE D 262 -24.16 -1.23 7.37
C ILE D 262 -24.54 -0.49 6.10
N ASP D 263 -24.16 -1.03 4.93
CA ASP D 263 -24.48 -0.37 3.68
C ASP D 263 -25.97 -0.35 3.41
N GLN D 264 -26.70 -1.37 3.85
CA GLN D 264 -28.14 -1.37 3.66
C GLN D 264 -28.84 -0.35 4.54
N MET D 265 -28.22 0.06 5.64
CA MET D 265 -28.76 1.16 6.42
C MET D 265 -28.52 2.50 5.72
N ILE D 266 -27.37 2.63 5.08
CA ILE D 266 -27.07 3.86 4.34
C ILE D 266 -28.03 4.03 3.19
N ILE D 267 -28.34 2.94 2.47
CA ILE D 267 -29.32 3.02 1.39
C ILE D 267 -30.68 3.42 1.94
N ALA D 268 -31.05 2.88 3.09
CA ALA D 268 -32.28 3.32 3.73
C ALA D 268 -32.21 4.78 4.16
N GLY D 269 -31.01 5.25 4.50
CA GLY D 269 -30.86 6.66 4.80
C GLY D 269 -31.12 7.55 3.61
N TYR D 270 -30.59 7.18 2.45
CA TYR D 270 -30.91 7.91 1.22
C TYR D 270 -32.39 7.84 0.93
N GLY D 271 -32.98 6.67 1.07
CA GLY D 271 -34.39 6.52 0.76
C GLY D 271 -35.28 7.31 1.69
N SER D 272 -34.94 7.35 2.98
CA SER D 272 -35.76 8.09 3.93
C SER D 272 -35.75 9.58 3.63
N ILE D 273 -34.57 10.13 3.33
CA ILE D 273 -34.48 11.55 3.00
C ILE D 273 -35.19 11.84 1.69
N PHE D 274 -34.97 11.00 0.68
CA PHE D 274 -35.62 11.24 -0.60
C PHE D 274 -37.13 11.08 -0.49
N ALA D 275 -37.60 10.10 0.28
CA ALA D 275 -39.04 9.97 0.48
C ALA D 275 -39.59 11.15 1.27
N ALA D 276 -38.79 11.74 2.15
CA ALA D 276 -39.22 12.93 2.86
C ALA D 276 -39.39 14.10 1.92
N ILE D 277 -38.49 14.25 0.94
CA ILE D 277 -38.57 15.36 0.00
C ILE D 277 -39.86 15.28 -0.80
N LEU D 278 -40.23 14.09 -1.26
CA LEU D 278 -41.46 13.95 -2.02
C LEU D 278 -42.67 14.30 -1.17
N LEU D 279 -42.67 13.88 0.09
CA LEU D 279 -43.81 14.20 0.95
C LEU D 279 -43.86 15.68 1.27
N ILE D 280 -42.71 16.33 1.47
CA ILE D 280 -42.70 17.75 1.74
C ILE D 280 -43.25 18.52 0.55
N ILE D 281 -42.82 18.15 -0.66
CA ILE D 281 -43.29 18.83 -1.86
C ILE D 281 -44.76 18.52 -2.10
N PHE D 282 -45.15 17.26 -1.92
CA PHE D 282 -46.54 16.88 -2.16
C PHE D 282 -47.48 17.53 -1.16
N ALA D 283 -47.04 17.66 0.09
CA ALA D 283 -47.89 18.29 1.10
C ALA D 283 -48.07 19.78 0.84
N HIS D 284 -47.17 20.39 0.08
CA HIS D 284 -47.24 21.83 -0.17
C HIS D 284 -48.01 22.15 -1.45
N HIS D 285 -47.98 21.27 -2.44
CA HIS D 285 -48.52 21.58 -3.75
C HIS D 285 -49.82 20.83 -4.06
N ARG D 286 -50.39 20.11 -3.11
CA ARG D 286 -51.72 19.56 -3.31
C ARG D 286 -52.72 20.58 -2.78
N GLN D 287 -53.55 21.12 -3.67
CA GLN D 287 -54.46 22.17 -3.26
C GLN D 287 -55.73 21.59 -2.69
N ALA D 288 -55.57 20.65 -1.76
CA ALA D 288 -56.63 20.19 -0.90
C ALA D 288 -56.27 20.31 0.57
N ASN D 289 -55.00 20.36 0.90
CA ASN D 289 -54.47 20.71 2.21
C ASN D 289 -53.48 21.85 2.15
N GLY D 290 -52.67 21.91 1.07
CA GLY D 290 -51.82 23.05 0.78
C GLY D 290 -50.88 23.49 1.88
N VAL D 291 -50.35 24.71 1.75
CA VAL D 291 -49.48 25.28 2.78
C VAL D 291 -50.26 25.78 3.99
N GLU D 292 -51.59 25.76 3.91
CA GLU D 292 -52.42 26.09 5.06
C GLU D 292 -52.45 24.90 6.00
N ASP D 293 -53.39 24.89 6.95
CA ASP D 293 -53.50 23.80 7.92
C ASP D 293 -53.44 22.44 7.24
N ASP D 294 -52.38 21.68 7.53
CA ASP D 294 -52.10 20.45 6.80
C ASP D 294 -51.65 19.39 7.79
N LEU D 295 -52.45 18.34 7.93
CA LEU D 295 -52.16 17.27 8.87
C LEU D 295 -51.39 16.11 8.24
N LEU D 296 -51.03 16.22 6.96
CA LEU D 296 -50.17 15.20 6.35
C LEU D 296 -48.77 15.25 6.94
N ILE D 297 -48.28 16.44 7.26
CA ILE D 297 -46.97 16.55 7.88
C ILE D 297 -47.00 16.01 9.31
N GLN D 298 -48.03 16.38 10.07
CA GLN D 298 -48.15 15.89 11.44
C GLN D 298 -48.29 14.38 11.47
N ARG D 299 -49.12 13.83 10.59
CA ARG D 299 -49.26 12.39 10.49
C ARG D 299 -47.96 11.74 10.04
N CYS D 300 -47.06 12.50 9.46
CA CYS D 300 -45.77 12.00 9.01
C CYS D 300 -44.69 12.08 10.07
N ARG D 301 -44.91 12.81 11.15
CA ARG D 301 -43.96 12.82 12.25
C ARG D 301 -43.89 11.47 12.94
N LEU D 302 -45.00 10.72 12.91
CA LEU D 302 -45.12 9.41 13.53
C LEU D 302 -44.96 8.27 12.54
N ALA D 303 -45.51 8.42 11.33
CA ALA D 303 -45.49 7.33 10.37
C ALA D 303 -44.11 7.09 9.79
N PHE D 304 -43.20 8.05 9.87
CA PHE D 304 -41.88 7.87 9.30
C PHE D 304 -40.99 7.03 10.22
N PRO D 305 -40.91 7.32 11.52
CA PRO D 305 -40.13 6.42 12.40
C PRO D 305 -40.66 5.00 12.44
N LEU D 306 -41.98 4.82 12.42
CA LEU D 306 -42.53 3.46 12.47
C LEU D 306 -42.27 2.72 11.16
N GLY D 307 -42.49 3.38 10.03
CA GLY D 307 -42.24 2.73 8.76
C GLY D 307 -40.78 2.35 8.59
N PHE D 308 -39.88 3.19 9.10
CA PHE D 308 -38.45 2.87 9.02
C PHE D 308 -38.09 1.75 9.99
N LEU D 309 -38.73 1.72 11.15
CA LEU D 309 -38.46 0.65 12.10
C LEU D 309 -38.90 -0.70 11.54
N ALA D 310 -40.04 -0.75 10.86
CA ALA D 310 -40.50 -1.99 10.25
C ALA D 310 -39.54 -2.44 9.15
N ILE D 311 -39.07 -1.49 8.32
CA ILE D 311 -38.12 -1.84 7.27
C ILE D 311 -36.83 -2.37 7.88
N GLY D 312 -36.42 -1.80 9.01
CA GLY D 312 -35.24 -2.30 9.69
C GLY D 312 -35.41 -3.73 10.16
N CYS D 313 -36.64 -4.16 10.43
CA CYS D 313 -36.88 -5.54 10.80
C CYS D 313 -36.82 -6.47 9.61
N VAL D 314 -37.26 -6.03 8.44
CA VAL D 314 -37.19 -6.87 7.25
C VAL D 314 -35.74 -7.17 6.90
N LEU D 315 -34.88 -6.16 6.96
CA LEU D 315 -33.47 -6.40 6.74
C LEU D 315 -32.85 -7.22 7.86
N VAL D 316 -33.41 -7.13 9.08
CA VAL D 316 -32.84 -7.88 10.18
C VAL D 316 -33.27 -9.35 10.15
N ILE D 317 -34.33 -9.69 9.41
CA ILE D 317 -34.68 -11.10 9.22
C ILE D 317 -34.12 -11.66 7.93
N ARG D 318 -33.83 -10.82 6.93
CA ARG D 318 -33.20 -11.31 5.71
C ARG D 318 -31.80 -11.87 5.99
N GLY D 319 -31.02 -11.16 6.82
CA GLY D 319 -29.68 -11.63 7.11
C GLY D 319 -29.66 -12.91 7.90
N ILE D 320 -30.54 -13.03 8.89
CA ILE D 320 -30.57 -14.23 9.73
C ILE D 320 -31.02 -15.43 8.91
N THR D 321 -31.97 -15.24 8.01
CA THR D 321 -32.46 -16.32 7.16
C THR D 321 -31.53 -16.55 5.98
N PRO E 11 25.63 -30.26 29.16
CA PRO E 11 24.97 -29.09 28.57
C PRO E 11 25.97 -28.07 28.11
N VAL E 12 25.83 -27.57 26.89
CA VAL E 12 26.74 -26.57 26.35
C VAL E 12 26.24 -25.19 26.74
N ASP E 13 27.04 -24.48 27.52
CA ASP E 13 26.67 -23.15 27.98
C ASP E 13 26.81 -22.13 26.87
N VAL E 14 25.76 -21.34 26.66
CA VAL E 14 25.74 -20.34 25.60
C VAL E 14 25.46 -18.98 26.23
N SER E 15 26.30 -18.00 25.95
CA SER E 15 26.14 -16.64 26.42
C SER E 15 25.71 -15.77 25.26
N VAL E 16 24.69 -14.95 25.47
CA VAL E 16 24.04 -14.22 24.38
C VAL E 16 24.06 -12.73 24.70
N SER E 17 24.36 -11.93 23.68
CA SER E 17 24.25 -10.47 23.76
C SER E 17 23.41 -10.00 22.58
N ILE E 18 22.39 -9.19 22.86
CA ILE E 18 21.52 -8.64 21.84
C ILE E 18 21.73 -7.14 21.79
N PHE E 19 22.02 -6.61 20.60
CA PHE E 19 22.11 -5.19 20.37
C PHE E 19 20.88 -4.74 19.60
N ILE E 20 20.22 -3.69 20.08
CA ILE E 20 19.01 -3.18 19.45
C ILE E 20 19.35 -1.86 18.78
N ASN E 21 19.18 -1.80 17.47
CA ASN E 21 19.49 -0.58 16.72
C ASN E 21 18.27 0.29 16.46
N LYS E 22 17.10 -0.31 16.27
CA LYS E 22 15.97 0.46 15.78
C LYS E 22 14.69 -0.33 16.02
N ILE E 23 13.73 0.30 16.69
CA ILE E 23 12.40 -0.25 16.88
C ILE E 23 11.42 0.69 16.21
N TYR E 24 10.66 0.19 15.25
CA TYR E 24 9.81 1.05 14.44
C TYR E 24 8.70 0.22 13.82
N GLY E 25 7.86 0.88 13.05
CA GLY E 25 6.86 0.22 12.25
C GLY E 25 5.83 -0.57 13.03
N VAL E 26 5.27 0.03 14.08
CA VAL E 26 4.26 -0.66 14.87
C VAL E 26 2.98 -0.77 14.06
N ASN E 27 2.52 -2.00 13.86
CA ASN E 27 1.27 -2.27 13.16
C ASN E 27 0.23 -2.64 14.21
N THR E 28 -0.80 -1.81 14.34
CA THR E 28 -1.73 -1.97 15.46
C THR E 28 -2.71 -3.10 15.26
N LEU E 29 -3.12 -3.38 14.03
CA LEU E 29 -4.08 -4.46 13.80
C LEU E 29 -3.43 -5.83 14.00
N GLU E 30 -2.24 -6.02 13.45
CA GLU E 30 -1.52 -7.28 13.60
C GLU E 30 -0.79 -7.40 14.92
N GLN E 31 -0.65 -6.30 15.66
CA GLN E 31 0.09 -6.27 16.92
C GLN E 31 1.54 -6.74 16.70
N THR E 32 2.17 -6.21 15.66
CA THR E 32 3.55 -6.53 15.34
C THR E 32 4.38 -5.25 15.27
N TYR E 33 5.68 -5.42 15.35
CA TYR E 33 6.62 -4.31 15.24
C TYR E 33 7.94 -4.85 14.71
N LYS E 34 8.76 -3.95 14.19
CA LYS E 34 10.02 -4.33 13.58
C LYS E 34 11.18 -3.96 14.48
N VAL E 35 12.14 -4.85 14.60
CA VAL E 35 13.35 -4.64 15.38
C VAL E 35 14.54 -5.00 14.51
N ASP E 36 15.55 -4.14 14.53
CA ASP E 36 16.79 -4.36 13.79
C ASP E 36 17.96 -4.32 14.76
N GLY E 37 18.83 -5.32 14.68
CA GLY E 37 19.94 -5.37 15.61
C GLY E 37 20.84 -6.55 15.35
N TYR E 38 21.63 -6.89 16.36
CA TYR E 38 22.63 -7.94 16.28
C TYR E 38 22.36 -9.03 17.31
N ILE E 39 22.86 -10.23 17.03
CA ILE E 39 22.88 -11.33 17.99
C ILE E 39 24.31 -11.80 18.10
N VAL E 40 24.79 -11.97 19.33
CA VAL E 40 26.14 -12.46 19.57
C VAL E 40 26.02 -13.64 20.53
N ALA E 41 26.20 -14.85 20.01
CA ALA E 41 26.20 -16.05 20.81
C ALA E 41 27.62 -16.55 20.98
N GLN E 42 27.93 -17.05 22.17
CA GLN E 42 29.29 -17.51 22.46
C GLN E 42 29.23 -18.75 23.33
N TRP E 43 29.84 -19.84 22.86
CA TRP E 43 29.97 -21.04 23.67
C TRP E 43 31.41 -21.53 23.63
N THR E 44 31.67 -22.73 24.14
CA THR E 44 33.02 -23.26 24.20
C THR E 44 32.99 -24.70 23.72
N GLY E 45 33.61 -24.95 22.57
CA GLY E 45 33.73 -26.29 22.02
C GLY E 45 35.04 -26.94 22.40
N LYS E 46 35.52 -27.76 21.53
CA LYS E 46 36.78 -28.41 21.86
C LYS E 46 37.94 -27.69 21.18
N PRO E 47 39.14 -27.77 21.75
CA PRO E 47 40.28 -27.03 21.17
C PRO E 47 40.55 -27.45 19.74
N ARG E 48 40.94 -26.48 18.92
CA ARG E 48 41.24 -26.71 17.52
C ARG E 48 42.52 -25.97 17.17
N LYS E 49 43.06 -26.28 16.00
CA LYS E 49 44.28 -25.66 15.51
C LYS E 49 43.93 -24.71 14.37
N THR E 50 44.27 -23.45 14.54
CA THR E 50 43.94 -22.45 13.54
C THR E 50 45.20 -21.90 12.91
N PRO E 51 45.14 -21.40 11.67
CA PRO E 51 46.34 -20.90 11.01
C PRO E 51 46.92 -19.70 11.76
N GLY E 52 48.18 -19.83 12.16
CA GLY E 52 48.86 -18.79 12.89
C GLY E 52 48.58 -18.76 14.37
N ASP E 53 47.81 -19.71 14.89
CA ASP E 53 47.45 -19.78 16.31
C ASP E 53 46.80 -18.47 16.77
N LYS E 54 45.93 -17.92 15.93
CA LYS E 54 45.21 -16.70 16.21
C LYS E 54 43.77 -16.92 15.80
N PRO E 55 42.85 -16.08 16.27
CA PRO E 55 41.44 -16.26 15.92
C PRO E 55 41.21 -16.33 14.43
N LEU E 56 40.34 -17.23 14.02
CA LEU E 56 40.00 -17.45 12.63
C LEU E 56 38.59 -16.95 12.38
N ILE E 57 38.40 -16.21 11.28
CA ILE E 57 37.14 -15.56 10.99
C ILE E 57 36.54 -16.19 9.74
N VAL E 58 35.27 -16.57 9.83
CA VAL E 58 34.55 -17.25 8.76
C VAL E 58 33.28 -16.47 8.50
N GLU E 59 33.18 -15.85 7.34
CA GLU E 59 32.07 -14.98 7.01
C GLU E 59 30.98 -15.73 6.27
N ASN E 60 30.06 -14.96 5.66
CA ASN E 60 28.70 -15.40 5.33
C ASN E 60 28.58 -16.78 4.69
N THR E 61 29.09 -16.97 3.48
CA THR E 61 28.87 -18.23 2.80
C THR E 61 29.91 -19.28 3.15
N GLN E 62 30.98 -18.91 3.82
CA GLN E 62 31.94 -19.89 4.28
C GLN E 62 31.50 -20.61 5.53
N ILE E 63 30.46 -20.11 6.21
CA ILE E 63 29.93 -20.82 7.38
C ILE E 63 29.35 -22.15 6.96
N GLU E 64 28.61 -22.18 5.85
CA GLU E 64 27.97 -23.40 5.42
C GLU E 64 28.97 -24.49 5.08
N ARG E 65 30.16 -24.10 4.66
CA ARG E 65 31.18 -25.11 4.36
C ARG E 65 31.75 -25.71 5.63
N TRP E 66 31.74 -24.95 6.73
CA TRP E 66 32.21 -25.48 8.00
C TRP E 66 31.20 -26.39 8.65
N ILE E 67 29.90 -26.08 8.50
CA ILE E 67 28.87 -26.95 9.06
C ILE E 67 28.89 -28.31 8.40
N ASN E 68 29.08 -28.34 7.08
CA ASN E 68 29.13 -29.62 6.37
C ASN E 68 30.28 -30.48 6.85
N ASN E 69 31.35 -29.87 7.35
CA ASN E 69 32.49 -30.62 7.86
C ASN E 69 32.34 -31.00 9.32
N GLY E 70 31.21 -30.68 9.94
CA GLY E 70 30.93 -31.15 11.28
C GLY E 70 31.05 -30.13 12.39
N LEU E 71 31.03 -28.84 12.08
CA LEU E 71 31.06 -27.82 13.12
C LEU E 71 29.67 -27.66 13.70
N TRP E 72 29.60 -27.59 15.03
CA TRP E 72 28.33 -27.51 15.73
C TRP E 72 27.94 -26.05 15.89
N VAL E 73 26.96 -25.60 15.10
CA VAL E 73 26.46 -24.23 15.20
C VAL E 73 24.96 -24.29 15.47
N PRO E 74 24.52 -24.21 16.72
CA PRO E 74 23.10 -24.33 17.01
C PRO E 74 22.30 -23.19 16.39
N ALA E 75 21.09 -23.52 15.95
CA ALA E 75 20.20 -22.54 15.35
C ALA E 75 19.33 -21.93 16.44
N LEU E 76 19.40 -20.61 16.57
CA LEU E 76 18.63 -19.89 17.57
C LEU E 76 17.44 -19.21 16.88
N GLU E 77 16.25 -19.46 17.41
CA GLU E 77 15.02 -18.99 16.79
C GLU E 77 14.34 -17.99 17.71
N PHE E 78 13.73 -16.97 17.10
CA PHE E 78 12.89 -16.01 17.81
C PHE E 78 11.47 -16.57 17.88
N ILE E 79 11.00 -16.95 19.07
CA ILE E 79 9.62 -17.35 19.13
C ILE E 79 8.75 -16.15 19.47
N ASN E 80 8.72 -15.16 18.60
CA ASN E 80 7.57 -14.29 18.44
C ASN E 80 7.61 -13.69 17.05
N VAL E 81 8.60 -14.09 16.27
CA VAL E 81 8.81 -13.48 14.96
C VAL E 81 7.75 -13.98 14.00
N VAL E 82 7.26 -13.08 13.16
CA VAL E 82 6.21 -13.39 12.21
C VAL E 82 6.88 -13.59 10.86
N GLY E 83 7.08 -14.84 10.48
CA GLY E 83 7.76 -15.14 9.24
C GLY E 83 9.17 -15.66 9.47
N SER E 84 10.13 -15.10 8.76
CA SER E 84 11.51 -15.45 8.95
C SER E 84 12.29 -14.15 8.95
N PRO E 85 13.14 -13.91 9.96
CA PRO E 85 13.89 -12.67 9.99
C PRO E 85 14.83 -12.56 8.80
N ASP E 86 15.03 -11.32 8.34
CA ASP E 86 15.89 -11.05 7.20
C ASP E 86 17.32 -10.92 7.68
N THR E 87 18.02 -12.05 7.78
CA THR E 87 19.38 -12.03 8.29
C THR E 87 20.33 -11.47 7.25
N GLY E 88 21.21 -10.57 7.67
CA GLY E 88 22.16 -9.96 6.78
C GLY E 88 23.51 -10.65 6.82
N ASN E 89 24.50 -9.98 7.37
CA ASN E 89 25.84 -10.56 7.47
C ASN E 89 25.94 -11.49 8.68
N LYS E 90 26.61 -12.62 8.49
CA LYS E 90 26.91 -13.56 9.55
C LYS E 90 28.42 -13.67 9.69
N ARG E 91 28.85 -14.24 10.82
CA ARG E 91 30.27 -14.36 11.07
C ARG E 91 30.51 -15.33 12.19
N LEU E 92 31.52 -16.18 12.04
CA LEU E 92 32.02 -17.03 13.11
C LEU E 92 33.45 -16.62 13.43
N MET E 93 33.82 -16.77 14.69
CA MET E 93 35.19 -16.49 15.13
C MET E 93 35.66 -17.67 15.97
N LEU E 94 36.42 -18.57 15.37
CA LEU E 94 36.87 -19.79 16.02
C LEU E 94 38.22 -19.55 16.66
N PHE E 95 38.26 -19.53 17.97
CA PHE E 95 39.51 -19.35 18.69
C PHE E 95 40.23 -20.69 18.81
N PRO E 96 41.55 -20.66 19.01
CA PRO E 96 42.29 -21.92 19.13
C PRO E 96 42.02 -22.66 20.43
N ASP E 97 41.55 -21.99 21.47
CA ASP E 97 41.32 -22.64 22.75
C ASP E 97 39.93 -23.25 22.85
N GLY E 98 39.11 -23.14 21.82
CA GLY E 98 37.81 -23.78 21.77
C GLY E 98 36.65 -22.83 21.64
N ARG E 99 36.79 -21.58 22.07
CA ARG E 99 35.68 -20.65 22.05
C ARG E 99 35.18 -20.42 20.63
N VAL E 100 33.88 -20.24 20.49
CA VAL E 100 33.24 -19.94 19.22
C VAL E 100 32.29 -18.78 19.45
N ILE E 101 32.38 -17.75 18.63
CA ILE E 101 31.52 -16.59 18.72
C ILE E 101 30.73 -16.48 17.43
N TYR E 102 29.42 -16.49 17.54
CA TYR E 102 28.52 -16.36 16.40
C TYR E 102 27.89 -14.99 16.43
N ASN E 103 27.96 -14.27 15.31
CA ASN E 103 27.57 -12.87 15.25
C ASN E 103 26.76 -12.66 13.98
N ALA E 104 25.53 -12.20 14.13
CA ALA E 104 24.63 -12.07 12.99
C ALA E 104 23.84 -10.78 13.09
N ARG E 105 23.34 -10.35 11.96
CA ARG E 105 22.54 -9.14 11.84
C ARG E 105 21.14 -9.53 11.42
N PHE E 106 20.13 -9.03 12.13
CA PHE E 106 18.76 -9.44 11.88
C PHE E 106 17.83 -8.25 11.79
N LEU E 107 16.83 -8.39 10.94
CA LEU E 107 15.69 -7.47 10.88
C LEU E 107 14.45 -8.33 10.71
N GLY E 108 13.58 -8.33 11.72
CA GLY E 108 12.39 -9.16 11.67
C GLY E 108 11.18 -8.43 12.22
N SER E 109 10.03 -9.01 11.97
CA SER E 109 8.77 -8.50 12.48
C SER E 109 8.34 -9.36 13.66
N PHE E 110 8.17 -8.75 14.82
CA PHE E 110 7.89 -9.46 16.06
C PHE E 110 6.50 -9.11 16.57
N SER E 111 5.85 -10.08 17.20
CA SER E 111 4.49 -9.93 17.67
C SER E 111 4.43 -10.05 19.18
N ASN E 112 3.57 -9.24 19.79
CA ASN E 112 3.35 -9.28 21.23
C ASN E 112 1.93 -8.79 21.50
N ASP E 113 1.41 -9.16 22.66
CA ASP E 113 0.07 -8.74 23.06
C ASP E 113 0.10 -7.25 23.40
N MET E 114 -0.31 -6.43 22.44
CA MET E 114 -0.28 -4.98 22.60
C MET E 114 -1.72 -4.47 22.75
N ASP E 115 -1.92 -3.59 23.73
CA ASP E 115 -3.24 -3.10 24.10
C ASP E 115 -3.27 -1.58 23.96
N PHE E 116 -3.99 -1.09 22.94
CA PHE E 116 -4.00 0.32 22.60
C PHE E 116 -5.25 1.04 23.09
N ARG E 117 -5.85 0.58 24.19
CA ARG E 117 -7.12 1.15 24.62
C ARG E 117 -6.99 2.54 25.20
N LEU E 118 -5.79 3.03 25.46
CA LEU E 118 -5.56 4.39 25.90
C LEU E 118 -4.78 5.16 24.84
N PHE E 119 -5.16 4.99 23.58
CA PHE E 119 -4.30 5.11 22.42
C PHE E 119 -3.26 6.23 22.47
N PRO E 120 -3.64 7.51 22.62
CA PRO E 120 -2.61 8.56 22.56
C PRO E 120 -1.68 8.55 23.77
N PHE E 121 -2.03 7.86 24.84
CA PHE E 121 -1.20 7.82 26.05
C PHE E 121 -0.88 6.40 26.47
N ASP E 122 -0.86 5.47 25.51
CA ASP E 122 -0.67 4.07 25.83
C ASP E 122 0.79 3.77 26.13
N ARG E 123 1.00 2.75 26.94
CA ARG E 123 2.33 2.22 27.21
C ARG E 123 2.41 0.82 26.62
N GLN E 124 3.40 0.59 25.79
CA GLN E 124 3.62 -0.71 25.18
C GLN E 124 4.79 -1.41 25.84
N GLN E 125 5.05 -2.62 25.40
CA GLN E 125 6.19 -3.38 25.90
C GLN E 125 6.68 -4.27 24.77
N PHE E 126 7.68 -3.80 24.04
CA PHE E 126 8.24 -4.57 22.95
C PHE E 126 9.04 -5.74 23.51
N VAL E 127 8.80 -6.94 22.96
CA VAL E 127 9.32 -8.17 23.54
C VAL E 127 10.04 -8.96 22.46
N LEU E 128 11.20 -9.49 22.80
CA LEU E 128 11.93 -10.44 21.99
C LEU E 128 12.11 -11.72 22.78
N GLU E 129 11.72 -12.85 22.21
CA GLU E 129 11.87 -14.15 22.85
C GLU E 129 12.79 -15.01 22.00
N LEU E 130 13.84 -15.52 22.61
CA LEU E 130 14.83 -16.33 21.91
C LEU E 130 14.87 -17.71 22.52
N GLU E 131 15.06 -18.72 21.69
CA GLU E 131 15.01 -20.09 22.15
C GLU E 131 15.70 -20.99 21.14
N PRO E 132 16.56 -21.91 21.59
CA PRO E 132 17.18 -22.83 20.64
C PRO E 132 16.12 -23.66 19.93
N PHE E 133 16.32 -23.87 18.64
CA PHE E 133 15.26 -24.46 17.84
C PHE E 133 15.12 -25.95 18.05
N SER E 134 16.22 -26.65 18.35
CA SER E 134 16.14 -28.10 18.39
C SER E 134 16.91 -28.73 19.54
N TYR E 135 17.25 -27.99 20.59
CA TYR E 135 18.01 -28.55 21.69
C TYR E 135 17.35 -28.20 23.02
N ASN E 136 17.44 -29.13 23.96
CA ASN E 136 16.93 -28.93 25.31
C ASN E 136 18.03 -28.89 26.37
N ASN E 137 19.17 -29.51 26.11
CA ASN E 137 20.33 -29.42 26.99
C ASN E 137 21.49 -28.77 26.26
N GLN E 138 21.17 -27.65 25.63
CA GLN E 138 22.09 -26.56 25.35
C GLN E 138 21.49 -25.33 26.01
N GLN E 139 22.04 -24.92 27.14
CA GLN E 139 21.39 -24.02 28.07
C GLN E 139 22.00 -22.62 28.00
N LEU E 140 21.16 -21.60 27.96
CA LEU E 140 21.60 -20.21 27.93
C LEU E 140 21.81 -19.73 29.36
N ARG E 141 22.93 -19.05 29.62
CA ARG E 141 23.20 -18.54 30.95
C ARG E 141 23.08 -17.03 31.05
N PHE E 142 23.85 -16.29 30.28
CA PHE E 142 23.90 -14.85 30.39
C PHE E 142 23.14 -14.20 29.26
N SER E 143 22.42 -13.14 29.57
CA SER E 143 21.81 -12.29 28.55
C SER E 143 22.11 -10.85 28.88
N ASP E 144 22.86 -10.19 28.00
CA ASP E 144 23.12 -8.76 28.10
C ASP E 144 22.43 -8.08 26.93
N ILE E 145 21.60 -7.10 27.23
CA ILE E 145 20.92 -6.32 26.20
C ILE E 145 21.49 -4.92 26.22
N GLN E 146 22.08 -4.51 25.11
CA GLN E 146 22.74 -3.22 24.99
C GLN E 146 21.97 -2.39 23.98
N VAL E 147 21.00 -1.62 24.46
CA VAL E 147 20.29 -0.67 23.61
C VAL E 147 21.12 0.62 23.68
N TYR E 148 22.17 0.65 22.87
CA TYR E 148 23.11 1.76 22.93
C TYR E 148 22.56 3.03 22.31
N THR E 149 21.40 2.96 21.67
CA THR E 149 20.84 4.16 21.08
C THR E 149 20.33 5.07 22.20
N GLU E 150 21.23 5.91 22.72
CA GLU E 150 20.85 6.86 23.76
C GLU E 150 20.00 7.96 23.17
N ASN E 151 18.76 7.63 22.82
CA ASN E 151 17.85 8.58 22.21
C ASN E 151 17.30 9.58 23.19
N ILE E 152 17.87 9.68 24.39
CA ILE E 152 17.46 10.71 25.34
C ILE E 152 17.64 12.08 24.72
N ASP E 153 18.79 12.31 24.08
CA ASP E 153 18.94 13.47 23.21
C ASP E 153 18.07 13.29 21.97
N ASN E 154 17.59 14.42 21.44
CA ASN E 154 16.65 14.47 20.32
C ASN E 154 15.55 13.43 20.47
N GLU E 155 15.08 13.24 21.71
CA GLU E 155 13.98 12.31 21.96
C GLU E 155 12.67 12.85 21.41
N GLU E 156 12.51 14.17 21.34
CA GLU E 156 11.24 14.77 20.96
C GLU E 156 10.94 14.64 19.48
N ILE E 157 11.90 14.21 18.66
CA ILE E 157 11.65 13.98 17.25
C ILE E 157 11.38 12.51 16.94
N ASP E 158 11.30 11.67 17.97
CA ASP E 158 11.07 10.24 17.79
C ASP E 158 9.63 9.91 18.17
N GLU E 159 9.08 8.90 17.49
CA GLU E 159 7.70 8.51 17.72
C GLU E 159 7.51 7.78 19.04
N TRP E 160 8.50 7.04 19.52
CA TRP E 160 8.40 6.27 20.75
C TRP E 160 9.50 6.67 21.70
N TRP E 161 9.13 6.92 22.95
CA TRP E 161 10.10 7.19 23.99
C TRP E 161 10.36 5.91 24.77
N ILE E 162 11.63 5.59 24.98
CA ILE E 162 12.03 4.33 25.58
C ILE E 162 12.45 4.61 27.02
N ARG E 163 11.72 4.04 27.97
CA ARG E 163 11.96 4.24 29.39
C ARG E 163 12.67 3.04 29.98
N GLY E 164 13.64 3.30 30.84
CA GLY E 164 14.42 2.23 31.43
C GLY E 164 15.43 1.70 30.43
N LYS E 165 16.17 0.68 30.85
CA LYS E 165 17.16 0.12 29.95
C LYS E 165 16.64 -1.08 29.19
N ALA E 166 16.39 -2.18 29.89
CA ALA E 166 15.86 -3.40 29.33
C ALA E 166 15.72 -4.43 30.42
N SER E 167 14.80 -5.37 30.27
CA SER E 167 14.63 -6.46 31.22
C SER E 167 14.99 -7.77 30.55
N THR E 168 15.88 -8.53 31.16
CA THR E 168 16.29 -9.82 30.65
C THR E 168 15.85 -10.90 31.63
N HIS E 169 15.64 -12.10 31.11
CA HIS E 169 15.17 -13.20 31.94
C HIS E 169 15.46 -14.51 31.23
N ILE E 170 16.15 -15.41 31.91
CA ILE E 170 16.41 -16.75 31.41
C ILE E 170 15.52 -17.72 32.18
N SER E 171 14.63 -18.40 31.48
CA SER E 171 13.69 -19.32 32.09
C SER E 171 13.69 -20.64 31.34
N ASP E 172 12.91 -21.59 31.84
CA ASP E 172 12.78 -22.90 31.22
C ASP E 172 11.32 -23.11 30.83
N ILE E 173 11.07 -23.28 29.55
CA ILE E 173 9.74 -23.54 29.03
C ILE E 173 9.57 -25.03 28.86
N ARG E 174 8.47 -25.57 29.38
CA ARG E 174 8.18 -26.98 29.28
C ARG E 174 7.15 -27.23 28.18
N TYR E 175 7.44 -28.16 27.30
CA TYR E 175 6.54 -28.55 26.22
C TYR E 175 6.02 -29.94 26.56
N ASP E 176 4.80 -30.02 27.07
CA ASP E 176 4.21 -31.31 27.44
C ASP E 176 3.77 -32.11 26.23
N HIS E 177 3.67 -31.47 25.06
CA HIS E 177 3.27 -32.14 23.84
C HIS E 177 4.48 -32.75 23.14
N LEU E 178 5.27 -33.55 23.86
CA LEU E 178 6.57 -33.95 23.33
C LEU E 178 6.75 -35.45 23.58
N SER E 179 8.00 -35.90 23.40
CA SER E 179 8.32 -37.32 23.42
C SER E 179 7.83 -37.99 24.69
N SER E 180 7.54 -39.28 24.57
CA SER E 180 7.08 -40.04 25.74
C SER E 180 8.17 -40.10 26.81
N VAL E 181 9.43 -40.26 26.39
CA VAL E 181 10.56 -40.24 27.31
C VAL E 181 10.96 -38.76 27.45
N GLN E 182 10.44 -38.11 28.48
CA GLN E 182 10.76 -36.72 28.76
C GLN E 182 11.09 -36.56 30.25
N PRO E 183 12.20 -37.16 30.71
CA PRO E 183 12.65 -36.88 32.08
C PRO E 183 13.12 -35.45 32.20
N ASN E 184 14.01 -35.05 31.29
CA ASN E 184 14.38 -33.66 31.11
C ASN E 184 14.39 -33.29 29.63
N GLN E 185 13.80 -34.12 28.77
CA GLN E 185 13.88 -33.94 27.33
C GLN E 185 12.77 -33.09 26.77
N ASN E 186 12.12 -32.28 27.61
CA ASN E 186 11.05 -31.42 27.11
C ASN E 186 11.14 -29.99 27.65
N GLU E 187 12.25 -29.60 28.26
CA GLU E 187 12.43 -28.24 28.76
C GLU E 187 13.45 -27.53 27.88
N PHE E 188 13.11 -26.32 27.45
CA PHE E 188 13.96 -25.53 26.57
C PHE E 188 14.31 -24.21 27.24
N SER E 189 15.58 -23.82 27.21
CA SER E 189 15.95 -22.53 27.73
C SER E 189 15.37 -21.42 26.87
N ARG E 190 15.00 -20.33 27.51
CA ARG E 190 14.39 -19.22 26.80
C ARG E 190 14.90 -17.90 27.37
N ILE E 191 15.20 -16.97 26.46
CA ILE E 191 15.61 -15.61 26.83
C ILE E 191 14.50 -14.66 26.44
N THR E 192 14.03 -13.87 27.41
CA THR E 192 13.00 -12.88 27.16
C THR E 192 13.57 -11.50 27.40
N VAL E 193 13.38 -10.60 26.43
CA VAL E 193 13.85 -9.23 26.52
C VAL E 193 12.63 -8.32 26.43
N ARG E 194 12.51 -7.39 27.37
CA ARG E 194 11.38 -6.47 27.41
C ARG E 194 11.90 -5.04 27.41
N ILE E 195 11.36 -4.21 26.54
CA ILE E 195 11.72 -2.81 26.44
C ILE E 195 10.44 -2.00 26.60
N ASP E 196 10.35 -1.23 27.67
CA ASP E 196 9.17 -0.39 27.88
C ASP E 196 9.21 0.82 26.96
N ALA E 197 8.04 1.32 26.63
CA ALA E 197 7.95 2.47 25.75
C ALA E 197 6.68 3.24 26.05
N VAL E 198 6.70 4.53 25.74
CA VAL E 198 5.56 5.42 25.88
C VAL E 198 5.39 6.18 24.58
N ARG E 199 4.17 6.22 24.06
CA ARG E 199 3.93 6.93 22.81
C ARG E 199 4.13 8.42 23.02
N ASN E 200 4.43 9.11 21.93
CA ASN E 200 4.67 10.54 21.93
C ASN E 200 3.37 11.29 21.71
N PRO E 201 2.72 11.78 22.77
CA PRO E 201 1.38 12.36 22.64
C PRO E 201 1.41 13.85 22.39
N SER E 202 2.02 14.25 21.27
CA SER E 202 2.05 15.66 20.89
C SER E 202 1.24 15.94 19.64
N TYR E 203 1.43 15.14 18.60
CA TYR E 203 0.63 15.32 17.40
C TYR E 203 -0.83 15.01 17.67
N TYR E 204 -1.10 13.97 18.45
CA TYR E 204 -2.47 13.57 18.74
C TYR E 204 -3.12 14.42 19.80
N LEU E 205 -2.35 15.23 20.52
CA LEU E 205 -2.91 16.08 21.56
C LEU E 205 -3.19 17.50 21.07
N TRP E 206 -2.55 17.92 19.98
CA TRP E 206 -2.75 19.25 19.43
C TRP E 206 -3.58 19.27 18.16
N SER E 207 -3.54 18.22 17.36
CA SER E 207 -4.25 18.20 16.10
C SER E 207 -5.51 17.35 16.11
N PHE E 208 -5.76 16.59 17.16
CA PHE E 208 -6.96 15.77 17.23
C PHE E 208 -7.82 16.03 18.45
N ILE E 209 -7.23 16.23 19.61
CA ILE E 209 -8.02 16.39 20.82
C ILE E 209 -8.41 17.85 21.06
N LEU E 210 -7.48 18.77 20.89
CA LEU E 210 -7.82 20.18 21.08
C LEU E 210 -8.86 20.68 20.10
N PRO E 211 -8.72 20.50 18.78
CA PRO E 211 -9.79 20.94 17.88
C PRO E 211 -11.10 20.22 18.10
N LEU E 212 -11.08 18.96 18.51
CA LEU E 212 -12.33 18.27 18.81
C LEU E 212 -13.01 18.86 20.02
N GLY E 213 -12.24 19.35 20.99
CA GLY E 213 -12.84 20.02 22.12
C GLY E 213 -13.45 21.35 21.75
N LEU E 214 -12.92 22.01 20.74
CA LEU E 214 -13.48 23.29 20.30
C LEU E 214 -14.75 23.09 19.48
N ILE E 215 -14.80 22.05 18.65
CA ILE E 215 -16.01 21.78 17.87
C ILE E 215 -17.17 21.42 18.79
N ILE E 216 -16.92 20.57 19.78
CA ILE E 216 -17.99 20.22 20.72
C ILE E 216 -18.38 21.42 21.56
N ALA E 217 -17.40 22.23 21.97
CA ALA E 217 -17.72 23.42 22.75
C ALA E 217 -18.53 24.41 21.93
N ALA E 218 -18.18 24.58 20.66
CA ALA E 218 -18.95 25.45 19.80
C ALA E 218 -20.34 24.91 19.51
N SER E 219 -20.55 23.60 19.70
CA SER E 219 -21.87 23.04 19.47
C SER E 219 -22.88 23.51 20.52
N TRP E 220 -22.41 23.82 21.73
CA TRP E 220 -23.30 24.35 22.76
C TRP E 220 -23.71 25.78 22.48
N SER E 221 -23.11 26.43 21.48
CA SER E 221 -23.51 27.77 21.11
C SER E 221 -24.89 27.81 20.47
N VAL E 222 -25.44 26.65 20.10
CA VAL E 222 -26.72 26.62 19.42
C VAL E 222 -27.85 27.07 20.33
N PHE E 223 -27.62 27.10 21.64
CA PHE E 223 -28.64 27.53 22.59
C PHE E 223 -28.67 29.04 22.77
N TRP E 224 -27.84 29.77 22.04
CA TRP E 224 -27.83 31.21 22.12
C TRP E 224 -28.53 31.89 20.96
N LEU E 225 -28.86 31.13 19.91
CA LEU E 225 -29.72 31.66 18.86
C LEU E 225 -31.12 31.87 19.40
N GLU E 226 -31.87 32.75 18.75
CA GLU E 226 -33.13 33.25 19.31
C GLU E 226 -34.32 32.91 18.43
N SER E 227 -34.33 31.73 17.82
CA SER E 227 -35.46 31.29 17.03
C SER E 227 -35.44 29.77 16.95
N PHE E 228 -36.62 29.17 16.96
CA PHE E 228 -36.69 27.72 16.83
C PHE E 228 -36.15 27.27 15.48
N SER E 229 -36.47 28.01 14.41
CA SER E 229 -36.00 27.62 13.09
C SER E 229 -34.48 27.71 12.97
N GLU E 230 -33.88 28.71 13.61
CA GLU E 230 -32.43 28.85 13.53
C GLU E 230 -31.71 27.79 14.34
N ARG E 231 -32.23 27.44 15.52
CA ARG E 231 -31.56 26.45 16.35
C ARG E 231 -31.56 25.08 15.68
N LEU E 232 -32.65 24.72 15.03
CA LEU E 232 -32.73 23.40 14.41
C LEU E 232 -31.84 23.31 13.17
N GLN E 233 -31.82 24.35 12.35
CA GLN E 233 -31.07 24.29 11.09
C GLN E 233 -29.58 24.27 11.33
N THR E 234 -29.08 25.03 12.31
CA THR E 234 -27.66 25.02 12.58
C THR E 234 -27.22 23.77 13.34
N SER E 235 -28.16 22.98 13.85
CA SER E 235 -27.77 21.71 14.46
C SER E 235 -27.37 20.70 13.40
N PHE E 236 -27.94 20.78 12.19
CA PHE E 236 -27.56 19.86 11.14
C PHE E 236 -26.21 20.20 10.54
N THR E 237 -25.84 21.48 10.51
CA THR E 237 -24.49 21.84 10.12
C THR E 237 -23.48 21.32 11.13
N LEU E 238 -23.82 21.39 12.43
CA LEU E 238 -22.94 20.83 13.44
C LEU E 238 -22.81 19.32 13.30
N MET E 239 -23.93 18.65 13.00
CA MET E 239 -23.88 17.20 12.79
C MET E 239 -23.00 16.84 11.61
N LEU E 240 -23.03 17.67 10.56
CA LEU E 240 -22.15 17.43 9.42
C LEU E 240 -20.70 17.71 9.77
N THR E 241 -20.44 18.66 10.67
CA THR E 241 -19.07 18.95 11.06
C THR E 241 -18.44 17.78 11.80
N VAL E 242 -19.20 17.13 12.69
CA VAL E 242 -18.66 16.02 13.45
C VAL E 242 -18.40 14.82 12.55
N VAL E 243 -19.28 14.56 11.59
CA VAL E 243 -19.04 13.50 10.62
C VAL E 243 -17.80 13.81 9.79
N ALA E 244 -17.66 15.05 9.36
CA ALA E 244 -16.46 15.46 8.64
C ALA E 244 -15.22 15.38 9.52
N TYR E 245 -15.39 15.38 10.83
CA TYR E 245 -14.25 15.24 11.73
C TYR E 245 -13.96 13.78 12.04
N ALA E 246 -14.99 12.94 12.14
CA ALA E 246 -14.76 11.52 12.31
C ALA E 246 -14.07 10.91 11.11
N PHE E 247 -14.21 11.53 9.95
CA PHE E 247 -13.48 11.08 8.76
C PHE E 247 -12.03 11.50 8.82
N TYR E 248 -11.77 12.75 9.18
CA TYR E 248 -10.41 13.22 9.32
C TYR E 248 -9.65 12.45 10.39
N THR E 249 -10.35 11.97 11.41
CA THR E 249 -9.70 11.19 12.46
C THR E 249 -9.44 9.77 12.02
N SER E 250 -10.46 9.09 11.49
CA SER E 250 -10.30 7.69 11.11
C SER E 250 -9.38 7.50 9.91
N ASN E 251 -9.07 8.55 9.18
CA ASN E 251 -8.15 8.46 8.06
C ASN E 251 -6.69 8.59 8.46
N ILE E 252 -6.42 8.92 9.73
CA ILE E 252 -5.06 9.11 10.22
C ILE E 252 -4.74 8.18 11.38
N LEU E 253 -5.64 8.05 12.33
CA LEU E 253 -5.40 7.20 13.48
C LEU E 253 -5.25 5.75 13.05
N PRO E 254 -4.49 4.95 13.79
CA PRO E 254 -4.33 3.55 13.42
C PRO E 254 -5.62 2.77 13.60
N ARG E 255 -5.78 1.74 12.77
CA ARG E 255 -6.96 0.89 12.88
C ARG E 255 -6.87 0.00 14.11
N LEU E 256 -7.99 -0.15 14.80
CA LEU E 256 -8.06 -0.92 16.02
C LEU E 256 -9.40 -1.65 16.07
N PRO E 257 -9.48 -2.76 16.80
CA PRO E 257 -10.75 -3.46 16.98
C PRO E 257 -11.58 -3.00 18.17
N TYR E 258 -11.23 -1.87 18.80
CA TYR E 258 -12.01 -1.31 19.89
C TYR E 258 -11.97 0.20 19.78
N THR E 259 -12.69 0.87 20.66
CA THR E 259 -12.76 2.32 20.64
C THR E 259 -11.70 2.90 21.57
N THR E 260 -10.92 3.85 21.05
CA THR E 260 -9.93 4.54 21.84
C THR E 260 -10.59 5.69 22.58
N VAL E 261 -9.80 6.60 23.16
CA VAL E 261 -10.39 7.74 23.85
C VAL E 261 -10.79 8.84 22.89
N ILE E 262 -10.19 8.91 21.70
CA ILE E 262 -10.61 9.91 20.72
C ILE E 262 -11.97 9.55 20.15
N ASP E 263 -12.18 8.27 19.83
CA ASP E 263 -13.47 7.86 19.26
C ASP E 263 -14.60 8.01 20.25
N GLN E 264 -14.33 7.83 21.55
CA GLN E 264 -15.38 8.01 22.54
C GLN E 264 -15.77 9.47 22.71
N MET E 265 -14.88 10.40 22.35
CA MET E 265 -15.27 11.80 22.33
C MET E 265 -16.14 12.10 21.12
N ILE E 266 -15.86 11.47 19.99
CA ILE E 266 -16.67 11.66 18.80
C ILE E 266 -18.08 11.14 19.03
N ILE E 267 -18.21 10.00 19.69
CA ILE E 267 -19.54 9.47 20.01
C ILE E 267 -20.27 10.43 20.92
N ALA E 268 -19.56 11.01 21.90
CA ALA E 268 -20.17 12.03 22.74
C ALA E 268 -20.53 13.27 21.93
N GLY E 269 -19.77 13.56 20.87
CA GLY E 269 -20.13 14.66 20.01
C GLY E 269 -21.44 14.42 19.28
N TYR E 270 -21.63 13.22 18.74
CA TYR E 270 -22.91 12.88 18.15
C TYR E 270 -24.02 12.95 19.17
N GLY E 271 -23.78 12.43 20.37
CA GLY E 271 -24.81 12.41 21.39
C GLY E 271 -25.19 13.81 21.84
N SER E 272 -24.20 14.69 21.99
CA SER E 272 -24.49 16.05 22.44
C SER E 272 -25.34 16.80 21.43
N ILE E 273 -25.02 16.66 20.14
CA ILE E 273 -25.81 17.33 19.12
C ILE E 273 -27.21 16.73 19.04
N PHE E 274 -27.29 15.40 19.07
CA PHE E 274 -28.61 14.76 19.00
C PHE E 274 -29.44 15.07 20.22
N ALA E 275 -28.83 15.11 21.40
CA ALA E 275 -29.57 15.49 22.59
C ALA E 275 -29.99 16.95 22.53
N ALA E 276 -29.21 17.79 21.86
CA ALA E 276 -29.60 19.18 21.69
C ALA E 276 -30.84 19.28 20.80
N ILE E 277 -30.91 18.48 19.74
CA ILE E 277 -32.04 18.54 18.83
C ILE E 277 -33.33 18.19 19.56
N LEU E 278 -33.30 17.16 20.41
CA LEU E 278 -34.49 16.78 21.15
C LEU E 278 -34.93 17.90 22.09
N LEU E 279 -33.96 18.55 22.75
CA LEU E 279 -34.32 19.64 23.65
C LEU E 279 -34.84 20.84 22.90
N ILE E 280 -34.27 21.15 21.74
CA ILE E 280 -34.75 22.27 20.94
C ILE E 280 -36.19 22.02 20.50
N ILE E 281 -36.47 20.81 20.03
CA ILE E 281 -37.83 20.48 19.58
C ILE E 281 -38.78 20.43 20.76
N PHE E 282 -38.35 19.83 21.87
CA PHE E 282 -39.22 19.71 23.03
C PHE E 282 -39.51 21.07 23.63
N ALA E 283 -38.53 21.97 23.64
CA ALA E 283 -38.76 23.30 24.19
C ALA E 283 -39.71 24.12 23.35
N HIS E 284 -39.87 23.77 22.08
CA HIS E 284 -40.73 24.53 21.18
C HIS E 284 -42.15 23.99 21.13
N HIS E 285 -42.33 22.69 21.33
CA HIS E 285 -43.63 22.05 21.12
C HIS E 285 -44.31 21.62 22.41
N ARG E 286 -43.77 21.98 23.58
CA ARG E 286 -44.50 21.78 24.83
C ARG E 286 -45.29 23.05 25.10
N GLN E 287 -46.62 22.94 25.09
CA GLN E 287 -47.45 24.12 25.24
C GLN E 287 -47.66 24.43 26.72
N ALA E 288 -46.55 24.46 27.46
CA ALA E 288 -46.50 25.03 28.79
C ALA E 288 -45.43 26.10 28.92
N ASN E 289 -44.42 26.09 28.06
CA ASN E 289 -43.44 27.15 27.89
C ASN E 289 -43.37 27.62 26.44
N GLY E 290 -43.53 26.70 25.48
CA GLY E 290 -43.68 27.04 24.08
C GLY E 290 -42.60 27.92 23.48
N VAL E 291 -42.90 28.50 22.32
CA VAL E 291 -41.98 29.42 21.65
C VAL E 291 -41.97 30.79 22.31
N GLU E 292 -42.86 31.03 23.27
CA GLU E 292 -42.86 32.26 24.04
C GLU E 292 -41.75 32.18 25.09
N ASP E 293 -41.79 33.07 26.07
CA ASP E 293 -40.76 33.09 27.13
C ASP E 293 -40.52 31.70 27.69
N ASP E 294 -39.31 31.17 27.47
CA ASP E 294 -39.01 29.79 27.77
C ASP E 294 -37.62 29.72 28.40
N LEU E 295 -37.58 29.31 29.66
CA LEU E 295 -36.32 29.23 30.40
C LEU E 295 -35.68 27.85 30.34
N LEU E 296 -36.27 26.92 29.61
CA LEU E 296 -35.62 25.63 29.41
C LEU E 296 -34.38 25.77 28.54
N ILE E 297 -34.41 26.67 27.57
CA ILE E 297 -33.23 26.90 26.74
C ILE E 297 -32.14 27.60 27.55
N GLN E 298 -32.51 28.62 28.32
CA GLN E 298 -31.52 29.33 29.13
C GLN E 298 -30.91 28.40 30.17
N ARG E 299 -31.73 27.59 30.83
CA ARG E 299 -31.21 26.60 31.76
C ARG E 299 -30.34 25.57 31.07
N CYS E 300 -30.47 25.44 29.75
CA CYS E 300 -29.68 24.50 28.98
C CYS E 300 -28.37 25.08 28.48
N ARG E 301 -28.20 26.41 28.56
CA ARG E 301 -26.92 26.99 28.20
C ARG E 301 -25.84 26.60 29.19
N LEU E 302 -26.22 26.34 30.44
CA LEU E 302 -25.32 25.96 31.51
C LEU E 302 -25.30 24.47 31.78
N ALA E 303 -26.45 23.81 31.70
CA ALA E 303 -26.52 22.39 32.04
C ALA E 303 -25.88 21.50 30.99
N PHE E 304 -25.68 22.00 29.79
CA PHE E 304 -25.08 21.17 28.75
C PHE E 304 -23.56 21.09 28.89
N PRO E 305 -22.85 22.21 29.07
CA PRO E 305 -21.41 22.09 29.33
C PRO E 305 -21.07 21.32 30.60
N LEU E 306 -21.86 21.48 31.66
CA LEU E 306 -21.56 20.75 32.89
C LEU E 306 -21.83 19.26 32.74
N GLY E 307 -22.97 18.92 32.15
CA GLY E 307 -23.28 17.52 31.95
C GLY E 307 -22.26 16.82 31.06
N PHE E 308 -21.76 17.53 30.06
CA PHE E 308 -20.75 16.96 29.19
C PHE E 308 -19.40 16.85 29.90
N LEU E 309 -19.09 17.83 30.76
CA LEU E 309 -17.86 17.76 31.53
C LEU E 309 -17.86 16.57 32.48
N ALA E 310 -18.99 16.30 33.12
CA ALA E 310 -19.08 15.15 34.00
C ALA E 310 -18.94 13.84 33.23
N ILE E 311 -19.56 13.75 32.06
CA ILE E 311 -19.42 12.55 31.24
C ILE E 311 -17.99 12.37 30.80
N GLY E 312 -17.29 13.46 30.53
CA GLY E 312 -15.88 13.37 30.19
C GLY E 312 -15.04 12.82 31.33
N CYS E 313 -15.49 13.01 32.57
CA CYS E 313 -14.78 12.45 33.71
C CYS E 313 -15.03 10.95 33.85
N VAL E 314 -16.24 10.50 33.53
CA VAL E 314 -16.53 9.06 33.61
C VAL E 314 -15.67 8.30 32.62
N LEU E 315 -15.54 8.80 31.39
CA LEU E 315 -14.64 8.17 30.44
C LEU E 315 -13.18 8.32 30.85
N VAL E 316 -12.85 9.38 31.58
CA VAL E 316 -11.47 9.58 31.98
C VAL E 316 -11.09 8.69 33.17
N ILE E 317 -12.07 8.17 33.91
CA ILE E 317 -11.76 7.20 34.96
C ILE E 317 -11.93 5.76 34.49
N ARG E 318 -12.72 5.52 33.44
CA ARG E 318 -12.84 4.18 32.90
C ARG E 318 -11.51 3.71 32.30
N GLY E 319 -10.82 4.59 31.57
CA GLY E 319 -9.57 4.20 30.96
C GLY E 319 -8.47 3.94 31.97
N ILE E 320 -8.39 4.78 33.01
CA ILE E 320 -7.36 4.62 34.03
C ILE E 320 -7.58 3.34 34.83
N THR E 321 -8.84 3.02 35.11
CA THR E 321 -9.18 1.81 35.85
C THR E 321 -9.19 0.58 34.94
CAD PGW F . -21.46 50.99 10.96
OAE PGW F . -22.29 51.76 10.09
OAF PGW F . -20.08 48.99 10.98
P PGW F . -19.40 52.78 7.72
C01 PGW F . -14.79 51.51 6.98
C1 PGW F . -14.94 51.82 4.12
O01 PGW F . -15.88 52.54 4.89
C02 PGW F . -16.05 52.28 6.33
C2 PGW F . -15.11 50.33 3.71
O02 PGW F . -13.94 52.43 3.77
C03 PGW F . -17.35 51.40 6.54
C3 PGW F . -13.96 49.38 4.23
O03 PGW F . -15.14 50.37 7.84
C04 PGW F . -19.83 50.40 9.01
C4 PGW F . -13.22 48.58 3.12
O04 PGW F . -16.42 50.79 9.63
C05 PGW F . -20.82 49.82 10.10
C5 PGW F . -13.46 47.05 3.17
C06 PGW F . -11.90 40.75 5.13
C6 PGW F . -12.49 46.24 2.26
C07 PGW F . -10.65 40.02 5.68
C7 PGW F . -12.23 44.80 2.75
C08 PGW F . -9.32 40.86 5.59
C8 PGW F . -12.08 44.65 4.30
C09 PGW F . -8.42 40.47 4.38
C9 PGW F . -12.39 43.24 4.84
C10 PGW F . -11.62 42.15 4.61
C11 PGW F . -6.91 40.87 4.52
O11 PGW F . -18.51 52.17 6.38
C12 PGW F . -6.29 41.49 3.22
O12 PGW F . -20.37 51.48 8.29
C13 PGW F . -7.26 42.45 2.46
O13 PGW F . -20.31 53.85 7.19
C14 PGW F . -6.58 43.16 1.27
O14 PGW F . -18.48 53.18 8.84
C15 PGW F . -8.86 45.25 8.63
C16 PGW F . -7.88 44.79 7.49
C17 PGW F . -6.79 43.78 7.96
C18 PGW F . -5.33 44.36 8.02
C19 PGW F . -15.29 50.52 9.22
C20 PGW F . -14.11 50.39 10.23
C21 PGW F . -12.99 51.51 10.08
C22 PGW F . -11.59 51.02 9.54
C23 PGW F . -11.59 50.43 8.07
C24 PGW F . -11.81 48.87 7.99
C25 PGW F . -11.49 48.11 9.32
C26 PGW F . -10.07 47.44 9.38
C27 PGW F . -9.80 46.43 8.23
C28 PGW F . -4.24 43.33 8.47
C29 PGW F . -2.98 41.12 8.03
C30 PGW F . -4.04 42.12 7.50
C1 CDL G . 2.43 22.98 19.81
O1 CDL G . 2.61 22.79 18.56
CA2 CDL G . 2.25 24.35 20.18
OA2 CDL G . 1.03 24.41 19.69
PA1 CDL G . 0.60 25.33 18.33
OA3 CDL G . 1.97 25.51 17.82
OA4 CDL G . -0.34 24.38 17.68
OA5 CDL G . -0.19 26.77 18.77
CA3 CDL G . -1.33 27.25 18.10
CA4 CDL G . -2.19 28.43 18.86
OA6 CDL G . -3.51 27.88 19.00
CA5 CDL G . -4.00 27.67 20.28
OA7 CDL G . -3.43 26.84 20.95
C11 CDL G . -5.21 28.47 20.80
C12 CDL G . -6.61 27.82 20.54
C13 CDL G . -7.76 28.16 21.55
C14 CDL G . -8.34 29.63 21.52
C15 CDL G . -9.60 29.90 22.42
C16 CDL G . -10.16 31.36 22.47
C17 CDL G . -9.65 32.27 23.64
C18 CDL G . -10.53 33.51 24.03
C19 CDL G . -10.54 34.74 23.05
C20 CDL G . -11.52 35.91 23.43
C21 CDL G . -12.95 35.49 23.89
C22 CDL G . -13.79 36.54 24.68
C23 CDL G . -14.96 35.98 25.54
C24 CDL G . -15.71 37.02 26.42
C25 CDL G . -15.05 38.42 26.41
CA6 CDL G . -2.25 29.77 17.88
OA8 CDL G . -3.65 30.11 17.57
CA7 CDL G . -4.30 30.88 18.54
OA9 CDL G . -3.73 31.22 19.56
C31 CDL G . -5.76 31.25 18.23
C32 CDL G . -6.23 32.62 18.83
C33 CDL G . -6.61 33.73 17.79
C34 CDL G . -7.25 35.02 18.39
C35 CDL G . -7.09 36.34 17.55
C36 CDL G . -6.99 37.66 18.39
C37 CDL G . -8.23 38.07 19.26
C38 CDL G . -8.34 39.60 19.59
C39 CDL G . -9.60 40.09 20.37
C40 CDL G . -9.93 41.62 20.30
C41 CDL G . -11.36 42.03 20.80
C42 CDL G . -11.82 43.48 20.44
C43 CDL G . -11.58 44.55 21.54
C44 CDL G . -10.28 45.35 21.36
CB2 CDL G . 3.67 22.82 20.24
OB2 CDL G . 3.97 21.66 19.90
PB2 CDL G . 4.90 20.70 20.95
OB3 CDL G . 5.76 21.84 21.37
OB4 CDL G . 5.36 19.84 19.85
OB5 CDL G . 4.01 20.03 22.13
CB3 CDL G . 4.65 19.53 23.30
CB4 CDL G . 3.85 19.84 24.60
OB6 CDL G . 2.87 18.77 24.83
CB5 CDL G . 2.46 18.41 26.12
OB7 CDL G . 2.73 17.26 26.46
C51 CDL G . 1.68 19.33 27.11
C52 CDL G . 0.12 19.45 26.87
C53 CDL G . -0.39 20.46 25.76
C54 CDL G . -1.79 20.18 25.09
C55 CDL G . -3.04 20.96 25.63
C56 CDL G . -4.41 20.73 24.89
C57 CDL G . -5.59 20.05 25.69
C58 CDL G . -6.96 19.92 24.93
C59 CDL G . -8.26 19.69 25.78
C60 CDL G . -9.61 20.14 25.13
C61 CDL G . -10.29 21.42 25.75
C62 CDL G . -11.22 22.26 24.83
C63 CDL G . -12.55 22.75 25.46
C64 CDL G . -12.64 24.27 25.65
CB6 CDL G . 3.09 21.26 24.38
OB8 CDL G . 3.54 22.31 25.26
CB7 CDL G . 3.52 23.64 24.89
OB9 CDL G . 3.97 23.95 23.81
C71 CDL G . 2.91 24.72 25.83
C72 CDL G . 2.34 24.20 27.20
C73 CDL G . 0.80 24.14 27.35
C74 CDL G . 0.02 25.42 26.94
C75 CDL G . -1.44 25.46 27.38
CAD PGW H . -33.09 36.46 27.53
OAE PGW H . -33.16 37.86 27.29
OAF PGW H . -31.78 34.51 26.93
P PGW H . -29.79 38.64 29.03
C01 PGW H . -25.99 36.14 30.67
C1 PGW H . -24.07 38.15 29.88
O01 PGW H . -25.39 38.59 30.08
C02 PGW H . -26.50 37.61 30.26
C2 PGW H . -23.54 37.50 28.56
O02 PGW H . -23.29 38.29 30.82
C03 PGW H . -27.30 37.51 28.90
C3 PGW H . -22.98 36.05 28.74
O03 PGW H . -26.59 35.05 29.90
C04 PGW H . -30.48 36.50 27.46
C4 PGW H . -21.52 35.85 28.25
O04 PGW H . -28.81 34.81 30.02
C05 PGW H . -31.80 35.92 26.79
C5 PGW H . -21.38 34.93 27.01
C06 PGW H . -20.41 28.91 24.02
C6 PGW H . -19.91 34.51 26.72
C07 PGW H . -19.83 27.54 24.45
C7 PGW H . -19.77 33.14 25.99
C08 PGW H . -19.09 27.53 25.83
C8 PGW H . -20.77 32.04 26.47
C09 PGW H . -17.53 27.59 25.70
C9 PGW H . -21.05 30.95 25.44
C10 PGW H . -20.15 30.01 25.04
C11 PGW H . -16.74 27.08 26.95
O11 PGW H . -28.10 38.64 28.71
C12 PGW H . -15.53 27.99 27.35
O12 PGW H . -30.55 37.89 27.69
C13 PGW H . -15.81 29.51 27.21
O13 PGW H . -30.23 40.08 29.08
C14 PGW H . -14.67 30.39 27.77
O14 PGW H . -30.10 37.80 30.24
C15 PGW H . -21.97 28.35 30.27
C16 PGW H . -20.41 28.29 30.16
C17 PGW H . -19.81 26.84 30.23
C18 PGW H . -19.04 26.52 31.56
C19 PGW H . -27.73 34.38 30.38
C20 PGW H . -27.67 33.13 31.33
C21 PGW H . -27.08 33.45 32.77
C22 PGW H . -25.66 32.81 33.09
C23 PGW H . -24.46 33.32 32.19
C24 PGW H . -24.20 32.45 30.90
C25 PGW H . -24.80 31.00 30.98
C26 PGW H . -23.78 29.88 31.37
C27 PGW H . -22.54 29.79 30.41
C28 PGW H . -18.43 25.08 31.63
C29 PGW H . -16.81 23.34 30.65
C30 PGW H . -17.34 24.78 30.56
CAD PGW I . -30.71 45.83 -11.72
OAE PGW I . -32.13 45.87 -11.87
OAF PGW I . -28.89 44.25 -11.52
P PGW I . -32.17 44.18 -15.34
C01 PGW I . -29.04 41.81 -18.17
C1 PGW I . -31.03 39.96 -19.17
O01 PGW I . -31.51 41.18 -18.67
C02 PGW I . -30.62 42.11 -17.93
C2 PGW I . -30.69 38.71 -18.27
O02 PGW I . -30.87 39.87 -20.37
C03 PGW I . -30.92 41.98 -16.38
C3 PGW I . -29.21 38.23 -18.37
O03 PGW I . -28.23 41.76 -16.96
C04 PGW I . -30.57 43.67 -13.18
C4 PGW I . -29.03 36.75 -18.78
O04 PGW I . -28.15 43.62 -15.71
C05 PGW I . -30.28 44.30 -11.75
C5 PGW I . -28.45 35.84 -17.66
C06 PGW I . -23.34 32.83 -14.37
C6 PGW I . -28.01 34.44 -18.17
C07 PGW I . -21.86 32.48 -14.66
C7 PGW I . -26.86 33.80 -17.33
C08 PGW I . -21.44 32.67 -16.18
C8 PGW I . -25.76 34.80 -16.86
C09 PGW I . -21.42 31.33 -16.98
C9 PGW I . -24.99 34.35 -15.62
C10 PGW I . -24.12 33.29 -15.58
C11 PGW I . -20.54 31.36 -18.28
O11 PGW I . -32.12 42.62 -16.06
C12 PGW I . -21.21 30.68 -19.51
O12 PGW I . -31.86 43.97 -13.67
C13 PGW I . -22.74 30.96 -19.64
O13 PGW I . -33.58 44.69 -15.51
C14 PGW I . -23.35 30.43 -20.94
O14 PGW I . -31.07 45.06 -15.90
C15 PGW I . -21.33 37.63 -18.19
C16 PGW I . -21.17 36.29 -18.99
C17 PGW I . -19.71 35.73 -19.02
C18 PGW I . -19.01 35.83 -20.42
C19 PGW I . -27.56 42.91 -16.50
C20 PGW I . -26.12 43.29 -16.96
C21 PGW I . -25.99 43.67 -18.50
C22 PGW I . -25.19 42.64 -19.40
C23 PGW I . -25.81 41.19 -19.51
C24 PGW I . -25.28 40.16 -18.44
C25 PGW I . -23.92 40.57 -17.79
C26 PGW I . -22.66 39.87 -18.38
C27 PGW I . -22.72 38.32 -18.34
C28 PGW I . -17.55 35.25 -20.46
C29 PGW I . -15.98 33.22 -20.18
C30 PGW I . -17.45 33.72 -20.17
C1 CDL J . 3.03 28.82 -9.39
O1 CDL J . 2.47 27.75 -9.80
CA2 CDL J . 2.52 30.01 -9.96
OA2 CDL J . 1.40 29.97 -9.27
PA1 CDL J . -0.13 29.66 -9.93
OA3 CDL J . 0.36 29.11 -11.21
OA4 CDL J . -0.70 28.78 -8.88
OA5 CDL J . -1.04 31.11 -10.11
CA3 CDL J . -2.40 31.17 -9.77
CA4 CDL J . -3.05 32.69 -9.62
OA6 CDL J . -3.57 32.72 -8.28
CA5 CDL J . -3.02 33.62 -7.39
OA7 CDL J . -1.84 33.44 -7.08
C11 CDL J . -3.84 34.78 -6.82
C12 CDL J . -4.61 34.49 -5.48
C13 CDL J . -4.90 35.69 -4.52
C14 CDL J . -5.96 36.75 -5.01
C15 CDL J . -6.35 37.86 -3.97
C16 CDL J . -7.37 38.96 -4.43
C17 CDL J . -6.74 40.30 -4.98
C18 CDL J . -7.64 41.58 -4.95
C19 CDL J . -8.82 41.67 -6.00
C20 CDL J . -9.76 42.91 -5.88
C21 CDL J . -10.20 43.29 -4.42
C22 CDL J . -10.76 44.75 -4.21
C23 CDL J . -10.73 45.27 -2.73
C24 CDL J . -11.16 46.74 -2.55
C25 CDL J . -11.39 47.49 -3.87
CA6 CDL J . -4.31 32.85 -10.69
OA8 CDL J . -5.55 33.16 -9.97
CA7 CDL J . -5.73 34.50 -9.66
OA9 CDL J . -4.91 35.33 -9.96
C31 CDL J . -7.04 34.85 -8.92
C32 CDL J . -7.61 36.28 -9.21
C33 CDL J . -9.00 36.32 -9.94
C34 CDL J . -9.65 37.74 -10.06
C35 CDL J . -10.66 37.95 -11.25
C36 CDL J . -10.69 39.40 -11.85
C37 CDL J . -11.15 40.57 -10.92
C38 CDL J . -11.74 41.82 -11.66
C39 CDL J . -12.29 42.99 -10.78
C40 CDL J . -13.25 44.01 -11.49
C41 CDL J . -14.07 44.94 -10.54
C42 CDL J . -15.25 45.73 -11.19
C43 CDL J . -14.92 47.17 -11.66
C44 CDL J . -14.57 47.27 -13.15
CB2 CDL J . 4.18 28.74 -10.06
OB2 CDL J . 4.70 27.69 -9.68
PB2 CDL J . 6.38 27.62 -9.45
OB3 CDL J . 6.67 28.48 -10.62
OB4 CDL J . 6.40 26.15 -9.61
OB5 CDL J . 6.84 28.24 -8.01
CB3 CDL J . 8.18 28.63 -7.81
CB4 CDL J . 8.31 29.96 -6.99
OB6 CDL J . 8.31 29.63 -5.56
CB5 CDL J . 8.99 30.42 -4.62
OB7 CDL J . 9.89 29.87 -4.02
C51 CDL J . 8.65 31.93 -4.31
C52 CDL J . 7.44 32.17 -3.31
C53 CDL J . 5.99 32.13 -3.91
C54 CDL J . 4.80 31.77 -2.93
C55 CDL J . 3.95 32.95 -2.32
C56 CDL J . 2.72 32.56 -1.41
C57 CDL J . 2.76 32.97 0.11
C58 CDL J . 1.47 32.62 0.95
C59 CDL J . 1.25 33.38 2.31
C60 CDL J . -0.23 33.50 2.83
C61 CDL J . -0.87 34.93 2.74
C62 CDL J . -2.43 35.00 2.61
C63 CDL J . -3.13 36.08 3.49
C64 CDL J . -3.77 37.23 2.70
CB6 CDL J . 7.03 30.88 -7.36
OB8 CDL J . 7.38 32.10 -8.05
CB7 CDL J . 6.52 32.71 -8.96
OB9 CDL J . 6.02 32.02 -9.82
C71 CDL J . 6.20 34.23 -8.87
C72 CDL J . 6.91 35.00 -7.71
C73 CDL J . 6.03 35.42 -6.49
C74 CDL J . 4.67 36.12 -6.83
C75 CDL J . 3.98 36.80 -5.65
CAD PGW K . -48.09 28.05 -9.09
OAE PGW K . -49.10 28.29 -8.12
OAF PGW K . -46.05 26.77 -9.40
P PGW K . -50.46 24.67 -8.18
C01 PGW K . -49.07 20.37 -9.92
C1 PGW K . -50.10 18.90 -7.67
O01 PGW K . -50.68 20.16 -7.91
C02 PGW K . -50.08 21.10 -8.89
C2 PGW K . -48.77 18.66 -6.89
O02 PGW K . -50.70 17.92 -8.12
C03 PGW K . -49.27 22.21 -8.09
C3 PGW K . -47.65 17.95 -7.70
O03 PGW K . -47.78 21.05 -10.10
C04 PGW K . -47.88 25.56 -8.34
C4 PGW K . -47.10 16.65 -7.07
O04 PGW K . -47.83 23.15 -10.88
C05 PGW K . -47.12 26.95 -8.49
C5 PGW K . -45.63 16.75 -6.58
C06 PGW K . -38.93 16.06 -7.44
C6 PGW K . -45.00 15.37 -6.22
C07 PGW K . -38.00 15.29 -8.41
C7 PGW K . -43.46 15.31 -6.40
C08 PGW K . -38.72 14.22 -9.30
C8 PGW K . -42.92 16.06 -7.65
C09 PGW K . -38.59 12.76 -8.76
C9 PGW K . -41.46 16.49 -7.55
C10 PGW K . -40.39 15.65 -7.54
C11 PGW K . -38.81 11.64 -9.84
O11 PGW K . -50.15 23.12 -7.49
C12 PGW K . -39.69 10.45 -9.33
O12 PGW K . -49.15 25.67 -7.75
C13 PGW K . -40.88 10.88 -8.42
O13 PGW K . -51.71 25.20 -7.51
C14 PGW K . -41.83 9.72 -8.06
O14 PGW K . -50.50 24.60 -9.68
C15 PGW K . -42.16 15.95 -13.03
C16 PGW K . -41.93 14.47 -12.59
C17 PGW K . -40.74 13.75 -13.32
C18 PGW K . -41.18 12.64 -14.34
C19 PGW K . -47.59 21.97 -11.14
C20 PGW K . -47.11 21.58 -12.56
C21 PGW K . -48.15 20.68 -13.37
C22 PGW K . -47.71 19.17 -13.63
C23 PGW K . -47.51 18.29 -12.33
C24 PGW K . -46.05 18.29 -11.75
C25 PGW K . -44.94 18.73 -12.79
C26 PGW K . -44.18 17.55 -13.47
C27 PGW K . -43.47 16.59 -12.47
C28 PGW K . -40.00 11.92 -15.06
C29 PGW K . -37.88 10.46 -14.89
C30 PGW K . -39.05 11.11 -14.13
C1 CDL L . -16.98 11.25 -22.66
O1 CDL L . -17.11 10.38 -21.73
CA2 CDL L . -18.22 11.72 -23.20
OA2 CDL L . -18.51 12.44 -22.13
PA1 CDL L . -19.76 12.09 -21.04
OA3 CDL L . -19.97 10.70 -21.48
OA4 CDL L . -19.08 12.41 -19.76
OA5 CDL L . -21.12 13.11 -21.30
CA3 CDL L . -21.83 13.69 -20.25
CA4 CDL L . -22.85 14.94 -20.64
OA6 CDL L . -22.38 16.04 -19.86
CA5 CDL L . -21.89 17.16 -20.52
OA7 CDL L . -20.88 17.00 -21.16
C11 CDL L . -22.62 18.51 -20.43
C12 CDL L . -22.17 19.45 -19.27
C13 CDL L . -22.34 21.00 -19.49
C14 CDL L . -23.80 21.57 -19.51
C15 CDL L . -23.93 23.14 -19.55
C16 CDL L . -25.38 23.74 -19.63
C17 CDL L . -25.92 24.07 -21.08
C18 CDL L . -27.08 25.12 -21.19
C19 CDL L . -28.51 24.67 -20.73
C20 CDL L . -29.63 25.78 -20.74
C21 CDL L . -29.21 27.18 -20.19
C22 CDL L . -30.10 28.41 -20.59
C23 CDL L . -29.43 29.81 -20.46
C24 CDL L . -30.27 31.00 -20.98
C25 CDL L . -31.56 30.58 -21.68
CA6 CDL L . -24.38 14.53 -20.16
OA8 CDL L . -24.90 15.53 -19.21
CA7 CDL L . -25.45 16.68 -19.79
OA9 CDL L . -25.48 16.82 -21.00
C31 CDL L . -26.00 17.73 -18.80
C32 CDL L . -27.21 18.57 -19.35
C33 CDL L . -28.57 18.38 -18.60
C34 CDL L . -29.71 19.35 -19.02
C35 CDL L . -31.18 18.85 -18.79
C36 CDL L . -32.23 19.35 -19.83
C37 CDL L . -32.51 20.90 -19.91
C38 CDL L . -33.92 21.31 -20.48
C39 CDL L . -34.28 22.83 -20.50
C40 CDL L . -35.80 23.18 -20.64
C41 CDL L . -36.19 24.66 -20.31
C42 CDL L . -37.71 24.95 -20.14
C43 CDL L . -38.44 25.48 -21.39
C44 CDL L . -39.16 24.38 -22.20
CB2 CDL L . -16.62 10.46 -23.66
OB2 CDL L . -15.57 9.93 -23.28
PB2 CDL L . -14.31 9.68 -24.39
OB3 CDL L . -15.24 9.32 -25.49
OB4 CDL L . -13.72 8.61 -23.58
OB5 CDL L . -13.43 11.03 -24.64
CB3 CDL L . -12.61 11.14 -25.79
CB4 CDL L . -12.64 12.56 -26.43
OB6 CDL L . -11.62 13.39 -25.78
CB5 CDL L . -10.98 14.44 -26.47
OB7 CDL L . -9.78 14.32 -26.60
C51 CDL L . -11.70 15.71 -27.02
C52 CDL L . -11.98 16.86 -25.96
C53 CDL L . -13.27 16.73 -25.07
C54 CDL L . -13.28 17.47 -23.68
C55 CDL L . -14.00 18.87 -23.59
C56 CDL L . -14.07 19.54 -22.16
C57 CDL L . -13.31 20.91 -21.94
C58 CDL L . -13.47 21.59 -20.53
C59 CDL L . -13.13 23.11 -20.40
C60 CDL L . -13.84 23.89 -19.22
C61 CDL L . -14.96 24.90 -19.65
C62 CDL L . -16.08 25.20 -18.59
C63 CDL L . -16.50 26.69 -18.46
C64 CDL L . -17.93 27.00 -18.94
CB6 CDL L . -14.12 13.18 -26.18
OB8 CDL L . -14.88 13.39 -27.40
CB7 CDL L . -16.27 13.32 -27.42
OB9 CDL L . -16.78 12.34 -26.91
C71 CDL L . -17.12 14.44 -28.08
C72 CDL L . -16.31 15.62 -28.70
C73 CDL L . -16.34 16.98 -27.91
C74 CDL L . -17.74 17.48 -27.47
C75 CDL L . -17.77 18.94 -26.99
CAD PGW M . -49.58 22.21 15.16
OAE PGW M . -49.77 23.30 16.07
OAF PGW M . -47.85 20.71 14.36
P PGW M . -49.02 21.20 19.24
C01 PGW M . -47.20 16.84 20.26
C1 PGW M . -45.83 17.74 22.63
O01 PGW M . -46.92 18.50 22.21
C02 PGW M . -47.55 18.28 20.88
C2 PGW M . -44.37 17.87 22.06
O02 PGW M . -46.03 16.91 23.51
C03 PGW M . -47.06 19.40 19.89
C3 PGW M . -43.82 16.55 21.41
O03 PGW M . -46.78 16.86 18.85
C04 PGW M . -47.85 21.09 16.76
C4 PGW M . -42.48 16.06 21.99
O04 PGW M . -48.25 17.68 17.37
C05 PGW M . -48.08 21.71 15.32
C5 PGW M . -41.27 16.15 21.01
C06 PGW M . -37.14 13.61 16.28
C6 PGW M . -40.01 15.38 21.51
C07 PGW M . -36.75 12.19 15.76
C7 PGW M . -39.10 14.88 20.36
C08 PGW M . -37.29 11.02 16.65
C8 PGW M . -39.85 14.33 19.11
C09 PGW M . -36.20 10.41 17.60
C9 PGW M . -39.03 14.36 17.82
C10 PGW M . -37.95 13.58 17.55
C11 PGW M . -36.48 8.96 18.10
O11 PGW M . -47.69 20.62 20.16
C12 PGW M . -36.19 8.75 19.62
O12 PGW M . -48.36 21.89 17.81
C13 PGW M . -36.61 9.95 20.52
O13 PGW M . -49.66 22.30 20.04
C14 PGW M . -36.47 9.65 22.03
O14 PGW M . -49.92 20.05 18.82
C15 PGW M . -42.57 10.18 16.91
C16 PGW M . -41.47 9.48 17.78
C17 PGW M . -40.82 8.23 17.11
C18 PGW M . -41.21 6.85 17.78
C19 PGW M . -47.72 16.66 17.82
C20 PGW M . -48.09 15.27 17.27
C21 PGW M . -48.83 14.32 18.30
C22 PGW M . -48.01 13.05 18.81
C23 PGW M . -46.69 13.39 19.61
C24 PGW M . -45.39 13.48 18.73
C25 PGW M . -45.51 12.77 17.33
C26 PGW M . -44.88 11.34 17.26
C27 PGW M . -43.37 11.29 17.65
C28 PGW M . -40.54 5.60 17.12
C29 PGW M . -38.40 4.31 16.51
C30 PGW M . -38.99 5.55 17.23
C1 CDL N . -29.92 -5.42 -1.68
O1 CDL N . -29.04 -5.29 -0.77
CA2 CDL N . -31.27 -5.23 -1.23
OA2 CDL N . -31.14 -3.93 -1.13
PA1 CDL N . -31.13 -3.08 0.34
OA3 CDL N . -30.88 -4.27 1.20
OA4 CDL N . -30.06 -2.09 0.07
OA5 CDL N . -32.64 -2.32 0.64
CA3 CDL N . -32.72 -1.01 1.14
CA4 CDL N . -34.20 -0.26 1.01
OA6 CDL N . -33.93 0.92 0.25
CA5 CDL N . -34.53 1.05 -0.99
OA7 CDL N . -34.19 0.27 -1.85
C11 CDL N . -35.57 2.15 -1.25
C12 CDL N . -35.01 3.52 -1.78
C13 CDL N . -35.95 4.40 -2.67
C14 CDL N . -37.18 5.09 -1.95
C15 CDL N . -38.01 6.10 -2.82
C16 CDL N . -39.28 6.75 -2.15
C17 CDL N . -40.65 6.03 -2.42
C18 CDL N . -41.96 6.89 -2.24
C19 CDL N . -42.40 7.26 -0.78
C20 CDL N . -43.64 8.20 -0.64
C21 CDL N . -43.68 9.43 -1.61
C22 CDL N . -45.06 10.13 -1.84
C23 CDL N . -45.19 10.98 -3.14
C24 CDL N . -46.60 11.58 -3.41
C25 CDL N . -47.68 11.06 -2.44
CA6 CDL N . -34.72 0.16 2.51
OA8 CDL N . -34.93 1.61 2.60
CA7 CDL N . -36.17 2.06 2.13
OA9 CDL N . -36.99 1.28 1.67
C31 CDL N . -36.42 3.57 2.20
C32 CDL N . -37.92 3.99 2.39
C33 CDL N . -38.25 4.71 3.75
C34 CDL N . -39.70 5.28 3.86
C35 CDL N . -40.28 5.46 5.31
C36 CDL N . -41.82 5.27 5.43
C37 CDL N . -42.76 6.26 4.67
C38 CDL N . -44.20 6.43 5.27
C39 CDL N . -45.15 7.48 4.61
C40 CDL N . -46.39 7.94 5.46
C41 CDL N . -47.12 9.22 4.95
C42 CDL N . -48.14 9.89 5.93
C43 CDL N . -49.62 9.47 5.75
C44 CDL N . -50.07 8.33 6.68
CB2 CDL N . -29.94 -6.74 -1.78
OB2 CDL N . -28.79 -7.04 -2.11
PB2 CDL N . -28.53 -8.29 -3.24
OB3 CDL N . -29.63 -9.12 -2.70
OB4 CDL N . -27.16 -8.52 -2.76
OB5 CDL N . -28.72 -7.79 -4.78
CB3 CDL N . -28.94 -8.73 -5.80
CB4 CDL N . -30.01 -8.27 -6.86
OB6 CDL N . -29.34 -7.48 -7.89
CB5 CDL N . -29.80 -7.44 -9.21
OB7 CDL N . -29.05 -7.87 -10.06
C51 CDL N . -31.20 -6.86 -9.64
C52 CDL N . -31.27 -5.27 -9.79
C53 CDL N . -31.51 -4.43 -8.48
C54 CDL N . -31.00 -2.93 -8.47
C55 CDL N . -32.06 -1.80 -8.76
C56 CDL N . -31.55 -0.30 -8.67
C57 CDL N . -31.55 0.56 -9.98
C58 CDL N . -31.11 2.07 -9.81
C59 CDL N . -31.51 3.09 -10.94
C60 CDL N . -31.61 4.60 -10.53
C61 CDL N . -33.06 5.21 -10.45
C62 CDL N . -33.29 6.41 -9.48
C63 CDL N . -34.16 7.57 -10.03
C64 CDL N . -35.52 7.74 -9.33
CB6 CDL N . -31.09 -7.36 -6.07
OB8 CDL N . -32.42 -7.93 -6.03
CB7 CDL N . -33.30 -7.70 -4.99
OB9 CDL N . -32.88 -7.84 -3.85
C71 CDL N . -34.76 -7.26 -5.25
C72 CDL N . -35.16 -7.11 -6.76
C73 CDL N . -35.32 -5.66 -7.31
C74 CDL N . -36.20 -4.71 -6.45
C75 CDL N . -36.60 -3.39 -7.15
C1 CDL O . -17.92 1.90 24.58
O1 CDL O . -16.85 2.45 24.16
CA2 CDL O . -18.61 2.64 25.59
OA2 CDL O . -19.06 3.54 24.75
PA1 CDL O . -18.54 5.16 24.69
OA3 CDL O . -17.32 4.97 25.50
OA4 CDL O . -18.47 5.36 23.22
OA5 CDL O . -19.69 6.20 25.42
CA3 CDL O . -20.04 7.43 24.85
CA4 CDL O . -21.42 8.15 25.42
OA6 CDL O . -22.25 8.30 24.27
CA5 CDL O . -23.46 7.62 24.24
OA7 CDL O . -23.39 6.41 24.20
C11 CDL O . -24.79 8.38 24.24
C12 CDL O . -25.38 8.76 22.84
C13 CDL O . -26.94 8.89 22.72
C14 CDL O . -27.61 10.13 23.42
C15 CDL O . -29.14 10.35 23.14
C16 CDL O . -29.85 11.54 23.88
C17 CDL O . -30.58 11.18 25.23
C18 CDL O . -31.71 12.15 25.72
C19 CDL O . -31.27 13.55 26.29
C20 CDL O . -32.43 14.54 26.67
C21 CDL O . -33.60 14.64 25.63
C22 CDL O . -34.97 15.24 26.15
C23 CDL O . -36.23 14.88 25.31
C24 CDL O . -37.57 15.37 25.89
C25 CDL O . -37.44 15.99 27.30
CA6 CDL O . -21.04 9.64 26.04
OA8 CDL O . -21.80 10.69 25.34
CA7 CDL O . -23.09 10.90 25.81
OA9 CDL O . -23.53 10.25 26.75
C31 CDL O . -23.90 12.00 25.10
C32 CDL O . -24.93 12.75 26.00
C33 CDL O . -24.66 14.27 26.24
C34 CDL O . -25.80 15.04 26.98
C35 CDL O . -25.38 16.34 27.77
C36 CDL O . -26.21 16.65 29.05
C37 CDL O . -27.73 16.96 28.89
C38 CDL O . -28.38 17.81 30.03
C39 CDL O . -29.87 18.23 29.87
C40 CDL O . -30.37 19.42 30.76
C41 CDL O . -31.75 20.05 30.35
C42 CDL O . -32.11 21.42 31.01
C43 CDL O . -32.99 21.34 32.29
C44 CDL O . -32.19 21.38 33.60
CB2 CDL O . -17.38 0.97 25.37
OB2 CDL O . -16.70 0.28 24.60
PB2 CDL O . -16.65 -1.42 24.81
OB3 CDL O . -16.64 -1.32 26.29
OB4 CDL O . -15.35 -1.52 24.10
OB5 CDL O . -17.94 -2.16 24.16
CB3 CDL O . -18.27 -3.47 24.56
CB4 CDL O . -19.81 -3.71 24.72
OB6 CDL O . -20.37 -4.09 23.43
CB5 CDL O . -21.49 -4.92 23.32
OB7 CDL O . -21.32 -5.98 22.78
C51 CDL O . -22.92 -4.54 23.85
C52 CDL O . -23.78 -3.61 22.90
C53 CDL O . -23.53 -2.05 22.97
C54 CDL O . -23.89 -1.18 21.71
C55 CDL O . -25.27 -0.42 21.68
C56 CDL O . -25.57 0.50 20.44
C57 CDL O . -26.77 0.11 19.50
C58 CDL O . -27.08 1.11 18.32
C59 CDL O . -28.49 1.04 17.63
C60 CDL O . -29.00 2.34 16.93
C61 CDL O . -30.16 3.11 17.65
C62 CDL O . -30.27 4.65 17.38
C63 CDL O . -31.70 5.20 17.14
C64 CDL O . -32.24 6.11 18.26
CB6 CDL O . -20.45 -2.29 25.21
OB8 CDL O . -21.02 -2.34 26.54
CB7 CDL O . -21.07 -1.24 27.38
OB9 CDL O . -20.04 -0.60 27.52
C71 CDL O . -22.38 -0.82 28.09
C72 CDL O . -23.62 -1.73 27.82
C73 CDL O . -24.73 -1.15 26.87
C74 CDL O . -25.21 0.29 27.21
C75 CDL O . -26.50 0.72 26.49
#